data_8R7H
#
_entry.id   8R7H
#
_cell.length_a   1.00
_cell.length_b   1.00
_cell.length_c   1.00
_cell.angle_alpha   90.00
_cell.angle_beta   90.00
_cell.angle_gamma   90.00
#
_symmetry.space_group_name_H-M   'P 1'
#
loop_
_entity.id
_entity.type
_entity.pdbx_description
1 polymer 'Serine hydroxymethyltransferase, cytosolic'
2 polymer 'Serine hydroxymethyltransferase, cytosolic'
#
loop_
_entity_poly.entity_id
_entity_poly.type
_entity_poly.pdbx_seq_one_letter_code
_entity_poly.pdbx_strand_id
1 'polypeptide(L)'
;GSHMTMPVNGAHKDADLWSSHDKMLAQPLKDSDVEVYNIIKKESNRQRVGLELIASENFASRAVLEALGSCLNNKYSEGY
PGQRYYGGTEFIDELETLCQKRALQAYKLDPQCWGVNVQPYSGSPANFAVYTALVEPHGRIMGLDLPDGGHLTHGFMTDK
KKISATSIFFESMPYKVNPDTGYINYDQLEENARLFHPKLIIAGTSCYSRNLEYARLRKIADENGAYLMADMAHISGLVA
AGVVPSPFEHCHVVTTTTH(LLP)TLRGCRAGMIFYRKGVKSVDPKTGKEILYNLESLINSAVFPGLQGGPHNHAIAGVA
VALKQAMTLEFKVYQHQVVANCRALSEALTELGYKIVTGGSDNHLILVDLRSKGTDGGRAEKVLEACSIACNKNTCPGDR
SALRPSGLRLGTPALTSRGLLEKDFQKVAHFIHRGIELTLQIQSDTGVRATLKEFKERLAGDKYQAAVQALREEVESFAS
LFPLPGLPDF
;
A,D
2 'polypeptide(L)'
;GSHMTMPVNGAHKDADLWSSHDKMLAQPLKDSDVEVYNIIKKESNRQRVGLELIASENFASRAVLEALGSCLNNKYSEGY
PGQRYYGGTEFIDELETLCQKRALQAYKLDPQCWGVNVQPYSGSPANFAVYTALVEPHGRIMGLDLPDGGHLTHGFMTDK
KKISATSIFFESMPYKVNPDTGYINYDQLEENARLFHPKLIIAGTSCYSRNLEYARLRKIADENGAYLMADMAHISGLVA
AGVVPSPFEHCHVVTTTTHKTLRGCRAGMIFYRKGVKSVDPKTGKEILYNLESLINSAVFPGLQGGPHNHAIAGVAVALK
QAMTLEFKVYQHQVVANCRALSEALTELGYKIVTGGSDNHLILVDLRSKGTDGGRAEKVLEACSIACNKNTCPGDRSALR
PSGLRLGTPALTSRGLLEKDFQKVAHFIHRGIELTLQIQSDTGVRATLKEFKERLAGDKYQAAVQALREEVESFASLFPL
PGLPDF
;
B,C
#
# COMPACT_ATOMS: atom_id res chain seq x y z
N SER A 19 22.78 54.36 5.44
CA SER A 19 22.68 54.88 4.09
C SER A 19 21.36 54.49 3.45
N SER A 20 21.43 53.61 2.44
CA SER A 20 20.24 53.16 1.74
C SER A 20 19.56 51.98 2.42
N HIS A 21 20.13 51.43 3.49
CA HIS A 21 19.52 50.30 4.17
C HIS A 21 18.27 50.73 4.93
N ASP A 22 18.24 51.95 5.46
CA ASP A 22 17.05 52.44 6.14
C ASP A 22 15.90 52.65 5.17
N LYS A 23 16.20 53.17 3.98
CA LYS A 23 15.16 53.39 2.98
C LYS A 23 14.74 52.11 2.29
N MET A 24 15.62 51.10 2.25
CA MET A 24 15.27 49.84 1.58
C MET A 24 14.12 49.15 2.29
N LEU A 25 14.07 49.24 3.61
CA LEU A 25 13.00 48.63 4.41
C LEU A 25 11.85 49.60 4.67
N ALA A 26 11.86 50.77 4.05
CA ALA A 26 10.80 51.75 4.25
C ALA A 26 10.32 52.40 2.96
N GLN A 27 10.90 52.07 1.82
CA GLN A 27 10.47 52.68 0.56
C GLN A 27 9.12 52.11 0.14
N PRO A 28 8.18 52.94 -0.28
CA PRO A 28 6.88 52.42 -0.73
C PRO A 28 7.02 51.55 -1.96
N LEU A 29 6.01 50.68 -2.15
CA LEU A 29 6.02 49.79 -3.30
C LEU A 29 5.94 50.55 -4.62
N LYS A 30 5.26 51.70 -4.62
CA LYS A 30 5.17 52.49 -5.84
C LYS A 30 6.54 52.99 -6.30
N ASP A 31 7.42 53.31 -5.34
CA ASP A 31 8.76 53.76 -5.67
C ASP A 31 9.76 52.61 -5.76
N SER A 32 9.52 51.53 -5.03
CA SER A 32 10.44 50.39 -5.07
C SER A 32 10.30 49.61 -6.37
N ASP A 33 9.10 49.09 -6.64
CA ASP A 33 8.83 48.29 -7.83
C ASP A 33 7.64 48.89 -8.56
N VAL A 34 7.90 49.54 -9.69
CA VAL A 34 6.82 50.14 -10.47
C VAL A 34 6.08 49.11 -11.31
N GLU A 35 6.71 47.99 -11.64
CA GLU A 35 6.05 46.98 -12.47
C GLU A 35 4.89 46.34 -11.74
N VAL A 36 5.12 45.84 -10.53
CA VAL A 36 4.04 45.22 -9.76
C VAL A 36 2.98 46.26 -9.37
N TYR A 37 3.40 47.51 -9.18
CA TYR A 37 2.44 48.57 -8.88
C TYR A 37 1.50 48.81 -10.05
N ASN A 38 2.06 48.90 -11.26
CA ASN A 38 1.22 49.06 -12.45
C ASN A 38 0.35 47.84 -12.67
N ILE A 39 0.87 46.65 -12.37
CA ILE A 39 0.08 45.43 -12.53
C ILE A 39 -1.12 45.45 -11.59
N ILE A 40 -0.90 45.83 -10.32
CA ILE A 40 -1.99 45.89 -9.36
C ILE A 40 -3.00 46.96 -9.76
N LYS A 41 -2.50 48.11 -10.25
CA LYS A 41 -3.42 49.17 -10.67
C LYS A 41 -4.27 48.72 -11.86
N LYS A 42 -3.68 48.04 -12.83
CA LYS A 42 -4.43 47.55 -13.97
C LYS A 42 -5.44 46.49 -13.54
N GLU A 43 -5.05 45.61 -12.61
CA GLU A 43 -5.98 44.60 -12.13
C GLU A 43 -7.17 45.23 -11.42
N SER A 44 -6.91 46.26 -10.59
CA SER A 44 -8.00 46.95 -9.91
C SER A 44 -8.90 47.66 -10.91
N ASN A 45 -8.32 48.30 -11.92
CA ASN A 45 -9.11 48.98 -12.93
C ASN A 45 -9.97 47.99 -13.71
N ARG A 46 -9.43 46.79 -13.99
CA ARG A 46 -10.21 45.77 -14.67
C ARG A 46 -11.35 45.26 -13.80
N GLN A 47 -11.07 44.99 -12.52
CA GLN A 47 -12.09 44.49 -11.61
C GLN A 47 -13.14 45.53 -11.29
N ARG A 48 -12.83 46.82 -11.45
CA ARG A 48 -13.81 47.85 -11.14
C ARG A 48 -14.87 47.96 -12.22
N VAL A 49 -14.48 47.86 -13.49
CA VAL A 49 -15.40 48.01 -14.61
C VAL A 49 -15.88 46.67 -15.14
N GLY A 50 -15.70 45.59 -14.39
CA GLY A 50 -16.10 44.27 -14.84
C GLY A 50 -17.34 43.73 -14.15
N LEU A 51 -18.02 42.79 -14.79
CA LEU A 51 -19.20 42.14 -14.24
C LEU A 51 -18.81 40.74 -13.79
N GLU A 52 -18.66 40.55 -12.47
CA GLU A 52 -18.26 39.27 -11.91
C GLU A 52 -19.50 38.46 -11.56
N LEU A 53 -19.67 37.32 -12.22
CA LEU A 53 -20.80 36.42 -11.96
C LEU A 53 -20.35 35.07 -11.43
N ILE A 54 -19.11 34.93 -11.00
CA ILE A 54 -18.61 33.67 -10.44
C ILE A 54 -19.17 33.49 -9.04
N ALA A 55 -19.64 32.27 -8.74
CA ALA A 55 -20.19 31.99 -7.43
C ALA A 55 -19.14 32.12 -6.34
N SER A 56 -17.97 31.51 -6.55
CA SER A 56 -16.87 31.58 -5.59
C SER A 56 -16.02 32.81 -5.89
N GLU A 57 -16.65 33.98 -5.74
CA GLU A 57 -16.02 35.27 -6.02
C GLU A 57 -16.67 36.33 -5.14
N ASN A 58 -15.84 37.13 -4.49
CA ASN A 58 -16.33 38.19 -3.62
C ASN A 58 -15.21 39.19 -3.38
N PHE A 59 -15.51 40.24 -2.63
CA PHE A 59 -14.56 41.30 -2.32
C PHE A 59 -14.41 41.42 -0.81
N ALA A 60 -13.19 41.25 -0.31
CA ALA A 60 -12.95 41.36 1.12
C ALA A 60 -13.01 42.81 1.58
N SER A 61 -13.31 42.99 2.86
CA SER A 61 -13.42 44.32 3.42
C SER A 61 -12.03 44.91 3.67
N ARG A 62 -12.02 46.21 3.98
CA ARG A 62 -10.75 46.90 4.24
C ARG A 62 -10.13 46.46 5.56
N ALA A 63 -10.96 46.08 6.54
CA ALA A 63 -10.43 45.66 7.83
C ALA A 63 -9.58 44.41 7.70
N VAL A 64 -10.05 43.43 6.92
CA VAL A 64 -9.28 42.20 6.73
C VAL A 64 -7.97 42.48 6.00
N LEU A 65 -8.02 43.36 4.99
CA LEU A 65 -6.80 43.70 4.25
C LEU A 65 -5.80 44.42 5.14
N GLU A 66 -6.28 45.26 6.06
CA GLU A 66 -5.37 45.94 6.99
C GLU A 66 -4.82 44.97 8.03
N ALA A 67 -5.63 44.01 8.46
CA ALA A 67 -5.16 43.04 9.44
C ALA A 67 -4.16 42.05 8.85
N LEU A 68 -4.28 41.76 7.54
CA LEU A 68 -3.34 40.85 6.91
C LEU A 68 -1.95 41.48 6.78
N GLY A 69 -1.89 42.79 6.54
CA GLY A 69 -0.63 43.47 6.38
C GLY A 69 -0.04 43.99 7.67
N SER A 70 -0.30 43.30 8.78
CA SER A 70 0.21 43.69 10.08
C SER A 70 1.56 43.03 10.33
N CYS A 71 2.11 43.24 11.53
CA CYS A 71 3.40 42.68 11.91
C CYS A 71 3.32 41.21 12.30
N LEU A 72 2.11 40.64 12.37
CA LEU A 72 1.96 39.24 12.74
C LEU A 72 2.61 38.30 11.74
N ASN A 73 2.94 38.78 10.54
CA ASN A 73 3.67 37.97 9.58
C ASN A 73 5.09 37.67 10.03
N ASN A 74 5.62 38.44 10.98
CA ASN A 74 6.98 38.23 11.45
C ASN A 74 7.09 37.22 12.57
N LYS A 75 6.08 37.14 13.45
CA LYS A 75 6.13 36.27 14.60
C LYS A 75 5.88 34.81 14.20
N TYR A 76 6.69 33.92 14.73
CA TYR A 76 6.53 32.48 14.53
C TYR A 76 5.79 31.89 15.71
N SER A 77 4.70 31.18 15.44
CA SER A 77 3.79 30.69 16.47
C SER A 77 3.51 29.20 16.28
N GLU A 78 4.56 28.41 16.08
CA GLU A 78 4.40 26.97 15.96
C GLU A 78 3.91 26.38 17.28
N GLY A 79 3.01 25.42 17.19
CA GLY A 79 2.45 24.77 18.35
C GLY A 79 1.01 25.18 18.60
N TYR A 80 0.50 24.77 19.75
CA TYR A 80 -0.86 25.03 20.19
C TYR A 80 -0.85 25.82 21.49
N PRO A 81 -1.93 26.55 21.79
CA PRO A 81 -2.00 27.28 23.06
C PRO A 81 -1.87 26.34 24.24
N GLY A 82 -0.99 26.68 25.18
CA GLY A 82 -0.68 25.84 26.31
C GLY A 82 0.37 24.78 26.05
N GLN A 83 0.69 24.50 24.79
CA GLN A 83 1.72 23.53 24.43
C GLN A 83 2.69 24.11 23.42
N ARG A 84 2.98 25.41 23.55
CA ARG A 84 3.87 26.07 22.61
C ARG A 84 5.31 25.59 22.80
N TYR A 85 6.12 25.81 21.77
CA TYR A 85 7.53 25.44 21.79
C TYR A 85 8.46 26.61 22.11
N TYR A 86 8.07 27.83 21.72
CA TYR A 86 8.87 29.02 21.98
C TYR A 86 8.22 29.86 23.06
N GLY A 87 8.91 30.94 23.45
CA GLY A 87 8.42 31.84 24.47
C GLY A 87 7.85 33.12 23.88
N GLY A 88 7.10 33.83 24.73
CA GLY A 88 6.49 35.09 24.32
C GLY A 88 5.39 34.93 23.31
N THR A 89 4.42 34.06 23.61
CA THR A 89 3.29 33.79 22.72
C THR A 89 1.96 34.13 23.38
N GLU A 90 1.98 35.10 24.31
CA GLU A 90 0.76 35.47 25.02
C GLU A 90 -0.24 36.14 24.07
N PHE A 91 0.22 37.12 23.29
CA PHE A 91 -0.69 37.83 22.41
C PHE A 91 -1.24 36.94 21.31
N ILE A 92 -0.41 36.06 20.76
CA ILE A 92 -0.87 35.16 19.71
C ILE A 92 -1.88 34.16 20.26
N ASP A 93 -1.63 33.66 21.47
CA ASP A 93 -2.57 32.73 22.10
C ASP A 93 -3.90 33.42 22.39
N GLU A 94 -3.85 34.67 22.87
CA GLU A 94 -5.08 35.41 23.12
C GLU A 94 -5.85 35.66 21.82
N LEU A 95 -5.12 36.00 20.75
CA LEU A 95 -5.78 36.25 19.47
C LEU A 95 -6.43 34.98 18.93
N GLU A 96 -5.73 33.84 19.01
CA GLU A 96 -6.30 32.59 18.53
C GLU A 96 -7.48 32.14 19.39
N THR A 97 -7.42 32.38 20.71
CA THR A 97 -8.55 32.06 21.56
C THR A 97 -9.76 32.93 21.21
N LEU A 98 -9.54 34.22 20.97
CA LEU A 98 -10.64 35.09 20.54
C LEU A 98 -11.21 34.63 19.21
N CYS A 99 -10.34 34.21 18.28
CA CYS A 99 -10.80 33.76 16.97
C CYS A 99 -11.64 32.50 17.10
N GLN A 100 -11.18 31.53 17.90
CA GLN A 100 -11.94 30.29 18.05
C GLN A 100 -13.25 30.53 18.81
N LYS A 101 -13.26 31.47 19.76
CA LYS A 101 -14.50 31.80 20.44
C LYS A 101 -15.50 32.45 19.49
N ARG A 102 -15.03 33.36 18.64
CA ARG A 102 -15.91 33.97 17.65
C ARG A 102 -16.41 32.93 16.65
N ALA A 103 -15.57 31.96 16.30
CA ALA A 103 -15.99 30.90 15.39
C ALA A 103 -17.06 30.02 16.03
N LEU A 104 -16.90 29.70 17.32
CA LEU A 104 -17.90 28.90 18.00
C LEU A 104 -19.20 29.66 18.20
N GLN A 105 -19.13 30.98 18.43
CA GLN A 105 -20.34 31.77 18.66
C GLN A 105 -21.03 32.15 17.36
N ALA A 106 -20.32 32.14 16.24
CA ALA A 106 -20.93 32.55 14.98
C ALA A 106 -21.94 31.53 14.48
N TYR A 107 -21.81 30.27 14.88
CA TYR A 107 -22.71 29.22 14.46
C TYR A 107 -23.63 28.74 15.58
N LYS A 108 -23.59 29.41 16.74
CA LYS A 108 -24.44 29.06 17.89
C LYS A 108 -24.21 27.60 18.31
N LEU A 109 -22.96 27.25 18.55
CA LEU A 109 -22.58 25.91 18.94
C LEU A 109 -22.12 25.89 20.40
N ASP A 110 -22.43 24.80 21.09
CA ASP A 110 -22.02 24.64 22.48
C ASP A 110 -20.52 24.36 22.54
N PRO A 111 -19.72 25.18 23.22
CA PRO A 111 -18.27 24.89 23.28
C PRO A 111 -17.94 23.56 23.94
N GLN A 112 -18.80 23.06 24.81
CA GLN A 112 -18.54 21.77 25.46
C GLN A 112 -18.79 20.60 24.51
N CYS A 113 -19.49 20.82 23.39
CA CYS A 113 -19.79 19.76 22.45
C CYS A 113 -19.13 19.94 21.09
N TRP A 114 -18.61 21.12 20.79
CA TRP A 114 -17.99 21.40 19.49
C TRP A 114 -16.63 22.04 19.69
N GLY A 115 -15.68 21.63 18.87
CA GLY A 115 -14.36 22.23 18.86
C GLY A 115 -14.01 22.71 17.46
N VAL A 116 -13.27 23.81 17.39
CA VAL A 116 -12.95 24.46 16.13
C VAL A 116 -11.42 24.57 16.00
N ASN A 117 -10.93 24.33 14.78
CA ASN A 117 -9.52 24.47 14.46
C ASN A 117 -9.39 25.33 13.21
N VAL A 118 -8.51 26.34 13.27
CA VAL A 118 -8.30 27.27 12.18
C VAL A 118 -6.87 27.26 11.67
N GLN A 119 -6.09 26.26 12.05
CA GLN A 119 -4.68 26.15 11.65
C GLN A 119 -4.49 25.76 10.18
N PRO A 120 -5.33 24.90 9.59
CA PRO A 120 -5.17 24.61 8.15
C PRO A 120 -5.13 25.88 7.30
N TYR A 121 -4.30 25.83 6.26
CA TYR A 121 -4.07 27.02 5.44
C TYR A 121 -5.26 27.34 4.55
N SER A 122 -5.95 26.32 4.03
CA SER A 122 -7.06 26.53 3.13
C SER A 122 -8.01 25.35 3.24
N GLY A 123 -8.94 25.26 2.28
CA GLY A 123 -9.94 24.19 2.33
C GLY A 123 -9.34 22.82 2.01
N SER A 124 -8.51 22.75 0.98
CA SER A 124 -7.88 21.49 0.58
C SER A 124 -6.89 20.97 1.63
N PRO A 125 -6.06 21.82 2.25
CA PRO A 125 -5.25 21.31 3.37
C PRO A 125 -6.09 20.79 4.53
N ALA A 126 -7.20 21.46 4.85
CA ALA A 126 -8.06 20.98 5.91
C ALA A 126 -8.69 19.64 5.55
N ASN A 127 -9.11 19.48 4.29
CA ASN A 127 -9.66 18.21 3.84
C ASN A 127 -8.62 17.10 3.92
N PHE A 128 -7.39 17.38 3.49
CA PHE A 128 -6.33 16.37 3.54
C PHE A 128 -5.99 16.01 4.99
N ALA A 129 -6.04 17.00 5.89
CA ALA A 129 -5.78 16.72 7.30
C ALA A 129 -6.86 15.85 7.89
N VAL A 130 -8.13 16.15 7.62
CA VAL A 130 -9.22 15.30 8.09
C VAL A 130 -9.09 13.89 7.51
N TYR A 131 -8.65 13.80 6.25
CA TYR A 131 -8.46 12.49 5.62
C TYR A 131 -7.40 11.68 6.35
N THR A 132 -6.20 12.24 6.49
CA THR A 132 -5.13 11.51 7.17
C THR A 132 -5.42 11.31 8.65
N ALA A 133 -6.37 12.04 9.22
CA ALA A 133 -6.72 11.83 10.62
C ALA A 133 -7.72 10.71 10.80
N LEU A 134 -8.78 10.67 9.98
CA LEU A 134 -9.89 9.76 10.22
C LEU A 134 -9.95 8.56 9.27
N VAL A 135 -9.52 8.72 8.02
CA VAL A 135 -9.70 7.65 7.04
C VAL A 135 -8.72 6.49 7.25
N GLU A 136 -7.61 6.72 7.96
CA GLU A 136 -6.57 5.69 8.09
C GLU A 136 -6.11 5.25 6.70
N PRO A 137 -5.27 6.07 6.03
CA PRO A 137 -5.01 5.91 4.58
C PRO A 137 -4.88 4.47 4.08
N HIS A 138 -5.35 4.26 2.85
CA HIS A 138 -5.67 3.00 2.19
C HIS A 138 -7.04 2.51 2.63
N GLY A 139 -7.82 3.34 3.32
CA GLY A 139 -9.20 3.04 3.62
C GLY A 139 -10.11 3.31 2.44
N ARG A 140 -11.40 3.37 2.72
CA ARG A 140 -12.42 3.57 1.70
C ARG A 140 -13.19 4.85 1.96
N ILE A 141 -13.41 5.64 0.91
CA ILE A 141 -14.11 6.91 0.97
C ILE A 141 -15.21 6.92 -0.09
N MET A 142 -16.34 7.54 0.24
CA MET A 142 -17.43 7.72 -0.71
C MET A 142 -17.85 9.18 -0.68
N GLY A 143 -17.64 9.88 -1.80
CA GLY A 143 -18.00 11.28 -1.90
C GLY A 143 -18.78 11.56 -3.17
N LEU A 144 -19.05 12.84 -3.40
CA LEU A 144 -19.79 13.27 -4.57
C LEU A 144 -18.91 13.24 -5.81
N ASP A 145 -19.50 12.84 -6.92
CA ASP A 145 -18.76 12.77 -8.18
C ASP A 145 -18.44 14.18 -8.67
N LEU A 146 -17.31 14.30 -9.38
CA LEU A 146 -16.85 15.63 -9.79
C LEU A 146 -17.76 16.29 -10.81
N PRO A 147 -18.14 15.64 -11.93
CA PRO A 147 -19.05 16.31 -12.88
C PRO A 147 -20.47 16.50 -12.34
N ASP A 148 -20.80 15.93 -11.18
CA ASP A 148 -22.12 16.07 -10.60
C ASP A 148 -22.18 17.17 -9.54
N GLY A 149 -21.22 18.08 -9.54
CA GLY A 149 -21.15 19.12 -8.55
C GLY A 149 -20.18 18.89 -7.41
N GLY A 150 -19.29 17.91 -7.54
CA GLY A 150 -18.32 17.62 -6.49
C GLY A 150 -17.05 18.43 -6.65
N HIS A 151 -16.12 18.20 -5.73
CA HIS A 151 -14.84 18.87 -5.72
C HIS A 151 -13.72 17.86 -5.93
N LEU A 152 -12.53 18.38 -6.24
CA LEU A 152 -11.38 17.50 -6.47
C LEU A 152 -10.97 16.76 -5.21
N THR A 153 -11.13 17.39 -4.04
CA THR A 153 -10.78 16.74 -2.79
C THR A 153 -11.79 15.68 -2.35
N HIS A 154 -12.97 15.63 -2.98
CA HIS A 154 -13.99 14.65 -2.63
C HIS A 154 -13.78 13.31 -3.32
N GLY A 155 -12.68 13.14 -4.05
CA GLY A 155 -12.42 11.89 -4.73
C GLY A 155 -12.71 11.95 -6.22
N PHE A 156 -11.68 11.76 -7.03
CA PHE A 156 -11.82 11.80 -8.49
C PHE A 156 -10.71 10.98 -9.11
N MET A 157 -11.08 9.96 -9.88
CA MET A 157 -10.11 9.10 -10.53
C MET A 157 -10.76 8.45 -11.75
N THR A 158 -9.93 8.11 -12.74
CA THR A 158 -10.38 7.45 -13.95
C THR A 158 -9.83 6.03 -14.02
N ASP A 159 -10.26 5.30 -15.04
CA ASP A 159 -9.80 3.94 -15.23
C ASP A 159 -8.36 3.87 -15.69
N LYS A 160 -7.83 4.96 -16.25
CA LYS A 160 -6.44 4.97 -16.72
C LYS A 160 -5.47 5.19 -15.56
N LYS A 161 -5.60 6.32 -14.87
CA LYS A 161 -4.73 6.64 -13.75
C LYS A 161 -5.47 7.54 -12.78
N LYS A 162 -4.85 7.79 -11.64
CA LYS A 162 -5.41 8.62 -10.59
C LYS A 162 -4.85 10.03 -10.68
N ILE A 163 -5.72 11.02 -10.50
CA ILE A 163 -5.35 12.43 -10.59
C ILE A 163 -5.32 13.10 -9.22
N SER A 164 -6.45 13.10 -8.51
CA SER A 164 -6.51 13.74 -7.21
C SER A 164 -5.74 12.94 -6.17
N ALA A 165 -5.18 13.66 -5.19
CA ALA A 165 -4.41 13.00 -4.13
C ALA A 165 -5.31 12.14 -3.24
N THR A 166 -6.59 12.51 -3.10
CA THR A 166 -7.52 11.70 -2.32
C THR A 166 -7.71 10.33 -2.97
N SER A 167 -7.71 10.28 -4.30
CA SER A 167 -7.81 9.01 -5.00
C SER A 167 -6.49 8.25 -5.04
N ILE A 168 -5.36 8.95 -4.88
CA ILE A 168 -4.07 8.27 -4.89
C ILE A 168 -3.78 7.63 -3.54
N PHE A 169 -3.95 8.38 -2.45
CA PHE A 169 -3.65 7.88 -1.13
C PHE A 169 -4.76 7.04 -0.52
N PHE A 170 -5.99 7.19 -1.00
CA PHE A 170 -7.14 6.47 -0.46
C PHE A 170 -7.90 5.81 -1.61
N GLU A 171 -8.91 5.03 -1.26
CA GLU A 171 -9.78 4.36 -2.22
C GLU A 171 -11.11 5.08 -2.23
N SER A 172 -11.42 5.78 -3.32
CA SER A 172 -12.63 6.57 -3.44
C SER A 172 -13.53 5.99 -4.52
N MET A 173 -14.83 5.93 -4.22
CA MET A 173 -15.84 5.47 -5.17
C MET A 173 -17.00 6.45 -5.13
N PRO A 174 -17.04 7.42 -6.03
CA PRO A 174 -18.10 8.43 -5.99
C PRO A 174 -19.43 7.90 -6.51
N TYR A 175 -20.51 8.43 -5.94
CA TYR A 175 -21.85 8.06 -6.35
C TYR A 175 -22.37 9.05 -7.39
N LYS A 176 -23.27 8.57 -8.25
CA LYS A 176 -23.82 9.34 -9.34
C LYS A 176 -25.09 10.07 -8.90
N VAL A 177 -25.41 11.13 -9.64
CA VAL A 177 -26.62 11.91 -9.38
C VAL A 177 -27.68 11.53 -10.42
N ASN A 178 -28.93 11.67 -10.04
CA ASN A 178 -30.04 11.31 -10.93
C ASN A 178 -30.11 12.30 -12.10
N PRO A 179 -29.89 11.85 -13.34
CA PRO A 179 -29.91 12.81 -14.47
C PRO A 179 -31.31 13.24 -14.88
N ASP A 180 -32.36 12.54 -14.44
CA ASP A 180 -33.72 12.89 -14.84
C ASP A 180 -34.24 14.07 -14.04
N THR A 181 -34.30 13.93 -12.71
CA THR A 181 -34.85 14.98 -11.86
C THR A 181 -33.79 15.97 -11.38
N GLY A 182 -32.54 15.54 -11.27
CA GLY A 182 -31.46 16.40 -10.82
C GLY A 182 -31.09 16.29 -9.36
N TYR A 183 -31.81 15.49 -8.58
CA TYR A 183 -31.52 15.31 -7.17
C TYR A 183 -30.60 14.11 -6.95
N ILE A 184 -29.93 14.11 -5.80
CA ILE A 184 -29.02 13.02 -5.46
C ILE A 184 -29.83 11.75 -5.18
N ASN A 185 -29.44 10.65 -5.82
CA ASN A 185 -30.12 9.37 -5.63
C ASN A 185 -29.66 8.78 -4.31
N TYR A 186 -30.43 9.04 -3.25
CA TYR A 186 -30.08 8.51 -1.93
C TYR A 186 -30.25 7.01 -1.86
N ASP A 187 -31.17 6.45 -2.64
CA ASP A 187 -31.39 5.00 -2.61
C ASP A 187 -30.18 4.25 -3.15
N GLN A 188 -29.61 4.73 -4.26
CA GLN A 188 -28.42 4.08 -4.81
C GLN A 188 -27.25 4.20 -3.84
N LEU A 189 -27.10 5.35 -3.17
CA LEU A 189 -26.05 5.51 -2.19
C LEU A 189 -26.24 4.54 -1.02
N GLU A 190 -27.48 4.39 -0.54
CA GLU A 190 -27.74 3.47 0.56
C GLU A 190 -27.46 2.03 0.16
N GLU A 191 -27.80 1.67 -1.08
CA GLU A 191 -27.55 0.31 -1.54
C GLU A 191 -26.06 0.05 -1.72
N ASN A 192 -25.32 1.05 -2.20
CA ASN A 192 -23.88 0.87 -2.40
C ASN A 192 -23.10 0.93 -1.09
N ALA A 193 -23.65 1.57 -0.05
CA ALA A 193 -22.94 1.64 1.22
C ALA A 193 -22.83 0.27 1.88
N ARG A 194 -23.84 -0.58 1.71
CA ARG A 194 -23.80 -1.91 2.32
C ARG A 194 -22.76 -2.80 1.66
N LEU A 195 -22.46 -2.57 0.39
CA LEU A 195 -21.49 -3.38 -0.33
C LEU A 195 -20.07 -2.82 -0.25
N PHE A 196 -19.94 -1.50 -0.25
CA PHE A 196 -18.61 -0.89 -0.23
C PHE A 196 -18.05 -0.74 1.18
N HIS A 197 -18.93 -0.57 2.17
CA HIS A 197 -18.55 -0.41 3.57
C HIS A 197 -17.57 0.75 3.74
N PRO A 198 -18.00 1.98 3.56
CA PRO A 198 -17.08 3.12 3.66
C PRO A 198 -16.77 3.46 5.12
N LYS A 199 -15.66 4.20 5.29
CA LYS A 199 -15.25 4.66 6.60
C LYS A 199 -15.66 6.10 6.89
N LEU A 200 -15.92 6.89 5.85
CA LEU A 200 -16.32 8.28 6.02
C LEU A 200 -17.13 8.71 4.80
N ILE A 201 -18.29 9.31 5.04
CA ILE A 201 -19.18 9.77 3.98
C ILE A 201 -19.03 11.28 3.84
N ILE A 202 -18.75 11.73 2.62
CA ILE A 202 -18.53 13.14 2.33
C ILE A 202 -19.84 13.74 1.82
N ALA A 203 -20.29 14.81 2.46
CA ALA A 203 -21.46 15.56 2.05
C ALA A 203 -20.98 16.96 1.65
N GLY A 204 -20.67 17.11 0.36
CA GLY A 204 -20.17 18.38 -0.14
C GLY A 204 -20.51 18.62 -1.59
N THR A 205 -21.02 19.81 -1.90
CA THR A 205 -21.46 20.15 -3.25
C THR A 205 -20.79 21.44 -3.69
N SER A 206 -20.46 21.50 -4.98
CA SER A 206 -19.92 22.70 -5.60
C SER A 206 -20.82 23.27 -6.68
N CYS A 207 -21.57 22.42 -7.40
CA CYS A 207 -22.54 22.86 -8.40
C CYS A 207 -23.85 22.12 -8.08
N TYR A 208 -24.66 22.72 -7.21
CA TYR A 208 -25.91 22.11 -6.78
C TYR A 208 -26.81 23.19 -6.24
N SER A 209 -27.99 23.36 -6.83
CA SER A 209 -28.90 24.45 -6.49
C SER A 209 -29.92 24.08 -5.43
N ARG A 210 -29.82 22.89 -4.84
CA ARG A 210 -30.75 22.43 -3.83
C ARG A 210 -29.99 22.12 -2.53
N ASN A 211 -30.76 21.75 -1.51
CA ASN A 211 -30.18 21.40 -0.22
C ASN A 211 -29.97 19.90 -0.11
N LEU A 212 -29.21 19.50 0.91
CA LEU A 212 -28.89 18.10 1.15
C LEU A 212 -29.72 17.56 2.32
N GLU A 213 -30.07 16.27 2.23
CA GLU A 213 -30.82 15.59 3.28
C GLU A 213 -29.82 14.99 4.26
N TYR A 214 -29.38 15.82 5.21
CA TYR A 214 -28.36 15.39 6.16
C TYR A 214 -28.89 14.33 7.12
N ALA A 215 -30.20 14.31 7.35
CA ALA A 215 -30.78 13.31 8.25
C ALA A 215 -30.61 11.90 7.69
N ARG A 216 -30.93 11.71 6.40
CA ARG A 216 -30.79 10.40 5.79
C ARG A 216 -29.32 10.01 5.68
N LEU A 217 -28.44 10.98 5.42
CA LEU A 217 -27.01 10.69 5.37
C LEU A 217 -26.50 10.24 6.73
N ARG A 218 -26.94 10.90 7.81
CA ARG A 218 -26.55 10.49 9.15
C ARG A 218 -27.10 9.11 9.48
N LYS A 219 -28.33 8.82 9.04
CA LYS A 219 -28.90 7.50 9.27
C LYS A 219 -28.09 6.42 8.55
N ILE A 220 -27.70 6.68 7.30
CA ILE A 220 -26.89 5.72 6.55
C ILE A 220 -25.53 5.54 7.21
N ALA A 221 -24.93 6.63 7.68
CA ALA A 221 -23.63 6.54 8.33
C ALA A 221 -23.71 5.73 9.62
N ASP A 222 -24.78 5.93 10.40
CA ASP A 222 -24.96 5.15 11.62
C ASP A 222 -25.24 3.68 11.30
N GLU A 223 -25.96 3.41 10.21
CA GLU A 223 -26.19 2.03 9.82
C GLU A 223 -24.90 1.35 9.41
N ASN A 224 -24.03 2.06 8.69
CA ASN A 224 -22.75 1.52 8.26
C ASN A 224 -21.62 1.75 9.25
N GLY A 225 -21.88 2.50 10.32
CA GLY A 225 -20.86 2.76 11.33
C GLY A 225 -19.71 3.62 10.83
N ALA A 226 -19.99 4.63 10.03
CA ALA A 226 -18.98 5.50 9.48
C ALA A 226 -19.21 6.94 9.92
N TYR A 227 -18.18 7.76 9.79
CA TYR A 227 -18.27 9.17 10.14
C TYR A 227 -18.85 9.97 8.98
N LEU A 228 -19.23 11.21 9.26
CA LEU A 228 -19.83 12.09 8.27
C LEU A 228 -19.06 13.40 8.24
N MET A 229 -18.55 13.77 7.06
CA MET A 229 -17.79 14.99 6.87
C MET A 229 -18.55 15.90 5.91
N ALA A 230 -19.11 16.98 6.44
CA ALA A 230 -19.79 17.97 5.62
C ALA A 230 -18.81 19.03 5.14
N ASP A 231 -19.10 19.58 3.95
CA ASP A 231 -18.26 20.59 3.32
C ASP A 231 -19.15 21.76 2.91
N MET A 232 -19.33 22.71 3.81
CA MET A 232 -20.16 23.89 3.54
C MET A 232 -19.27 25.05 3.10
N ALA A 233 -18.74 24.91 1.89
CA ALA A 233 -17.85 25.94 1.34
C ALA A 233 -18.65 27.13 0.83
N HIS A 234 -19.58 26.90 -0.09
CA HIS A 234 -20.35 27.99 -0.68
C HIS A 234 -21.42 28.51 0.28
N ILE A 235 -22.17 27.59 0.90
CA ILE A 235 -23.30 27.98 1.75
C ILE A 235 -22.87 28.44 3.13
N SER A 236 -21.57 28.53 3.40
CA SER A 236 -21.07 28.92 4.72
C SER A 236 -21.72 30.21 5.20
N GLY A 237 -21.56 31.29 4.42
CA GLY A 237 -22.19 32.54 4.79
C GLY A 237 -23.69 32.42 4.96
N LEU A 238 -24.32 31.58 4.12
CA LEU A 238 -25.76 31.34 4.27
C LEU A 238 -26.07 30.77 5.65
N VAL A 239 -25.26 29.83 6.12
CA VAL A 239 -25.44 29.29 7.46
C VAL A 239 -25.24 30.38 8.51
N ALA A 240 -24.41 31.38 8.20
CA ALA A 240 -24.23 32.49 9.12
C ALA A 240 -25.48 33.37 9.19
N ALA A 241 -26.33 33.31 8.16
CA ALA A 241 -27.54 34.11 8.13
C ALA A 241 -28.78 33.34 8.58
N GLY A 242 -28.70 32.02 8.70
CA GLY A 242 -29.83 31.22 9.11
C GLY A 242 -30.86 30.96 8.03
N VAL A 243 -30.57 31.32 6.78
CA VAL A 243 -31.50 31.06 5.68
C VAL A 243 -31.38 29.65 5.11
N VAL A 244 -30.37 28.90 5.55
CA VAL A 244 -30.15 27.53 5.08
C VAL A 244 -30.03 26.64 6.30
N PRO A 245 -30.69 25.47 6.33
CA PRO A 245 -30.56 24.57 7.49
C PRO A 245 -29.10 24.19 7.72
N SER A 246 -28.65 24.37 8.95
CA SER A 246 -27.26 24.10 9.30
C SER A 246 -27.00 22.60 9.38
N PRO A 247 -25.91 22.11 8.79
CA PRO A 247 -25.62 20.67 8.86
C PRO A 247 -25.01 20.22 10.18
N PHE A 248 -24.83 21.12 11.15
CA PHE A 248 -24.23 20.74 12.42
C PHE A 248 -25.15 19.89 13.28
N GLU A 249 -26.40 19.67 12.87
CA GLU A 249 -27.32 18.87 13.65
C GLU A 249 -27.08 17.37 13.49
N HIS A 250 -26.49 16.94 12.40
CA HIS A 250 -26.29 15.51 12.14
C HIS A 250 -24.86 15.13 11.82
N CYS A 251 -24.13 15.98 11.09
CA CYS A 251 -22.78 15.63 10.68
C CYS A 251 -21.81 15.69 11.85
N HIS A 252 -20.78 14.85 11.79
CA HIS A 252 -19.78 14.81 12.85
C HIS A 252 -18.68 15.84 12.63
N VAL A 253 -18.05 15.81 11.46
CA VAL A 253 -16.99 16.75 11.11
C VAL A 253 -17.52 17.70 10.05
N VAL A 254 -17.13 18.97 10.14
CA VAL A 254 -17.59 20.00 9.21
C VAL A 254 -16.38 20.83 8.80
N THR A 255 -15.99 20.75 7.54
CA THR A 255 -14.92 21.57 7.00
C THR A 255 -15.52 22.72 6.19
N THR A 256 -14.98 23.92 6.39
CA THR A 256 -15.52 25.09 5.72
C THR A 256 -14.39 26.06 5.39
N THR A 257 -14.68 26.99 4.50
CA THR A 257 -13.72 28.00 4.08
C THR A 257 -14.05 29.32 4.78
N THR A 258 -13.32 30.38 4.41
CA THR A 258 -13.51 31.70 4.99
C THR A 258 -13.87 32.77 3.97
N HIS A 259 -13.41 32.64 2.73
CA HIS A 259 -13.77 33.60 1.69
C HIS A 259 -15.08 33.21 1.02
N1 LLP A 260 -13.75 22.80 -1.43
C2 LLP A 260 -14.91 23.06 -2.06
C2' LLP A 260 -16.09 22.05 -1.97
C3 LLP A 260 -15.06 24.26 -2.81
O3 LLP A 260 -16.27 24.53 -3.46
C4 LLP A 260 -14.03 25.16 -2.89
C4' LLP A 260 -14.22 26.52 -3.75
C5 LLP A 260 -12.85 24.90 -2.25
C6 LLP A 260 -12.69 23.72 -1.51
C5' LLP A 260 -11.67 25.92 -2.35
OP4 LLP A 260 -10.46 25.22 -2.38
P LLP A 260 -9.15 25.95 -1.99
OP1 LLP A 260 -8.71 25.49 -0.59
OP2 LLP A 260 -9.39 27.41 -1.98
OP3 LLP A 260 -8.08 25.64 -2.97
N LLP A 260 -15.05 33.11 -0.31
CA LLP A 260 -16.22 32.71 -1.12
CB LLP A 260 -16.62 31.29 -0.81
CG LLP A 260 -15.49 30.34 -1.21
CD LLP A 260 -16.08 28.99 -1.66
CE LLP A 260 -14.92 28.06 -2.09
NZ LLP A 260 -15.34 27.25 -3.24
C LLP A 260 -17.38 33.63 -0.90
O LLP A 260 -17.61 34.52 -1.70
N THR A 261 -18.11 33.42 0.19
CA THR A 261 -19.29 34.22 0.48
C THR A 261 -19.19 34.93 1.82
N LEU A 262 -18.40 34.38 2.74
CA LEU A 262 -18.24 34.96 4.06
C LEU A 262 -17.39 36.22 4.06
N ARG A 263 -16.75 36.55 2.92
CA ARG A 263 -15.94 37.76 2.78
C ARG A 263 -14.80 37.79 3.80
N GLY A 264 -13.91 36.80 3.68
CA GLY A 264 -12.76 36.72 4.55
C GLY A 264 -11.52 36.34 3.75
N CYS A 265 -10.41 36.19 4.48
CA CYS A 265 -9.15 35.80 3.87
C CYS A 265 -9.15 34.30 3.55
N ARG A 266 -8.18 33.90 2.75
CA ARG A 266 -8.09 32.50 2.33
C ARG A 266 -7.62 31.65 3.51
N ALA A 267 -8.55 30.90 4.10
CA ALA A 267 -8.24 30.04 5.23
C ALA A 267 -9.32 28.95 5.32
N GLY A 268 -9.11 28.03 6.25
CA GLY A 268 -10.06 26.94 6.44
C GLY A 268 -10.32 26.71 7.92
N MET A 269 -11.52 26.21 8.20
CA MET A 269 -11.95 25.93 9.56
C MET A 269 -12.52 24.52 9.63
N ILE A 270 -12.25 23.84 10.74
CA ILE A 270 -12.69 22.47 10.96
C ILE A 270 -13.43 22.40 12.29
N PHE A 271 -14.70 22.01 12.24
CA PHE A 271 -15.51 21.80 13.43
C PHE A 271 -15.66 20.31 13.67
N TYR A 272 -15.44 19.89 14.91
CA TYR A 272 -15.52 18.48 15.29
C TYR A 272 -16.34 18.33 16.56
N ARG A 273 -16.93 17.15 16.72
CA ARG A 273 -17.77 16.88 17.87
C ARG A 273 -16.94 16.66 19.13
N LYS A 274 -17.53 16.98 20.27
CA LYS A 274 -16.89 16.78 21.56
C LYS A 274 -17.92 16.22 22.54
N GLY A 275 -17.44 15.77 23.69
CA GLY A 275 -18.31 15.23 24.71
C GLY A 275 -18.55 13.73 24.58
N VAL A 276 -19.74 13.28 24.96
CA VAL A 276 -20.06 11.86 24.93
C VAL A 276 -20.56 11.50 23.54
N LYS A 277 -19.94 10.49 22.93
CA LYS A 277 -20.37 10.02 21.62
C LYS A 277 -21.51 9.01 21.74
N SER A 278 -21.34 8.00 22.59
CA SER A 278 -22.38 6.99 22.79
C SER A 278 -22.27 6.46 24.22
N VAL A 279 -23.31 5.75 24.63
CA VAL A 279 -23.40 5.17 25.96
C VAL A 279 -23.63 3.67 25.83
N ASP A 280 -22.87 2.88 26.57
CA ASP A 280 -23.01 1.43 26.53
C ASP A 280 -24.27 1.03 27.30
N PRO A 281 -25.25 0.41 26.66
CA PRO A 281 -26.48 0.04 27.39
C PRO A 281 -26.26 -1.04 28.43
N LYS A 282 -25.25 -1.90 28.26
CA LYS A 282 -25.04 -3.00 29.19
C LYS A 282 -24.25 -2.53 30.41
N THR A 283 -23.04 -2.03 30.21
CA THR A 283 -22.19 -1.65 31.34
C THR A 283 -22.51 -0.26 31.87
N GLY A 284 -22.90 0.67 30.99
CA GLY A 284 -23.19 2.02 31.40
C GLY A 284 -22.04 2.98 31.36
N LYS A 285 -20.90 2.58 30.78
CA LYS A 285 -19.75 3.46 30.70
C LYS A 285 -19.94 4.51 29.61
N GLU A 286 -19.50 5.73 29.89
CA GLU A 286 -19.64 6.84 28.95
C GLU A 286 -18.44 6.86 28.02
N ILE A 287 -18.68 6.71 26.72
CA ILE A 287 -17.63 6.75 25.71
C ILE A 287 -17.52 8.19 25.21
N LEU A 288 -16.30 8.72 25.23
CA LEU A 288 -16.04 10.09 24.82
C LEU A 288 -15.46 10.13 23.40
N TYR A 289 -15.61 11.28 22.76
CA TYR A 289 -15.09 11.46 21.41
C TYR A 289 -13.55 11.46 21.43
N ASN A 290 -12.96 11.02 20.31
CA ASN A 290 -11.51 10.99 20.16
C ASN A 290 -11.07 11.69 18.88
N LEU A 291 -11.94 12.49 18.27
CA LEU A 291 -11.59 13.17 17.03
C LEU A 291 -10.72 14.40 17.27
N GLU A 292 -10.85 15.04 18.43
CA GLU A 292 -10.10 16.26 18.70
C GLU A 292 -8.59 16.01 18.66
N SER A 293 -8.13 15.01 19.43
CA SER A 293 -6.70 14.72 19.48
C SER A 293 -6.16 14.27 18.13
N LEU A 294 -6.93 13.44 17.41
CA LEU A 294 -6.50 12.97 16.10
C LEU A 294 -6.36 14.13 15.12
N ILE A 295 -7.34 15.03 15.10
CA ILE A 295 -7.27 16.18 14.20
C ILE A 295 -6.11 17.09 14.57
N ASN A 296 -5.92 17.34 15.88
CA ASN A 296 -4.83 18.21 16.31
C ASN A 296 -3.47 17.61 15.96
N SER A 297 -3.34 16.28 16.04
CA SER A 297 -2.09 15.65 15.67
C SER A 297 -1.88 15.64 14.16
N ALA A 298 -2.97 15.51 13.40
CA ALA A 298 -2.84 15.47 11.94
C ALA A 298 -2.51 16.83 11.37
N VAL A 299 -3.05 17.90 11.96
CA VAL A 299 -2.78 19.24 11.46
C VAL A 299 -1.35 19.65 11.77
N PHE A 300 -0.91 19.44 13.01
CA PHE A 300 0.43 19.83 13.42
C PHE A 300 0.96 18.84 14.46
N PRO A 301 2.19 18.34 14.30
CA PRO A 301 3.07 18.64 13.17
C PRO A 301 2.93 17.65 12.01
N GLY A 302 1.69 17.21 11.77
CA GLY A 302 1.43 16.23 10.72
C GLY A 302 1.74 16.73 9.32
N LEU A 303 1.01 17.74 8.87
CA LEU A 303 1.16 18.28 7.53
C LEU A 303 1.76 19.67 7.50
N GLN A 304 1.17 20.61 8.23
CA GLN A 304 1.62 22.00 8.23
C GLN A 304 2.53 22.28 9.41
N GLY A 305 3.20 23.43 9.35
CA GLY A 305 4.10 23.85 10.41
C GLY A 305 3.60 25.07 11.15
N GLY A 306 4.27 26.21 10.93
CA GLY A 306 3.90 27.44 11.57
C GLY A 306 2.66 28.07 10.96
N PRO A 307 1.64 28.29 11.79
CA PRO A 307 0.41 28.90 11.28
C PRO A 307 0.61 30.36 10.92
N HIS A 308 -0.36 30.88 10.15
CA HIS A 308 -0.35 32.27 9.71
C HIS A 308 -1.19 33.10 10.68
N ASN A 309 -0.53 33.92 11.50
CA ASN A 309 -1.25 34.73 12.48
C ASN A 309 -2.10 35.79 11.79
N HIS A 310 -1.61 36.36 10.69
CA HIS A 310 -2.39 37.34 9.95
C HIS A 310 -3.67 36.74 9.40
N ALA A 311 -3.59 35.49 8.92
CA ALA A 311 -4.79 34.81 8.44
C ALA A 311 -5.78 34.58 9.57
N ILE A 312 -5.28 34.22 10.76
CA ILE A 312 -6.17 34.02 11.89
C ILE A 312 -6.84 35.32 12.29
N ALA A 313 -6.09 36.43 12.28
CA ALA A 313 -6.68 37.73 12.59
C ALA A 313 -7.74 38.12 11.57
N GLY A 314 -7.46 37.87 10.28
CA GLY A 314 -8.45 38.16 9.25
C GLY A 314 -9.71 37.33 9.40
N VAL A 315 -9.55 36.05 9.74
CA VAL A 315 -10.71 35.19 9.95
C VAL A 315 -11.51 35.67 11.16
N ALA A 316 -10.82 36.09 12.22
CA ALA A 316 -11.53 36.60 13.40
C ALA A 316 -12.31 37.87 13.06
N VAL A 317 -11.69 38.79 12.29
CA VAL A 317 -12.38 40.01 11.90
C VAL A 317 -13.60 39.69 11.04
N ALA A 318 -13.45 38.77 10.09
CA ALA A 318 -14.56 38.40 9.22
C ALA A 318 -15.69 37.75 10.01
N LEU A 319 -15.35 36.91 10.99
CA LEU A 319 -16.37 36.25 11.80
C LEU A 319 -17.08 37.25 12.70
N LYS A 320 -16.36 38.24 13.22
CA LYS A 320 -17.00 39.27 14.02
C LYS A 320 -17.93 40.13 13.16
N GLN A 321 -17.51 40.44 11.93
CA GLN A 321 -18.35 41.24 11.05
C GLN A 321 -19.55 40.44 10.55
N ALA A 322 -19.43 39.11 10.50
CA ALA A 322 -20.53 38.29 10.00
C ALA A 322 -21.65 38.16 11.03
N MET A 323 -21.36 38.33 12.31
CA MET A 323 -22.35 38.20 13.36
C MET A 323 -23.27 39.40 13.49
N THR A 324 -23.20 40.35 12.56
CA THR A 324 -24.06 41.52 12.59
C THR A 324 -25.32 41.29 11.77
N LEU A 325 -26.28 42.21 11.92
CA LEU A 325 -27.52 42.11 11.15
C LEU A 325 -27.31 42.52 9.70
N GLU A 326 -26.29 43.35 9.44
CA GLU A 326 -26.00 43.75 8.06
C GLU A 326 -25.64 42.55 7.20
N PHE A 327 -24.94 41.56 7.78
CA PHE A 327 -24.60 40.36 7.03
C PHE A 327 -25.86 39.56 6.67
N LYS A 328 -26.81 39.47 7.59
CA LYS A 328 -28.06 38.77 7.30
C LYS A 328 -28.86 39.51 6.24
N VAL A 329 -28.90 40.84 6.31
CA VAL A 329 -29.60 41.62 5.28
C VAL A 329 -28.92 41.43 3.93
N TYR A 330 -27.59 41.36 3.92
CA TYR A 330 -26.87 41.15 2.67
C TYR A 330 -27.17 39.78 2.09
N GLN A 331 -27.23 38.74 2.94
CA GLN A 331 -27.55 37.41 2.44
C GLN A 331 -28.98 37.33 1.93
N HIS A 332 -29.91 38.01 2.61
CA HIS A 332 -31.28 38.06 2.11
C HIS A 332 -31.37 38.76 0.77
N GLN A 333 -30.62 39.86 0.61
CA GLN A 333 -30.58 40.53 -0.69
C GLN A 333 -29.95 39.63 -1.75
N VAL A 334 -28.95 38.84 -1.36
CA VAL A 334 -28.29 37.93 -2.29
C VAL A 334 -29.29 36.89 -2.80
N VAL A 335 -30.03 36.27 -1.89
CA VAL A 335 -30.97 35.23 -2.32
C VAL A 335 -32.14 35.85 -3.08
N ALA A 336 -32.56 37.07 -2.73
CA ALA A 336 -33.62 37.73 -3.47
C ALA A 336 -33.18 38.05 -4.90
N ASN A 337 -31.97 38.58 -5.06
CA ASN A 337 -31.46 38.85 -6.40
C ASN A 337 -31.22 37.57 -7.18
N CYS A 338 -30.87 36.48 -6.49
CA CYS A 338 -30.72 35.19 -7.17
C CYS A 338 -32.06 34.72 -7.73
N ARG A 339 -33.12 34.79 -6.91
CA ARG A 339 -34.44 34.40 -7.39
C ARG A 339 -34.92 35.33 -8.51
N ALA A 340 -34.61 36.63 -8.41
CA ALA A 340 -34.99 37.56 -9.46
C ALA A 340 -34.28 37.25 -10.77
N LEU A 341 -32.97 36.99 -10.71
CA LEU A 341 -32.24 36.61 -11.92
C LEU A 341 -32.75 35.31 -12.50
N SER A 342 -33.09 34.35 -11.64
CA SER A 342 -33.61 33.07 -12.11
C SER A 342 -34.93 33.25 -12.85
N GLU A 343 -35.85 34.04 -12.28
CA GLU A 343 -37.15 34.22 -12.93
C GLU A 343 -37.01 35.07 -14.18
N ALA A 344 -36.11 36.05 -14.19
CA ALA A 344 -35.90 36.86 -15.38
C ALA A 344 -35.26 36.07 -16.50
N LEU A 345 -34.42 35.08 -16.16
CA LEU A 345 -33.79 34.27 -17.19
C LEU A 345 -34.72 33.18 -17.70
N THR A 346 -35.55 32.60 -16.82
CA THR A 346 -36.54 31.64 -17.28
C THR A 346 -37.70 32.31 -18.02
N GLU A 347 -37.88 33.61 -17.83
CA GLU A 347 -38.86 34.35 -18.63
C GLU A 347 -38.44 34.40 -20.10
N LEU A 348 -37.14 34.42 -20.36
CA LEU A 348 -36.63 34.48 -21.73
C LEU A 348 -36.60 33.13 -22.42
N GLY A 349 -37.04 32.07 -21.76
CA GLY A 349 -37.08 30.75 -22.37
C GLY A 349 -35.83 29.92 -22.20
N TYR A 350 -34.98 30.23 -21.23
CA TYR A 350 -33.77 29.46 -20.97
C TYR A 350 -34.08 28.29 -20.05
N LYS A 351 -33.45 27.15 -20.34
CA LYS A 351 -33.68 25.93 -19.56
C LYS A 351 -32.84 25.98 -18.28
N ILE A 352 -33.51 25.98 -17.14
CA ILE A 352 -32.86 25.98 -15.83
C ILE A 352 -32.99 24.60 -15.21
N VAL A 353 -31.86 24.04 -14.77
CA VAL A 353 -31.88 22.72 -14.15
C VAL A 353 -32.62 22.78 -12.82
N THR A 354 -33.35 21.70 -12.51
CA THR A 354 -34.06 21.46 -11.25
C THR A 354 -35.17 22.48 -11.01
N GLY A 355 -35.36 23.40 -11.95
CA GLY A 355 -36.43 24.38 -11.89
C GLY A 355 -36.09 25.70 -11.24
N GLY A 356 -35.40 25.67 -10.11
CA GLY A 356 -35.05 26.87 -9.38
C GLY A 356 -33.70 26.72 -8.71
N SER A 357 -33.55 27.36 -7.55
CA SER A 357 -32.31 27.32 -6.81
C SER A 357 -32.57 27.71 -5.36
N ASP A 358 -31.90 27.01 -4.44
CA ASP A 358 -32.00 27.31 -3.02
C ASP A 358 -30.71 27.91 -2.47
N ASN A 359 -29.80 28.35 -3.33
CA ASN A 359 -28.54 28.95 -2.93
C ASN A 359 -28.25 30.12 -3.85
N HIS A 360 -27.01 30.62 -3.79
CA HIS A 360 -26.62 31.76 -4.61
C HIS A 360 -26.20 31.38 -6.01
N LEU A 361 -25.75 30.15 -6.22
CA LEU A 361 -25.28 29.70 -7.53
C LEU A 361 -26.43 29.10 -8.33
N ILE A 362 -26.40 29.35 -9.64
CA ILE A 362 -27.40 28.81 -10.55
C ILE A 362 -26.68 28.22 -11.76
N LEU A 363 -27.30 27.20 -12.35
CA LEU A 363 -26.76 26.49 -13.51
C LEU A 363 -27.75 26.65 -14.66
N VAL A 364 -27.34 27.37 -15.70
CA VAL A 364 -28.17 27.60 -16.87
C VAL A 364 -27.77 26.63 -17.97
N ASP A 365 -28.75 25.89 -18.49
CA ASP A 365 -28.52 24.93 -19.56
C ASP A 365 -28.72 25.60 -20.91
N LEU A 366 -27.77 25.39 -21.82
CA LEU A 366 -27.79 26.02 -23.13
C LEU A 366 -28.23 25.08 -24.24
N ARG A 367 -28.49 23.81 -23.94
CA ARG A 367 -28.90 22.87 -24.97
C ARG A 367 -30.24 23.23 -25.59
N SER A 368 -31.06 24.03 -24.90
CA SER A 368 -32.32 24.50 -25.47
C SER A 368 -32.09 25.54 -26.56
N LYS A 369 -30.91 26.14 -26.62
CA LYS A 369 -30.58 27.14 -27.63
C LYS A 369 -29.71 26.59 -28.75
N GLY A 370 -29.25 25.34 -28.64
CA GLY A 370 -28.42 24.75 -29.68
C GLY A 370 -26.97 25.20 -29.62
N THR A 371 -26.37 25.14 -28.44
CA THR A 371 -24.97 25.52 -28.25
C THR A 371 -24.45 24.81 -27.00
N ASP A 372 -23.21 25.10 -26.66
CA ASP A 372 -22.55 24.53 -25.49
C ASP A 372 -22.08 25.65 -24.57
N GLY A 373 -21.59 25.25 -23.39
CA GLY A 373 -21.17 26.23 -22.40
C GLY A 373 -19.83 26.88 -22.71
N GLY A 374 -18.94 26.17 -23.39
CA GLY A 374 -17.61 26.72 -23.66
C GLY A 374 -17.66 27.93 -24.57
N ARG A 375 -18.41 27.82 -25.68
CA ARG A 375 -18.50 28.92 -26.62
C ARG A 375 -19.13 30.15 -25.98
N ALA A 376 -20.22 29.95 -25.24
CA ALA A 376 -20.88 31.07 -24.58
C ALA A 376 -19.98 31.71 -23.52
N GLU A 377 -19.24 30.88 -22.77
CA GLU A 377 -18.32 31.42 -21.78
C GLU A 377 -17.22 32.23 -22.44
N LYS A 378 -16.68 31.74 -23.56
CA LYS A 378 -15.63 32.48 -24.25
C LYS A 378 -16.16 33.79 -24.82
N VAL A 379 -17.38 33.78 -25.35
CA VAL A 379 -17.96 35.01 -25.92
C VAL A 379 -18.22 36.02 -24.81
N LEU A 380 -18.74 35.57 -23.67
CA LEU A 380 -18.90 36.46 -22.52
C LEU A 380 -17.56 37.00 -22.05
N GLU A 381 -16.52 36.16 -22.09
CA GLU A 381 -15.18 36.62 -21.75
C GLU A 381 -14.69 37.69 -22.73
N ALA A 382 -15.12 37.60 -24.00
CA ALA A 382 -14.73 38.59 -24.99
C ALA A 382 -15.33 39.96 -24.69
N CYS A 383 -16.52 40.00 -24.07
CA CYS A 383 -17.19 41.25 -23.77
C CYS A 383 -17.14 41.60 -22.29
N SER A 384 -16.07 41.18 -21.61
CA SER A 384 -15.83 41.48 -20.19
C SER A 384 -17.02 41.05 -19.32
N ILE A 385 -17.46 39.81 -19.52
CA ILE A 385 -18.51 39.21 -18.70
C ILE A 385 -17.94 37.92 -18.11
N ALA A 386 -17.81 37.91 -16.78
CA ALA A 386 -17.22 36.77 -16.08
C ALA A 386 -18.22 35.63 -16.00
N CYS A 387 -17.83 34.46 -16.53
CA CYS A 387 -18.68 33.28 -16.49
C CYS A 387 -17.78 32.04 -16.42
N ASN A 388 -18.38 30.91 -16.12
CA ASN A 388 -17.65 29.66 -16.07
C ASN A 388 -18.53 28.53 -16.58
N LYS A 389 -17.91 27.60 -17.31
CA LYS A 389 -18.60 26.45 -17.88
C LYS A 389 -18.66 25.32 -16.87
N ASN A 390 -19.64 24.43 -17.06
CA ASN A 390 -19.84 23.27 -16.20
C ASN A 390 -20.78 22.31 -16.90
N THR A 391 -20.55 21.02 -16.69
CA THR A 391 -21.37 19.99 -17.31
C THR A 391 -22.72 19.88 -16.59
N CYS A 392 -23.73 19.47 -17.34
CA CYS A 392 -25.08 19.28 -16.82
C CYS A 392 -25.33 17.81 -16.51
N PRO A 393 -26.23 17.51 -15.58
CA PRO A 393 -26.56 16.11 -15.28
C PRO A 393 -27.14 15.41 -16.50
N GLY A 394 -26.40 14.42 -17.00
CA GLY A 394 -26.79 13.67 -18.18
C GLY A 394 -25.98 13.97 -19.42
N ASP A 395 -24.89 14.72 -19.31
CA ASP A 395 -24.07 15.03 -20.48
C ASP A 395 -23.28 13.80 -20.91
N ARG A 396 -23.08 13.68 -22.22
CA ARG A 396 -22.37 12.53 -22.79
C ARG A 396 -20.86 12.70 -22.77
N SER A 397 -20.35 13.88 -22.44
CA SER A 397 -18.91 14.12 -22.43
C SER A 397 -18.60 15.23 -21.44
N ALA A 398 -17.43 15.12 -20.80
CA ALA A 398 -17.00 16.11 -19.82
C ALA A 398 -16.19 17.25 -20.43
N LEU A 399 -15.53 17.02 -21.56
CA LEU A 399 -14.74 18.07 -22.20
C LEU A 399 -15.60 19.05 -22.99
N ARG A 400 -16.88 18.75 -23.20
CA ARG A 400 -17.81 19.62 -23.91
C ARG A 400 -18.97 19.94 -22.96
N PRO A 401 -18.78 20.87 -22.03
CA PRO A 401 -19.86 21.20 -21.09
C PRO A 401 -20.93 22.06 -21.77
N SER A 402 -22.18 21.83 -21.37
CA SER A 402 -23.31 22.55 -21.94
C SER A 402 -23.91 23.59 -21.00
N GLY A 403 -23.51 23.59 -19.73
CA GLY A 403 -24.09 24.52 -18.78
C GLY A 403 -23.16 25.63 -18.34
N LEU A 404 -23.73 26.73 -17.86
CA LEU A 404 -22.97 27.87 -17.35
C LEU A 404 -23.36 28.13 -15.90
N ARG A 405 -22.38 28.41 -15.06
CA ARG A 405 -22.61 28.67 -13.64
C ARG A 405 -22.57 30.17 -13.39
N LEU A 406 -23.61 30.69 -12.75
CA LEU A 406 -23.72 32.11 -12.43
C LEU A 406 -23.86 32.29 -10.92
N GLY A 407 -23.23 33.33 -10.41
CA GLY A 407 -23.29 33.64 -8.99
C GLY A 407 -23.70 35.08 -8.72
N THR A 408 -24.68 35.26 -7.84
CA THR A 408 -25.21 36.58 -7.51
C THR A 408 -24.36 37.39 -6.53
N PRO A 409 -23.79 36.82 -5.45
CA PRO A 409 -23.26 37.68 -4.39
C PRO A 409 -22.07 38.54 -4.82
N ALA A 410 -21.34 38.14 -5.86
CA ALA A 410 -20.22 38.93 -6.33
C ALA A 410 -20.66 40.34 -6.72
N LEU A 411 -21.78 40.44 -7.44
CA LEU A 411 -22.32 41.75 -7.78
C LEU A 411 -23.17 42.33 -6.65
N THR A 412 -23.85 41.48 -5.89
CA THR A 412 -24.70 41.96 -4.80
C THR A 412 -23.87 42.69 -3.73
N SER A 413 -22.61 42.31 -3.56
CA SER A 413 -21.75 42.99 -2.62
C SER A 413 -21.46 44.43 -3.02
N ARG A 414 -21.74 44.80 -4.28
CA ARG A 414 -21.51 46.15 -4.76
C ARG A 414 -22.76 47.03 -4.73
N GLY A 415 -23.94 46.45 -4.67
CA GLY A 415 -25.16 47.23 -4.60
C GLY A 415 -26.13 46.98 -5.75
N LEU A 416 -25.98 45.85 -6.43
CA LEU A 416 -26.87 45.52 -7.53
C LEU A 416 -28.27 45.17 -7.01
N LEU A 417 -29.28 45.50 -7.80
CA LEU A 417 -30.68 45.34 -7.41
C LEU A 417 -31.39 44.41 -8.38
N GLU A 418 -32.71 44.28 -8.20
CA GLU A 418 -33.49 43.34 -9.01
C GLU A 418 -33.60 43.82 -10.45
N LYS A 419 -33.93 45.09 -10.65
CA LYS A 419 -34.01 45.63 -12.01
C LYS A 419 -32.64 45.62 -12.68
N ASP A 420 -31.58 45.89 -11.91
CA ASP A 420 -30.23 45.80 -12.45
C ASP A 420 -29.89 44.37 -12.82
N PHE A 421 -30.33 43.40 -12.01
CA PHE A 421 -30.10 42.00 -12.34
C PHE A 421 -30.86 41.60 -13.59
N GLN A 422 -32.06 42.15 -13.80
CA GLN A 422 -32.79 41.89 -15.04
C GLN A 422 -32.08 42.52 -16.23
N LYS A 423 -31.46 43.68 -16.04
CA LYS A 423 -30.67 44.29 -17.11
C LYS A 423 -29.47 43.42 -17.46
N VAL A 424 -28.79 42.87 -16.44
CA VAL A 424 -27.69 41.96 -16.71
C VAL A 424 -28.19 40.69 -17.40
N ALA A 425 -29.39 40.24 -17.04
CA ALA A 425 -29.95 39.06 -17.70
C ALA A 425 -30.23 39.35 -19.17
N HIS A 426 -30.72 40.54 -19.48
CA HIS A 426 -30.90 40.94 -20.88
C HIS A 426 -29.55 41.02 -21.60
N PHE A 427 -28.52 41.48 -20.89
CA PHE A 427 -27.18 41.52 -21.48
C PHE A 427 -26.69 40.11 -21.82
N ILE A 428 -26.89 39.16 -20.91
CA ILE A 428 -26.50 37.78 -21.20
C ILE A 428 -27.35 37.19 -22.31
N HIS A 429 -28.61 37.60 -22.42
CA HIS A 429 -29.43 37.14 -23.54
C HIS A 429 -28.89 37.66 -24.87
N ARG A 430 -28.50 38.93 -24.91
CA ARG A 430 -27.87 39.47 -26.11
C ARG A 430 -26.55 38.76 -26.41
N GLY A 431 -25.80 38.42 -25.37
CA GLY A 431 -24.57 37.66 -25.57
C GLY A 431 -24.83 36.28 -26.15
N ILE A 432 -25.88 35.62 -25.69
CA ILE A 432 -26.24 34.31 -26.23
C ILE A 432 -26.70 34.44 -27.68
N GLU A 433 -27.42 35.52 -28.00
CA GLU A 433 -27.77 35.77 -29.39
C GLU A 433 -26.52 35.96 -30.25
N LEU A 434 -25.52 36.67 -29.71
CA LEU A 434 -24.25 36.82 -30.43
C LEU A 434 -23.55 35.49 -30.62
N THR A 435 -23.60 34.62 -29.60
CA THR A 435 -23.02 33.29 -29.73
C THR A 435 -23.70 32.51 -30.85
N LEU A 436 -25.03 32.56 -30.88
CA LEU A 436 -25.77 31.87 -31.93
C LEU A 436 -25.43 32.41 -33.31
N GLN A 437 -25.31 33.74 -33.43
CA GLN A 437 -24.95 34.34 -34.71
C GLN A 437 -23.56 33.91 -35.16
N ILE A 438 -22.59 33.91 -34.24
CA ILE A 438 -21.23 33.51 -34.59
C ILE A 438 -21.18 32.03 -34.95
N GLN A 439 -21.95 31.20 -34.26
CA GLN A 439 -21.97 29.78 -34.56
C GLN A 439 -22.61 29.50 -35.92
N SER A 440 -23.68 30.23 -36.26
CA SER A 440 -24.30 30.06 -37.56
C SER A 440 -23.44 30.63 -38.67
N ASP A 441 -22.61 31.63 -38.38
CA ASP A 441 -21.74 32.20 -39.39
C ASP A 441 -20.62 31.25 -39.80
N THR A 442 -20.09 30.49 -38.85
CA THR A 442 -18.98 29.58 -39.11
C THR A 442 -19.45 28.16 -39.43
N GLY A 443 -20.74 27.88 -39.37
CA GLY A 443 -21.26 26.57 -39.65
C GLY A 443 -21.40 25.70 -38.43
N VAL A 444 -22.02 24.53 -38.62
CA VAL A 444 -22.23 23.59 -37.53
C VAL A 444 -21.12 22.55 -37.41
N ARG A 445 -20.30 22.37 -38.45
CA ARG A 445 -19.22 21.40 -38.46
C ARG A 445 -17.86 22.03 -38.17
N ALA A 446 -17.85 23.26 -37.66
CA ALA A 446 -16.59 23.93 -37.35
C ALA A 446 -16.05 23.46 -36.01
N THR A 447 -14.80 23.83 -35.73
CA THR A 447 -14.13 23.48 -34.50
C THR A 447 -14.13 24.67 -33.54
N LEU A 448 -13.58 24.46 -32.35
CA LEU A 448 -13.53 25.53 -31.35
C LEU A 448 -12.46 26.57 -31.67
N LYS A 449 -11.37 26.15 -32.31
CA LYS A 449 -10.33 27.11 -32.70
C LYS A 449 -10.85 28.10 -33.73
N GLU A 450 -11.64 27.62 -34.69
CA GLU A 450 -12.24 28.52 -35.66
C GLU A 450 -13.24 29.46 -34.98
N PHE A 451 -13.94 28.98 -33.96
CA PHE A 451 -14.87 29.83 -33.22
C PHE A 451 -14.12 30.94 -32.50
N LYS A 452 -13.02 30.59 -31.82
CA LYS A 452 -12.21 31.61 -31.15
C LYS A 452 -11.63 32.60 -32.14
N GLU A 453 -11.22 32.11 -33.32
CA GLU A 453 -10.75 33.03 -34.36
C GLU A 453 -11.86 33.95 -34.84
N ARG A 454 -13.09 33.45 -34.88
CA ARG A 454 -14.22 34.27 -35.29
C ARG A 454 -14.60 35.29 -34.23
N LEU A 455 -14.29 35.01 -32.96
CA LEU A 455 -14.49 36.01 -31.91
C LEU A 455 -13.65 37.26 -32.19
N ALA A 456 -12.39 37.08 -32.56
CA ALA A 456 -11.52 38.21 -32.85
C ALA A 456 -11.66 38.71 -34.28
N GLY A 457 -12.64 38.24 -35.03
CA GLY A 457 -12.81 38.68 -36.39
C GLY A 457 -13.32 40.10 -36.48
N ASP A 458 -13.15 40.68 -37.68
CA ASP A 458 -13.59 42.05 -37.93
C ASP A 458 -15.10 42.15 -38.14
N LYS A 459 -15.76 41.05 -38.49
CA LYS A 459 -17.20 41.09 -38.74
C LYS A 459 -17.98 41.43 -37.47
N TYR A 460 -17.75 40.66 -36.40
CA TYR A 460 -18.43 40.87 -35.13
C TYR A 460 -17.66 41.80 -34.20
N GLN A 461 -16.66 42.51 -34.71
CA GLN A 461 -15.86 43.38 -33.86
C GLN A 461 -16.67 44.54 -33.31
N ALA A 462 -17.47 45.18 -34.17
CA ALA A 462 -18.22 46.36 -33.74
C ALA A 462 -19.29 45.99 -32.71
N ALA A 463 -19.96 44.87 -32.89
CA ALA A 463 -21.02 44.47 -31.96
C ALA A 463 -20.45 44.18 -30.57
N VAL A 464 -19.39 43.36 -30.51
CA VAL A 464 -18.80 43.04 -29.22
C VAL A 464 -18.15 44.26 -28.60
N GLN A 465 -17.63 45.19 -29.42
CA GLN A 465 -17.04 46.41 -28.88
C GLN A 465 -18.11 47.28 -28.25
N ALA A 466 -19.25 47.45 -28.92
CA ALA A 466 -20.36 48.22 -28.36
C ALA A 466 -20.89 47.56 -27.09
N LEU A 467 -21.00 46.24 -27.09
CA LEU A 467 -21.48 45.54 -25.90
C LEU A 467 -20.51 45.72 -24.73
N ARG A 468 -19.21 45.62 -24.99
CA ARG A 468 -18.23 45.81 -23.93
C ARG A 468 -18.25 47.24 -23.40
N GLU A 469 -18.37 48.22 -24.29
CA GLU A 469 -18.46 49.61 -23.85
C GLU A 469 -19.71 49.84 -23.00
N GLU A 470 -20.83 49.25 -23.40
CA GLU A 470 -22.07 49.43 -22.65
C GLU A 470 -21.96 48.80 -21.26
N VAL A 471 -21.44 47.57 -21.19
CA VAL A 471 -21.34 46.92 -19.88
C VAL A 471 -20.31 47.61 -19.01
N GLU A 472 -19.25 48.17 -19.59
CA GLU A 472 -18.27 48.90 -18.79
C GLU A 472 -18.86 50.21 -18.26
N SER A 473 -19.63 50.91 -19.09
CA SER A 473 -20.29 52.12 -18.62
C SER A 473 -21.33 51.81 -17.55
N PHE A 474 -21.97 50.65 -17.64
CA PHE A 474 -22.93 50.25 -16.61
C PHE A 474 -22.23 49.87 -15.32
N ALA A 475 -21.05 49.24 -15.41
CA ALA A 475 -20.32 48.81 -14.23
C ALA A 475 -19.60 49.98 -13.55
N SER A 476 -19.24 51.01 -14.30
CA SER A 476 -18.52 52.15 -13.73
C SER A 476 -19.37 52.95 -12.75
N LEU A 477 -20.69 52.73 -12.71
CA LEU A 477 -21.54 53.47 -11.79
C LEU A 477 -21.43 52.96 -10.37
N PHE A 478 -21.09 51.69 -10.19
CA PHE A 478 -21.01 51.13 -8.84
C PHE A 478 -19.58 51.24 -8.31
N PRO A 479 -19.42 51.54 -7.02
CA PRO A 479 -18.07 51.63 -6.45
C PRO A 479 -17.46 50.25 -6.23
N LEU A 480 -16.17 50.26 -5.92
CA LEU A 480 -15.42 49.03 -5.69
C LEU A 480 -14.79 49.08 -4.31
N PRO A 481 -15.12 48.16 -3.40
CA PRO A 481 -14.50 48.17 -2.08
C PRO A 481 -13.02 47.82 -2.15
N GLY A 482 -12.31 48.17 -1.08
CA GLY A 482 -10.88 47.89 -1.00
C GLY A 482 -10.11 48.96 -0.25
N LEU A 483 -9.07 49.49 -0.89
CA LEU A 483 -8.22 50.53 -0.31
C LEU A 483 -7.59 50.08 1.02
N SER B 19 -24.42 56.06 6.11
CA SER B 19 -24.32 54.91 5.20
C SER B 19 -23.49 53.80 5.83
N SER B 20 -23.97 53.25 6.94
CA SER B 20 -23.25 52.19 7.62
C SER B 20 -23.20 50.91 6.78
N HIS B 21 -24.26 50.64 6.01
CA HIS B 21 -24.28 49.44 5.18
C HIS B 21 -23.16 49.46 4.15
N ASP B 22 -22.91 50.62 3.54
CA ASP B 22 -21.82 50.74 2.59
C ASP B 22 -20.47 50.93 3.28
N LYS B 23 -20.47 51.54 4.46
CA LYS B 23 -19.22 51.75 5.18
C LYS B 23 -18.70 50.49 5.85
N MET B 24 -19.54 49.45 5.96
CA MET B 24 -19.10 48.20 6.57
C MET B 24 -17.92 47.59 5.82
N LEU B 25 -17.90 47.73 4.49
CA LEU B 25 -16.79 47.24 3.69
C LEU B 25 -15.66 48.24 3.56
N ALA B 26 -15.81 49.45 4.11
CA ALA B 26 -14.78 50.48 4.05
C ALA B 26 -14.39 51.02 5.41
N GLN B 27 -15.00 50.52 6.49
CA GLN B 27 -14.65 51.00 7.82
C GLN B 27 -13.25 50.55 8.20
N PRO B 28 -12.41 51.43 8.75
CA PRO B 28 -11.06 51.03 9.13
C PRO B 28 -11.07 49.98 10.23
N LEU B 29 -9.92 49.31 10.38
CA LEU B 29 -9.80 48.26 11.39
C LEU B 29 -9.89 48.82 12.81
N LYS B 30 -9.41 50.05 13.01
CA LYS B 30 -9.49 50.65 14.35
C LYS B 30 -10.93 50.89 14.77
N ASP B 31 -11.78 51.28 13.84
CA ASP B 31 -13.19 51.55 14.14
C ASP B 31 -14.04 50.30 14.10
N SER B 32 -13.69 49.32 13.27
CA SER B 32 -14.50 48.11 13.15
C SER B 32 -14.32 47.22 14.38
N ASP B 33 -13.09 46.76 14.64
CA ASP B 33 -12.79 45.87 15.74
C ASP B 33 -11.64 46.47 16.54
N VAL B 34 -11.92 46.91 17.77
CA VAL B 34 -10.89 47.49 18.61
C VAL B 34 -10.07 46.42 19.32
N GLU B 35 -10.62 45.21 19.49
CA GLU B 35 -9.90 44.15 20.20
C GLU B 35 -8.65 43.73 19.43
N VAL B 36 -8.83 43.33 18.16
CA VAL B 36 -7.68 42.91 17.36
C VAL B 36 -6.75 44.09 17.10
N TYR B 37 -7.29 45.31 17.05
CA TYR B 37 -6.44 46.49 16.87
C TYR B 37 -5.52 46.67 18.07
N ASN B 38 -6.06 46.58 19.28
CA ASN B 38 -5.24 46.68 20.47
C ASN B 38 -4.26 45.51 20.58
N ILE B 39 -4.68 44.32 20.13
CA ILE B 39 -3.78 43.17 20.15
C ILE B 39 -2.59 43.41 19.23
N ILE B 40 -2.85 43.90 18.02
CA ILE B 40 -1.77 44.19 17.08
C ILE B 40 -0.88 45.30 17.60
N LYS B 41 -1.46 46.32 18.24
CA LYS B 41 -0.66 47.39 18.80
C LYS B 41 0.26 46.88 19.91
N LYS B 42 -0.28 46.03 20.80
CA LYS B 42 0.54 45.47 21.87
C LYS B 42 1.63 44.56 21.31
N GLU B 43 1.31 43.79 20.26
CA GLU B 43 2.33 42.94 19.64
C GLU B 43 3.45 43.77 19.03
N SER B 44 3.09 44.87 18.35
CA SER B 44 4.10 45.74 17.77
C SER B 44 4.95 46.40 18.85
N ASN B 45 4.32 46.82 19.95
CA ASN B 45 5.06 47.42 21.06
C ASN B 45 6.02 46.41 21.69
N ARG B 46 5.58 45.16 21.83
CA ARG B 46 6.45 44.12 22.39
C ARG B 46 7.61 43.83 21.45
N GLN B 47 7.35 43.75 20.15
CA GLN B 47 8.42 43.47 19.19
C GLN B 47 9.39 44.63 19.08
N ARG B 48 8.93 45.86 19.32
CA ARG B 48 9.80 47.02 19.22
C ARG B 48 10.72 47.14 20.44
N VAL B 49 10.18 46.90 21.64
CA VAL B 49 10.97 47.04 22.87
C VAL B 49 11.59 45.73 23.32
N GLY B 50 11.36 44.64 22.60
CA GLY B 50 11.91 43.34 22.98
C GLY B 50 13.01 42.86 22.06
N LEU B 51 14.15 42.50 22.62
CA LEU B 51 15.25 41.98 21.82
C LEU B 51 14.92 40.57 21.31
N GLU B 52 15.26 40.32 20.05
CA GLU B 52 15.00 39.04 19.41
C GLU B 52 16.31 38.42 18.96
N LEU B 53 16.58 37.20 19.43
CA LEU B 53 17.75 36.42 19.00
C LEU B 53 17.25 35.04 18.57
N ILE B 54 16.80 34.94 17.33
CA ILE B 54 16.27 33.70 16.77
C ILE B 54 16.69 33.64 15.30
N ALA B 55 17.24 32.49 14.89
CA ALA B 55 17.71 32.35 13.52
C ALA B 55 16.56 32.42 12.51
N SER B 56 15.37 31.97 12.90
CA SER B 56 14.22 31.97 12.00
C SER B 56 13.39 33.23 12.10
N GLU B 57 13.68 34.13 13.04
CA GLU B 57 12.93 35.37 13.19
C GLU B 57 13.56 36.48 12.36
N ASN B 58 12.71 37.26 11.71
CA ASN B 58 13.17 38.37 10.89
C ASN B 58 11.99 39.34 10.70
N PHE B 59 12.26 40.43 9.98
CA PHE B 59 11.25 41.44 9.71
C PHE B 59 11.17 41.69 8.21
N ALA B 60 9.95 41.69 7.67
CA ALA B 60 9.74 41.92 6.26
C ALA B 60 9.71 43.41 5.96
N SER B 61 9.94 43.75 4.69
CA SER B 61 9.95 45.14 4.27
C SER B 61 8.51 45.67 4.17
N ARG B 62 8.41 46.98 3.89
CA ARG B 62 7.10 47.61 3.78
C ARG B 62 6.46 47.34 2.42
N ALA B 63 7.27 47.14 1.39
CA ALA B 63 6.72 46.90 0.05
C ALA B 63 5.94 45.59 0.00
N VAL B 64 6.48 44.53 0.59
CA VAL B 64 5.77 43.25 0.60
C VAL B 64 4.52 43.33 1.46
N LEU B 65 4.55 44.14 2.54
CA LEU B 65 3.36 44.30 3.37
C LEU B 65 2.27 45.05 2.62
N GLU B 66 2.66 46.04 1.80
CA GLU B 66 1.68 46.74 0.98
C GLU B 66 1.15 45.83 -0.13
N ALA B 67 2.01 44.95 -0.66
CA ALA B 67 1.58 44.03 -1.71
C ALA B 67 0.63 42.97 -1.16
N LEU B 68 0.81 42.56 0.10
CA LEU B 68 -0.08 41.57 0.68
C LEU B 68 -1.50 42.11 0.85
N GLY B 69 -1.61 43.41 1.13
CA GLY B 69 -2.92 44.03 1.33
C GLY B 69 -3.52 44.57 0.05
N SER B 70 -3.06 44.07 -1.09
CA SER B 70 -3.56 44.50 -2.39
C SER B 70 -4.90 43.82 -2.70
N CYS B 71 -5.49 44.18 -3.83
CA CYS B 71 -6.77 43.63 -4.26
C CYS B 71 -6.65 42.26 -4.93
N LEU B 72 -5.45 41.68 -4.96
CA LEU B 72 -5.25 40.37 -5.58
C LEU B 72 -5.81 39.24 -4.74
N ASN B 73 -6.25 39.50 -3.51
CA ASN B 73 -6.81 38.45 -2.67
C ASN B 73 -8.17 37.97 -3.16
N ASN B 74 -8.83 38.73 -4.03
CA ASN B 74 -10.16 38.38 -4.50
C ASN B 74 -10.16 37.52 -5.76
N LYS B 75 -9.21 37.77 -6.66
CA LYS B 75 -9.19 37.07 -7.94
C LYS B 75 -8.81 35.61 -7.75
N TYR B 76 -9.56 34.72 -8.39
CA TYR B 76 -9.32 33.28 -8.34
C TYR B 76 -8.59 32.87 -9.61
N SER B 77 -7.46 32.20 -9.46
CA SER B 77 -6.54 31.94 -10.57
C SER B 77 -6.09 30.48 -10.60
N GLU B 78 -7.04 29.56 -10.53
CA GLU B 78 -6.71 28.14 -10.68
C GLU B 78 -6.09 27.89 -12.05
N GLY B 79 -4.99 27.15 -12.06
CA GLY B 79 -4.35 26.74 -13.30
C GLY B 79 -2.96 27.29 -13.51
N TYR B 80 -2.48 27.22 -14.75
CA TYR B 80 -1.17 27.70 -15.16
C TYR B 80 -1.33 28.64 -16.33
N PRO B 81 -0.36 29.53 -16.56
CA PRO B 81 -0.46 30.46 -17.69
C PRO B 81 -0.56 29.71 -19.01
N GLY B 82 -1.58 30.05 -19.80
CA GLY B 82 -1.88 29.37 -21.04
C GLY B 82 -2.81 28.18 -20.91
N GLN B 83 -2.96 27.63 -19.72
CA GLN B 83 -3.85 26.51 -19.46
C GLN B 83 -4.74 26.80 -18.27
N ARG B 84 -5.20 28.03 -18.14
CA ARG B 84 -6.05 28.42 -17.02
C ARG B 84 -7.45 27.85 -17.20
N TYR B 85 -8.21 27.86 -16.11
CA TYR B 85 -9.60 27.41 -16.11
C TYR B 85 -10.59 28.55 -16.21
N TYR B 86 -10.30 29.70 -15.60
CA TYR B 86 -11.16 30.87 -15.64
C TYR B 86 -10.56 31.92 -16.58
N GLY B 87 -11.29 33.02 -16.76
CA GLY B 87 -10.89 34.08 -17.64
C GLY B 87 -10.42 35.33 -16.89
N GLY B 88 -9.89 36.27 -17.67
CA GLY B 88 -9.37 37.51 -17.10
C GLY B 88 -8.18 37.29 -16.19
N THR B 89 -7.22 36.49 -16.66
CA THR B 89 -6.02 36.18 -15.89
C THR B 89 -4.75 36.61 -16.63
N GLU B 90 -4.88 37.62 -17.50
CA GLU B 90 -3.71 38.13 -18.21
C GLU B 90 -2.74 38.81 -17.25
N PHE B 91 -3.25 39.66 -16.36
CA PHE B 91 -2.38 40.33 -15.40
C PHE B 91 -1.79 39.35 -14.41
N ILE B 92 -2.57 38.35 -13.99
CA ILE B 92 -2.05 37.34 -13.07
C ILE B 92 -0.96 36.52 -13.75
N ASP B 93 -1.16 36.15 -15.01
CA ASP B 93 -0.14 35.39 -15.74
C ASP B 93 1.12 36.22 -15.91
N GLU B 94 0.98 37.51 -16.24
CA GLU B 94 2.15 38.37 -16.37
C GLU B 94 2.89 38.51 -15.05
N LEU B 95 2.15 38.65 -13.95
CA LEU B 95 2.77 38.78 -12.63
C LEU B 95 3.51 37.51 -12.25
N GLU B 96 2.92 36.34 -12.48
CA GLU B 96 3.60 35.10 -12.13
C GLU B 96 4.78 34.84 -13.05
N THR B 97 4.70 35.25 -14.32
CA THR B 97 5.85 35.15 -15.21
C THR B 97 6.99 36.03 -14.74
N LEU B 98 6.68 37.26 -14.33
CA LEU B 98 7.71 38.14 -13.78
C LEU B 98 8.32 37.54 -12.51
N CYS B 99 7.47 36.95 -11.66
CA CYS B 99 7.95 36.34 -10.43
C CYS B 99 8.90 35.19 -10.72
N GLN B 100 8.54 34.30 -11.64
CA GLN B 100 9.39 33.16 -11.94
C GLN B 100 10.67 33.61 -12.66
N LYS B 101 10.59 34.66 -13.49
CA LYS B 101 11.79 35.18 -14.13
C LYS B 101 12.75 35.76 -13.10
N ARG B 102 12.23 36.52 -12.13
CA ARG B 102 13.07 37.06 -11.08
C ARG B 102 13.64 35.95 -10.19
N ALA B 103 12.86 34.90 -9.96
CA ALA B 103 13.37 33.77 -9.19
C ALA B 103 14.50 33.06 -9.91
N LEU B 104 14.38 32.90 -11.23
CA LEU B 104 15.44 32.26 -12.00
C LEU B 104 16.68 33.14 -12.08
N GLN B 105 16.49 34.46 -12.17
CA GLN B 105 17.62 35.38 -12.27
C GLN B 105 18.28 35.65 -10.92
N ALA B 106 17.58 35.40 -9.81
CA ALA B 106 18.17 35.68 -8.51
C ALA B 106 19.30 34.71 -8.17
N TYR B 107 19.20 33.46 -8.63
CA TYR B 107 20.23 32.45 -8.37
C TYR B 107 21.15 32.24 -9.56
N LYS B 108 20.99 33.02 -10.63
CA LYS B 108 21.82 32.92 -11.83
C LYS B 108 21.76 31.51 -12.43
N LEU B 109 20.54 31.10 -12.77
CA LEU B 109 20.28 29.78 -13.33
C LEU B 109 19.88 29.91 -14.79
N ASP B 110 20.28 28.96 -15.59
CA ASP B 110 19.93 28.94 -17.02
C ASP B 110 18.45 28.61 -17.17
N PRO B 111 17.64 29.48 -17.77
CA PRO B 111 16.21 29.17 -17.92
C PRO B 111 15.93 27.92 -18.74
N GLN B 112 16.84 27.56 -19.65
CA GLN B 112 16.63 26.36 -20.47
C GLN B 112 16.87 25.08 -19.69
N CYS B 113 17.55 25.16 -18.54
CA CYS B 113 17.86 23.97 -17.75
C CYS B 113 17.21 23.96 -16.38
N TRP B 114 16.67 25.08 -15.90
CA TRP B 114 16.08 25.16 -14.58
C TRP B 114 14.68 25.74 -14.67
N GLY B 115 13.77 25.18 -13.86
CA GLY B 115 12.43 25.71 -13.75
C GLY B 115 12.05 25.89 -12.30
N VAL B 116 11.21 26.90 -12.05
CA VAL B 116 10.81 27.27 -10.71
C VAL B 116 9.29 27.30 -10.63
N ASN B 117 8.75 26.93 -9.47
CA ASN B 117 7.32 26.94 -9.21
C ASN B 117 7.08 27.60 -7.86
N VAL B 118 6.14 28.54 -7.82
CA VAL B 118 5.82 29.28 -6.60
C VAL B 118 4.38 29.07 -6.16
N GLN B 119 3.70 28.07 -6.71
CA GLN B 119 2.32 27.76 -6.37
C GLN B 119 2.16 27.12 -4.99
N PRO B 120 3.07 26.25 -4.53
CA PRO B 120 2.95 25.72 -3.17
C PRO B 120 2.84 26.84 -2.13
N TYR B 121 2.04 26.58 -1.10
CA TYR B 121 1.75 27.61 -0.10
C TYR B 121 2.94 27.84 0.83
N SER B 122 3.66 26.78 1.18
CA SER B 122 4.77 26.89 2.13
C SER B 122 5.80 25.81 1.80
N GLY B 123 6.75 25.62 2.72
CA GLY B 123 7.80 24.64 2.47
C GLY B 123 7.31 23.22 2.59
N SER B 124 6.55 22.91 3.64
CA SER B 124 6.03 21.56 3.82
C SER B 124 5.04 21.15 2.72
N PRO B 125 4.11 22.00 2.26
CA PRO B 125 3.30 21.59 1.11
C PRO B 125 4.13 21.34 -0.14
N ALA B 126 5.16 22.15 -0.37
CA ALA B 126 6.04 21.93 -1.51
C ALA B 126 6.75 20.59 -1.40
N ASN B 127 7.26 20.25 -0.21
CA ASN B 127 7.92 18.97 0.00
C ASN B 127 6.95 17.82 -0.22
N PHE B 128 5.72 17.96 0.28
CA PHE B 128 4.73 16.90 0.09
C PHE B 128 4.37 16.73 -1.38
N ALA B 129 4.28 17.84 -2.12
CA ALA B 129 4.00 17.75 -3.55
C ALA B 129 5.14 17.08 -4.30
N VAL B 130 6.38 17.43 -3.96
CA VAL B 130 7.53 16.77 -4.57
C VAL B 130 7.51 15.28 -4.25
N TYR B 131 7.11 14.93 -3.02
CA TYR B 131 7.05 13.52 -2.63
C TYR B 131 6.00 12.76 -3.45
N THR B 132 4.80 13.34 -3.57
CA THR B 132 3.76 12.70 -4.37
C THR B 132 4.15 12.63 -5.84
N ALA B 133 4.98 13.56 -6.31
CA ALA B 133 5.37 13.57 -7.71
C ALA B 133 6.47 12.57 -8.03
N LEU B 134 7.42 12.38 -7.12
CA LEU B 134 8.61 11.59 -7.39
C LEU B 134 8.69 10.28 -6.62
N VAL B 135 8.27 10.26 -5.36
CA VAL B 135 8.51 9.08 -4.53
C VAL B 135 7.57 7.92 -4.84
N GLU B 136 6.40 8.17 -5.45
CA GLU B 136 5.41 7.13 -5.66
C GLU B 136 5.07 6.49 -4.32
N PRO B 137 4.24 7.15 -3.49
CA PRO B 137 4.04 6.76 -2.09
C PRO B 137 3.97 5.25 -1.83
N HIS B 138 4.51 4.85 -0.67
CA HIS B 138 4.92 3.50 -0.29
C HIS B 138 6.28 3.18 -0.90
N GLY B 139 6.97 4.17 -1.46
CA GLY B 139 8.33 4.00 -1.93
C GLY B 139 9.32 4.07 -0.78
N ARG B 140 10.57 4.37 -1.14
CA ARG B 140 11.67 4.41 -0.18
C ARG B 140 12.39 5.74 -0.27
N ILE B 141 12.61 6.37 0.89
CA ILE B 141 13.31 7.64 0.97
C ILE B 141 14.44 7.50 1.99
N MET B 142 15.51 8.27 1.78
CA MET B 142 16.62 8.33 2.72
C MET B 142 16.91 9.80 3.02
N GLY B 143 16.65 10.21 4.27
CA GLY B 143 16.87 11.57 4.69
C GLY B 143 17.63 11.63 6.00
N LEU B 144 17.94 12.85 6.43
CA LEU B 144 18.68 13.06 7.66
C LEU B 144 17.78 12.84 8.88
N ASP B 145 18.40 12.41 9.98
CA ASP B 145 17.67 12.15 11.20
C ASP B 145 17.26 13.47 11.87
N LEU B 146 16.11 13.43 12.55
CA LEU B 146 15.54 14.67 13.09
C LEU B 146 16.34 15.21 14.27
N PRO B 147 16.56 14.44 15.36
CA PRO B 147 17.29 15.01 16.50
C PRO B 147 18.76 15.26 16.23
N ASP B 148 19.29 14.82 15.09
CA ASP B 148 20.69 15.06 14.73
C ASP B 148 20.84 16.24 13.77
N GLY B 149 19.90 17.18 13.80
CA GLY B 149 19.97 18.34 12.92
C GLY B 149 19.03 18.25 11.74
N PHE B 156 11.34 10.75 10.00
CA PHE B 156 11.22 10.57 11.44
C PHE B 156 10.05 9.64 11.78
N MET B 157 10.37 8.53 12.47
CA MET B 157 9.36 7.56 12.85
C MET B 157 9.81 6.84 14.11
N THR B 158 8.85 6.30 14.84
CA THR B 158 9.10 5.56 16.06
C THR B 158 8.66 4.11 15.88
N ASP B 159 8.98 3.29 16.89
CA ASP B 159 8.62 1.88 16.85
C ASP B 159 7.16 1.64 17.25
N LYS B 160 6.51 2.61 17.88
CA LYS B 160 5.13 2.45 18.31
C LYS B 160 4.13 3.13 17.38
N LYS B 161 4.48 4.28 16.80
CA LYS B 161 3.58 4.98 15.91
C LYS B 161 4.40 5.91 15.03
N LYS B 162 3.74 6.47 14.01
CA LYS B 162 4.36 7.40 13.08
C LYS B 162 3.75 8.78 13.28
N ILE B 163 4.61 9.79 13.46
CA ILE B 163 4.17 11.15 13.72
C ILE B 163 4.11 11.93 12.41
N SER B 164 5.24 12.04 11.73
CA SER B 164 5.31 12.80 10.49
C SER B 164 4.58 12.07 9.37
N ALA B 165 3.96 12.85 8.48
CA ALA B 165 3.24 12.25 7.36
C ALA B 165 4.20 11.59 6.36
N THR B 166 5.45 12.02 6.33
CA THR B 166 6.43 11.38 5.46
C THR B 166 6.66 9.93 5.87
N SER B 167 6.62 9.65 7.17
CA SER B 167 6.73 8.27 7.65
C SER B 167 5.42 7.50 7.51
N ILE B 168 4.28 8.20 7.45
CA ILE B 168 3.00 7.52 7.33
C ILE B 168 2.76 7.07 5.90
N PHE B 169 2.91 8.00 4.94
CA PHE B 169 2.63 7.69 3.55
C PHE B 169 3.83 7.14 2.79
N PHE B 170 5.04 7.23 3.35
CA PHE B 170 6.23 6.74 2.70
C PHE B 170 7.08 5.97 3.70
N GLU B 171 8.00 5.17 3.18
CA GLU B 171 8.95 4.42 3.99
C GLU B 171 10.30 5.13 3.95
N SER B 172 10.85 5.42 5.12
CA SER B 172 12.09 6.16 5.23
C SER B 172 13.02 5.50 6.24
N MET B 173 14.30 5.44 5.90
CA MET B 173 15.33 4.92 6.80
C MET B 173 16.42 5.99 6.93
N PRO B 174 16.46 6.73 8.03
CA PRO B 174 17.45 7.81 8.14
C PRO B 174 18.86 7.29 8.34
N TYR B 175 19.83 8.11 7.96
CA TYR B 175 21.24 7.84 8.17
C TYR B 175 21.76 8.75 9.29
N LYS B 176 22.62 8.19 10.13
CA LYS B 176 23.06 8.87 11.34
C LYS B 176 24.41 9.55 11.11
N VAL B 177 24.57 10.74 11.69
CA VAL B 177 25.85 11.43 11.64
C VAL B 177 26.84 10.75 12.57
N ASN B 178 28.13 10.88 12.26
CA ASN B 178 29.15 10.27 13.09
C ASN B 178 29.18 10.95 14.46
N PRO B 179 29.03 10.20 15.56
CA PRO B 179 28.99 10.84 16.88
C PRO B 179 30.35 11.33 17.37
N ASP B 180 31.45 10.92 16.74
CA ASP B 180 32.78 11.32 17.20
C ASP B 180 33.24 12.60 16.53
N THR B 181 33.33 12.60 15.19
CA THR B 181 33.81 13.77 14.47
C THR B 181 32.70 14.75 14.09
N GLY B 182 31.48 14.26 13.92
CA GLY B 182 30.37 15.14 13.59
C GLY B 182 30.14 15.33 12.11
N TYR B 183 30.50 14.36 11.28
CA TYR B 183 30.30 14.43 9.84
C TYR B 183 29.51 13.21 9.36
N ILE B 184 28.94 13.33 8.16
CA ILE B 184 28.14 12.25 7.61
C ILE B 184 29.04 11.08 7.25
N ASN B 185 28.68 9.89 7.73
CA ASN B 185 29.43 8.67 7.41
C ASN B 185 29.06 8.25 6.00
N TYR B 186 29.90 8.66 5.04
CA TYR B 186 29.57 8.47 3.63
C TYR B 186 29.67 7.02 3.21
N ASP B 187 30.61 6.26 3.78
CA ASP B 187 30.72 4.84 3.43
C ASP B 187 29.51 4.06 3.91
N GLN B 188 29.11 4.25 5.17
CA GLN B 188 27.90 3.62 5.67
C GLN B 188 26.67 4.11 4.92
N LEU B 189 26.66 5.37 4.50
CA LEU B 189 25.55 5.88 3.70
C LEU B 189 25.45 5.15 2.37
N GLU B 190 26.59 4.96 1.70
CA GLU B 190 26.59 4.21 0.44
C GLU B 190 26.15 2.78 0.64
N GLU B 191 26.60 2.14 1.73
CA GLU B 191 26.20 0.77 2.01
C GLU B 191 24.70 0.66 2.23
N ASN B 192 24.16 1.54 3.09
CA ASN B 192 22.72 1.52 3.34
C ASN B 192 21.91 1.87 2.11
N ALA B 193 22.47 2.70 1.22
CA ALA B 193 21.75 3.05 0.00
C ALA B 193 21.71 1.88 -0.98
N ARG B 194 22.85 1.21 -1.16
CA ARG B 194 22.88 0.07 -2.06
C ARG B 194 22.15 -1.15 -1.49
N LEU B 195 21.98 -1.21 -0.17
CA LEU B 195 21.21 -2.30 0.42
C LEU B 195 19.72 -2.00 0.53
N PHE B 196 19.35 -0.72 0.59
CA PHE B 196 17.95 -0.33 0.76
C PHE B 196 17.27 0.05 -0.54
N HIS B 197 18.02 0.47 -1.56
CA HIS B 197 17.50 0.84 -2.87
C HIS B 197 16.45 1.95 -2.75
N PRO B 198 16.86 3.16 -2.40
CA PRO B 198 15.89 4.25 -2.25
C PRO B 198 15.51 4.86 -3.60
N LYS B 199 14.55 5.78 -3.55
CA LYS B 199 14.11 6.50 -4.72
C LYS B 199 14.44 7.99 -4.70
N LEU B 200 14.72 8.55 -3.52
CA LEU B 200 15.05 9.97 -3.41
C LEU B 200 15.89 10.17 -2.16
N ILE B 201 16.98 10.93 -2.30
CA ILE B 201 17.88 11.24 -1.20
C ILE B 201 17.66 12.70 -0.80
N ILE B 202 17.40 12.92 0.49
CA ILE B 202 17.11 14.25 0.99
C ILE B 202 18.42 14.88 1.46
N ALA B 203 18.93 15.83 0.68
CA ALA B 203 20.13 16.57 1.04
C ALA B 203 19.80 17.86 1.78
N GLY B 204 19.00 17.73 2.84
CA GLY B 204 18.59 18.88 3.62
C GLY B 204 18.84 18.66 5.10
N THR B 205 18.85 19.77 5.84
CA THR B 205 19.12 19.73 7.26
C THR B 205 18.61 21.01 7.90
N SER B 206 18.39 20.95 9.21
CA SER B 206 17.93 22.09 10.00
C SER B 206 19.01 22.67 10.89
N CYS B 207 19.84 21.83 11.51
CA CYS B 207 20.92 22.26 12.39
C CYS B 207 22.20 21.56 11.95
N TYR B 208 22.91 22.16 10.99
CA TYR B 208 24.16 21.61 10.51
C TYR B 208 24.99 22.78 9.95
N SER B 209 25.98 23.23 10.72
CA SER B 209 26.80 24.36 10.28
C SER B 209 27.80 23.96 9.21
N ARG B 210 28.22 22.71 9.18
CA ARG B 210 29.21 22.27 8.21
C ARG B 210 28.58 22.07 6.84
N ASN B 211 29.36 22.35 5.80
CA ASN B 211 28.88 22.23 4.43
C ASN B 211 28.84 20.77 4.00
N LEU B 212 27.77 20.39 3.32
CA LEU B 212 27.61 19.02 2.84
C LEU B 212 28.34 18.83 1.52
N GLU B 213 28.77 17.59 1.28
CA GLU B 213 29.45 17.22 0.04
C GLU B 213 28.38 16.86 -0.99
N TYR B 214 27.99 17.85 -1.79
CA TYR B 214 26.93 17.63 -2.77
C TYR B 214 27.38 16.76 -3.92
N ALA B 215 28.68 16.83 -4.28
CA ALA B 215 29.18 16.02 -5.39
C ALA B 215 29.11 14.53 -5.06
N ARG B 216 29.46 14.16 -3.83
CA ARG B 216 29.41 12.75 -3.44
C ARG B 216 27.97 12.25 -3.39
N LEU B 217 27.05 13.07 -2.87
CA LEU B 217 25.64 12.68 -2.88
C LEU B 217 25.12 12.54 -4.31
N ARG B 218 25.56 13.43 -5.21
CA ARG B 218 25.14 13.33 -6.59
C ARG B 218 25.66 12.06 -7.25
N LYS B 219 26.93 11.70 -7.00
CA LYS B 219 27.46 10.48 -7.59
C LYS B 219 26.81 9.24 -6.98
N ILE B 220 26.44 9.30 -5.70
CA ILE B 220 25.72 8.19 -5.08
C ILE B 220 24.35 8.02 -5.73
N ALA B 221 23.64 9.14 -5.93
CA ALA B 221 22.32 9.08 -6.56
C ALA B 221 22.43 8.59 -8.00
N ASP B 222 23.51 8.95 -8.69
CA ASP B 222 23.70 8.48 -10.06
C ASP B 222 24.03 6.99 -10.09
N GLU B 223 24.80 6.51 -9.11
CA GLU B 223 25.09 5.09 -9.03
C GLU B 223 23.84 4.28 -8.72
N ASN B 224 22.99 4.78 -7.82
CA ASN B 224 21.78 4.08 -7.45
C ASN B 224 20.58 4.44 -8.32
N GLY B 225 20.72 5.42 -9.22
CA GLY B 225 19.63 5.81 -10.08
C GLY B 225 18.52 6.58 -9.42
N ALA B 226 18.73 7.09 -8.22
CA ALA B 226 17.72 7.85 -7.48
C ALA B 226 17.95 9.35 -7.68
N TYR B 227 16.96 10.12 -7.23
CA TYR B 227 17.03 11.58 -7.32
C TYR B 227 17.59 12.16 -6.02
N LEU B 228 18.02 13.42 -6.11
CA LEU B 228 18.58 14.15 -4.98
C LEU B 228 17.78 15.42 -4.75
N MET B 229 17.28 15.57 -3.52
CA MET B 229 16.49 16.75 -3.14
C MET B 229 17.21 17.48 -2.02
N ALA B 230 17.48 18.76 -2.23
CA ALA B 230 18.13 19.61 -1.24
C ALA B 230 17.13 20.58 -0.64
N ASP B 231 17.37 20.95 0.62
CA ASP B 231 16.51 21.87 1.36
C ASP B 231 17.38 23.03 1.84
N MET B 232 17.44 24.09 1.05
CA MET B 232 18.23 25.28 1.37
C MET B 232 17.39 26.41 1.94
N ALA B 233 16.36 26.08 2.73
CA ALA B 233 15.48 27.10 3.29
C ALA B 233 16.24 28.02 4.22
N HIS B 234 16.82 27.47 5.29
CA HIS B 234 17.51 28.27 6.30
C HIS B 234 18.70 29.04 5.74
N ILE B 235 19.15 28.73 4.54
CA ILE B 235 20.26 29.43 3.91
C ILE B 235 19.85 30.05 2.57
N SER B 236 18.54 30.21 2.35
CA SER B 236 18.04 30.70 1.07
C SER B 236 18.65 32.05 0.72
N GLY B 237 18.88 32.90 1.73
CA GLY B 237 19.55 34.17 1.48
C GLY B 237 21.05 34.04 1.40
N LEU B 238 21.64 33.11 2.14
CA LEU B 238 23.09 32.96 2.16
C LEU B 238 23.61 32.55 0.78
N VAL B 239 22.85 31.71 0.07
CA VAL B 239 23.22 31.36 -1.30
C VAL B 239 22.98 32.52 -2.25
N ALA B 240 22.09 33.45 -1.90
CA ALA B 240 21.82 34.59 -2.78
C ALA B 240 23.03 35.51 -2.88
N ALA B 241 23.77 35.68 -1.79
CA ALA B 241 24.94 36.53 -1.77
C ALA B 241 26.22 35.80 -2.13
N GLY B 242 26.15 34.50 -2.41
CA GLY B 242 27.34 33.75 -2.77
C GLY B 242 28.27 33.45 -1.62
N VAL B 243 27.79 33.55 -0.37
CA VAL B 243 28.65 33.25 0.77
C VAL B 243 28.76 31.74 0.97
N VAL B 244 27.70 31.00 0.66
CA VAL B 244 27.69 29.55 0.80
C VAL B 244 27.66 28.94 -0.60
N PRO B 245 28.43 27.89 -0.87
CA PRO B 245 28.39 27.26 -2.20
C PRO B 245 26.98 26.84 -2.58
N SER B 246 26.61 27.13 -3.82
CA SER B 246 25.25 26.86 -4.27
C SER B 246 25.04 25.37 -4.47
N PRO B 247 23.94 24.80 -3.96
CA PRO B 247 23.68 23.37 -4.17
C PRO B 247 23.09 23.04 -5.54
N PHE B 248 22.79 24.05 -6.37
CA PHE B 248 22.21 23.81 -7.68
C PHE B 248 23.18 23.14 -8.65
N GLU B 249 24.46 23.04 -8.29
CA GLU B 249 25.44 22.46 -9.19
C GLU B 249 25.32 20.94 -9.30
N HIS B 250 24.77 20.29 -8.29
CA HIS B 250 24.69 18.83 -8.30
C HIS B 250 23.29 18.30 -8.06
N CYS B 251 22.51 18.93 -7.18
CA CYS B 251 21.19 18.41 -6.84
C CYS B 251 20.22 18.61 -8.00
N HIS B 252 19.32 17.64 -8.16
CA HIS B 252 18.30 17.72 -9.21
C HIS B 252 17.16 18.63 -8.81
N VAL B 253 16.50 18.30 -7.69
CA VAL B 253 15.39 19.08 -7.16
C VAL B 253 15.89 19.87 -5.97
N VAL B 254 15.57 21.17 -5.95
CA VAL B 254 15.98 22.07 -4.88
C VAL B 254 14.74 22.79 -4.38
N THR B 255 14.28 22.43 -3.19
CA THR B 255 13.15 23.09 -2.56
C THR B 255 13.63 24.04 -1.47
N THR B 256 12.93 25.15 -1.32
CA THR B 256 13.28 26.17 -0.35
C THR B 256 12.04 27.01 -0.05
N THR B 257 12.23 28.03 0.78
CA THR B 257 11.16 28.95 1.14
C THR B 257 11.63 30.38 0.87
N THR B 258 10.83 31.35 1.33
CA THR B 258 11.11 32.76 1.10
C THR B 258 11.41 33.55 2.37
N HIS B 259 11.06 33.04 3.55
CA HIS B 259 11.27 33.80 4.77
C HIS B 259 12.50 33.34 5.53
N LYS B 260 12.77 34.01 6.66
CA LYS B 260 13.85 33.74 7.62
C LYS B 260 15.22 34.13 7.07
N THR B 261 15.31 34.36 5.76
CA THR B 261 16.56 34.89 5.19
C THR B 261 16.31 36.10 4.30
N LEU B 262 15.27 36.05 3.46
CA LEU B 262 15.03 37.07 2.44
C LEU B 262 14.10 38.18 2.91
N ARG B 263 13.60 38.11 4.14
CA ARG B 263 12.68 39.11 4.68
C ARG B 263 11.41 39.22 3.85
N GLY B 264 10.94 38.09 3.31
CA GLY B 264 9.75 38.04 2.49
C GLY B 264 8.57 37.43 3.22
N CYS B 265 7.51 37.20 2.44
CA CYS B 265 6.31 36.58 2.97
C CYS B 265 6.48 35.06 3.07
N ARG B 266 5.46 34.39 3.58
CA ARG B 266 5.50 32.94 3.74
C ARG B 266 5.06 32.27 2.46
N ALA B 267 5.99 31.59 1.79
CA ALA B 267 5.71 30.88 0.55
C ALA B 267 6.80 29.86 0.33
N GLY B 268 6.64 29.06 -0.73
CA GLY B 268 7.61 28.03 -1.06
C GLY B 268 7.94 28.05 -2.53
N MET B 269 9.16 27.62 -2.84
CA MET B 269 9.66 27.55 -4.21
C MET B 269 10.30 26.19 -4.46
N ILE B 270 10.10 25.68 -5.67
CA ILE B 270 10.63 24.38 -6.07
C ILE B 270 11.44 24.56 -7.34
N PHE B 271 12.70 24.13 -7.31
CA PHE B 271 13.59 24.19 -8.46
C PHE B 271 13.82 22.78 -8.98
N TYR B 272 13.64 22.59 -10.28
CA TYR B 272 13.81 21.29 -10.91
C TYR B 272 14.64 21.43 -12.18
N ARG B 273 15.29 20.34 -12.55
CA ARG B 273 16.15 20.32 -13.73
C ARG B 273 15.33 20.19 -15.00
N LYS B 274 15.86 20.74 -16.09
CA LYS B 274 15.22 20.68 -17.40
C LYS B 274 16.29 20.42 -18.45
N GLY B 275 15.88 19.75 -19.53
CA GLY B 275 16.76 19.46 -20.65
C GLY B 275 16.98 17.96 -20.81
N VAL B 276 18.19 17.60 -21.22
CA VAL B 276 18.57 16.21 -21.45
C VAL B 276 19.19 15.67 -20.16
N LYS B 277 18.65 14.56 -19.67
CA LYS B 277 19.20 13.93 -18.47
C LYS B 277 20.54 13.27 -18.77
N SER B 278 20.55 12.29 -19.67
CA SER B 278 21.77 11.60 -20.04
C SER B 278 21.53 10.85 -21.34
N VAL B 279 22.47 10.97 -22.28
CA VAL B 279 22.36 10.28 -23.55
C VAL B 279 22.75 8.82 -23.37
N ASP B 280 21.97 7.92 -23.96
CA ASP B 280 22.21 6.49 -23.82
C ASP B 280 23.10 6.01 -24.95
N PRO B 281 24.33 5.56 -24.68
CA PRO B 281 25.19 5.06 -25.76
C PRO B 281 24.77 3.70 -26.30
N LYS B 282 23.86 3.01 -25.63
CA LYS B 282 23.43 1.69 -26.12
C LYS B 282 22.57 1.81 -27.37
N THR B 283 21.69 2.81 -27.41
CA THR B 283 20.82 3.02 -28.56
C THR B 283 21.09 4.32 -29.30
N GLY B 284 22.04 5.12 -28.84
CA GLY B 284 22.35 6.38 -29.49
C GLY B 284 21.32 7.47 -29.33
N LYS B 285 20.29 7.26 -28.52
CA LYS B 285 19.24 8.24 -28.30
C LYS B 285 19.45 8.95 -26.96
N GLU B 286 18.75 10.05 -26.79
CA GLU B 286 18.82 10.87 -25.58
C GLU B 286 17.52 10.80 -24.81
N ILE B 287 17.62 10.99 -23.49
CA ILE B 287 16.46 10.96 -22.59
C ILE B 287 16.28 12.35 -22.00
N LEU B 288 15.05 12.84 -22.06
CA LEU B 288 14.71 14.16 -21.52
C LEU B 288 14.15 14.03 -20.11
N TYR B 289 14.24 15.13 -19.36
CA TYR B 289 13.72 15.16 -18.01
C TYR B 289 12.20 15.10 -18.01
N ASN B 290 11.64 14.63 -16.90
CA ASN B 290 10.19 14.55 -16.76
C ASN B 290 9.72 15.05 -15.40
N LEU B 291 10.57 15.78 -14.66
CA LEU B 291 10.19 16.26 -13.34
C LEU B 291 9.20 17.40 -13.42
N GLU B 292 9.28 18.21 -14.48
CA GLU B 292 8.43 19.39 -14.59
C GLU B 292 6.95 19.01 -14.63
N SER B 293 6.59 18.08 -15.51
CA SER B 293 5.18 17.69 -15.64
C SER B 293 4.68 17.01 -14.37
N LEU B 294 5.51 16.16 -13.76
CA LEU B 294 5.09 15.49 -12.53
C LEU B 294 4.86 16.48 -11.40
N ILE B 295 5.76 17.45 -11.24
CA ILE B 295 5.58 18.45 -10.20
C ILE B 295 4.35 19.31 -10.48
N ASN B 296 4.17 19.73 -11.72
CA ASN B 296 3.02 20.56 -12.05
C ASN B 296 1.71 19.82 -11.82
N SER B 297 1.70 18.51 -12.07
CA SER B 297 0.49 17.73 -11.78
C SER B 297 0.31 17.50 -10.28
N ALA B 298 1.42 17.41 -9.53
CA ALA B 298 1.31 17.16 -8.10
C ALA B 298 0.82 18.39 -7.34
N VAL B 299 1.26 19.58 -7.75
CA VAL B 299 0.82 20.79 -7.06
C VAL B 299 -0.64 21.10 -7.38
N PHE B 300 -1.03 21.01 -8.65
CA PHE B 300 -2.39 21.33 -9.04
C PHE B 300 -2.82 20.44 -10.20
N PRO B 301 -4.00 19.82 -10.13
CA PRO B 301 -4.92 19.90 -8.99
C PRO B 301 -4.68 18.80 -7.96
N GLY B 302 -3.42 18.43 -7.75
CA GLY B 302 -3.09 17.36 -6.83
C GLY B 302 -3.42 17.66 -5.38
N LEU B 303 -2.75 18.66 -4.81
CA LEU B 303 -2.94 19.02 -3.40
C LEU B 303 -3.64 20.35 -3.21
N GLN B 304 -3.12 21.41 -3.81
CA GLN B 304 -3.65 22.75 -3.63
C GLN B 304 -4.58 23.12 -4.79
N GLY B 305 -5.33 24.21 -4.58
CA GLY B 305 -6.23 24.71 -5.60
C GLY B 305 -5.84 26.08 -6.10
N GLY B 306 -6.61 27.10 -5.71
CA GLY B 306 -6.33 28.46 -6.11
C GLY B 306 -5.14 29.05 -5.38
N PRO B 307 -4.12 29.46 -6.12
CA PRO B 307 -2.93 30.04 -5.50
C PRO B 307 -3.22 31.42 -4.92
N HIS B 308 -2.28 31.90 -4.12
CA HIS B 308 -2.36 33.22 -3.48
C HIS B 308 -1.59 34.22 -4.33
N ASN B 309 -2.32 35.10 -5.01
CA ASN B 309 -1.68 36.09 -5.88
C ASN B 309 -0.90 37.11 -5.07
N HIS B 310 -1.42 37.51 -3.90
CA HIS B 310 -0.71 38.45 -3.05
C HIS B 310 0.61 37.88 -2.57
N ALA B 311 0.63 36.57 -2.24
CA ALA B 311 1.88 35.94 -1.84
C ALA B 311 2.88 35.92 -2.98
N ILE B 312 2.41 35.65 -4.20
CA ILE B 312 3.32 35.65 -5.35
C ILE B 312 3.87 37.05 -5.60
N ALA B 313 3.03 38.08 -5.45
CA ALA B 313 3.51 39.44 -5.62
C ALA B 313 4.55 39.81 -4.56
N GLY B 314 4.30 39.43 -3.31
CA GLY B 314 5.27 39.68 -2.26
C GLY B 314 6.58 38.95 -2.49
N VAL B 315 6.51 37.71 -2.98
CA VAL B 315 7.71 36.95 -3.29
C VAL B 315 8.49 37.61 -4.42
N ALA B 316 7.78 38.10 -5.44
CA ALA B 316 8.45 38.79 -6.54
C ALA B 316 9.13 40.06 -6.05
N VAL B 317 8.45 40.82 -5.18
CA VAL B 317 9.05 42.04 -4.64
C VAL B 317 10.29 41.71 -3.82
N ALA B 318 10.21 40.68 -2.99
CA ALA B 318 11.37 40.29 -2.17
C ALA B 318 12.52 39.81 -3.04
N LEU B 319 12.22 39.09 -4.11
CA LEU B 319 13.27 38.61 -5.00
C LEU B 319 13.92 39.75 -5.77
N LYS B 320 13.13 40.75 -6.16
CA LYS B 320 13.71 41.92 -6.82
C LYS B 320 14.57 42.73 -5.84
N GLN B 321 14.14 42.85 -4.59
CA GLN B 321 14.93 43.55 -3.60
C GLN B 321 16.20 42.78 -3.23
N ALA B 322 16.18 41.46 -3.37
CA ALA B 322 17.34 40.65 -3.01
C ALA B 322 18.42 40.69 -4.09
N MET B 323 18.10 41.09 -5.31
CA MET B 323 19.06 41.14 -6.41
C MET B 323 19.85 42.43 -6.46
N THR B 324 19.92 43.17 -5.36
CA THR B 324 20.67 44.41 -5.28
C THR B 324 21.94 44.22 -4.48
N LEU B 325 22.84 45.21 -4.57
CA LEU B 325 24.07 45.16 -3.81
C LEU B 325 23.82 45.35 -2.32
N GLU B 326 22.72 46.02 -1.96
CA GLU B 326 22.38 46.19 -0.56
C GLU B 326 22.15 44.86 0.14
N PHE B 327 21.63 43.86 -0.59
CA PHE B 327 21.43 42.55 0.00
C PHE B 327 22.78 41.89 0.32
N LYS B 328 23.74 42.00 -0.59
CA LYS B 328 25.07 41.45 -0.32
C LYS B 328 25.75 42.18 0.83
N VAL B 329 25.60 43.51 0.90
CA VAL B 329 26.15 44.26 2.01
C VAL B 329 25.50 43.82 3.32
N TYR B 330 24.19 43.58 3.30
CA TYR B 330 23.50 43.13 4.51
C TYR B 330 23.97 41.74 4.93
N GLN B 331 24.21 40.84 3.97
CA GLN B 331 24.70 39.52 4.32
C GLN B 331 26.12 39.57 4.88
N HIS B 332 26.98 40.42 4.31
CA HIS B 332 28.31 40.60 4.86
C HIS B 332 28.24 41.17 6.27
N GLN B 333 27.34 42.13 6.51
CA GLN B 333 27.16 42.65 7.85
C GLN B 333 26.67 41.56 8.80
N VAL B 334 25.79 40.67 8.31
CA VAL B 334 25.27 39.59 9.13
C VAL B 334 26.41 38.67 9.56
N VAL B 335 27.25 38.26 8.61
CA VAL B 335 28.32 37.32 8.96
C VAL B 335 29.36 38.00 9.84
N ALA B 336 29.62 39.29 9.61
CA ALA B 336 30.56 40.01 10.46
C ALA B 336 30.04 40.14 11.89
N ASN B 337 28.76 40.46 12.04
CA ASN B 337 28.18 40.57 13.38
C ASN B 337 28.11 39.21 14.06
N CYS B 338 27.88 38.14 13.31
CA CYS B 338 27.91 36.80 13.89
C CYS B 338 29.31 36.45 14.40
N ARG B 339 30.34 36.77 13.61
CA ARG B 339 31.72 36.55 14.06
C ARG B 339 32.02 37.39 15.30
N ALA B 340 31.54 38.63 15.32
CA ALA B 340 31.77 39.50 16.48
C ALA B 340 31.08 38.95 17.72
N LEU B 341 29.85 38.44 17.56
CA LEU B 341 29.15 37.84 18.70
C LEU B 341 29.87 36.60 19.20
N SER B 342 30.38 35.78 18.28
CA SER B 342 31.14 34.60 18.70
C SER B 342 32.40 35.00 19.46
N GLU B 343 33.11 36.01 18.98
CA GLU B 343 34.31 36.47 19.67
C GLU B 343 33.97 37.05 21.04
N ALA B 344 32.86 37.79 21.15
CA ALA B 344 32.47 38.36 22.42
C ALA B 344 32.06 37.27 23.42
N LEU B 345 31.39 36.23 22.94
CA LEU B 345 31.03 35.13 23.82
C LEU B 345 32.26 34.34 24.25
N THR B 346 33.24 34.19 23.35
CA THR B 346 34.48 33.50 23.72
C THR B 346 35.31 34.32 24.70
N GLU B 347 35.25 35.65 24.60
CA GLU B 347 36.05 36.50 25.48
C GLU B 347 35.57 36.40 26.93
N LEU B 348 34.26 36.40 27.14
CA LEU B 348 33.72 36.37 28.50
C LEU B 348 33.90 35.02 29.19
N GLY B 349 34.34 34.00 28.47
CA GLY B 349 34.59 32.70 29.06
C GLY B 349 33.57 31.62 28.76
N TYR B 350 32.80 31.76 27.69
CA TYR B 350 31.81 30.75 27.32
C TYR B 350 32.42 29.76 26.33
N LYS B 351 31.92 28.52 26.39
CA LYS B 351 32.42 27.44 25.55
C LYS B 351 31.51 27.29 24.33
N ILE B 352 31.99 27.73 23.17
CA ILE B 352 31.26 27.58 21.92
C ILE B 352 31.69 26.27 21.29
N VAL B 353 30.76 25.32 21.20
CA VAL B 353 31.06 23.98 20.71
C VAL B 353 31.07 23.96 19.18
N THR B 354 31.55 22.86 18.61
CA THR B 354 31.60 22.65 17.16
C THR B 354 32.48 23.69 16.47
N GLY B 355 33.46 24.24 17.20
CA GLY B 355 34.41 25.19 16.65
C GLY B 355 33.77 26.39 15.99
N GLY B 356 32.91 27.09 16.73
CA GLY B 356 32.21 28.23 16.17
C GLY B 356 31.11 27.78 15.24
N SER B 357 31.04 28.41 14.07
CA SER B 357 30.01 28.07 13.08
C SER B 357 30.42 28.67 11.74
N ASP B 358 29.91 28.05 10.67
CA ASP B 358 30.17 28.51 9.31
C ASP B 358 28.96 29.24 8.73
N ASN B 359 27.96 29.54 9.53
CA ASN B 359 26.75 30.22 9.08
C ASN B 359 26.32 31.22 10.14
N HIS B 360 25.11 31.74 10.00
CA HIS B 360 24.62 32.76 10.93
C HIS B 360 24.27 32.17 12.29
N LEU B 361 23.78 30.93 12.32
CA LEU B 361 23.38 30.32 13.58
C LEU B 361 24.59 30.08 14.48
N ILE B 362 24.38 30.27 15.79
CA ILE B 362 25.43 30.09 16.78
C ILE B 362 24.91 29.13 17.85
N LEU B 363 25.71 28.14 18.20
CA LEU B 363 25.36 27.15 19.21
C LEU B 363 26.39 27.20 20.33
N VAL B 364 25.91 27.28 21.57
CA VAL B 364 26.77 27.34 22.74
C VAL B 364 26.29 26.31 23.76
N ASP B 365 27.23 25.76 24.53
CA ASP B 365 26.94 24.78 25.56
C ASP B 365 27.18 25.42 26.92
N LEU B 366 26.15 25.44 27.76
CA LEU B 366 26.23 26.01 29.10
C LEU B 366 26.17 24.93 30.19
N ARG B 367 26.63 23.72 29.85
CA ARG B 367 26.64 22.64 30.83
C ARG B 367 27.69 22.87 31.90
N SER B 368 28.90 23.28 31.50
CA SER B 368 29.97 23.52 32.46
C SER B 368 29.70 24.74 33.33
N LYS B 369 28.86 25.68 32.86
CA LYS B 369 28.54 26.85 33.67
C LYS B 369 27.69 26.46 34.88
N GLY B 370 26.82 25.47 34.74
CA GLY B 370 25.96 25.06 35.83
C GLY B 370 24.53 25.52 35.65
N THR B 371 24.07 25.59 34.41
CA THR B 371 22.73 26.05 34.10
C THR B 371 22.17 25.24 32.94
N ASP B 372 20.88 24.96 32.99
CA ASP B 372 20.19 24.24 31.94
C ASP B 372 19.76 25.20 30.84
N GLY B 373 19.59 24.66 29.63
CA GLY B 373 19.18 25.48 28.51
C GLY B 373 17.75 25.98 28.63
N GLY B 374 16.84 25.09 29.03
CA GLY B 374 15.44 25.50 29.16
C GLY B 374 15.24 26.52 30.26
N ARG B 375 15.89 26.33 31.41
CA ARG B 375 15.78 27.29 32.49
C ARG B 375 16.37 28.64 32.08
N ALA B 376 17.52 28.63 31.41
CA ALA B 376 18.11 29.88 30.94
C ALA B 376 17.21 30.58 29.95
N GLU B 377 16.58 29.82 29.04
CA GLU B 377 15.66 30.41 28.08
C GLU B 377 14.45 31.01 28.78
N LYS B 378 13.95 30.34 29.82
CA LYS B 378 12.80 30.89 30.56
C LYS B 378 13.17 32.18 31.27
N VAL B 379 14.34 32.21 31.93
CA VAL B 379 14.75 33.43 32.61
C VAL B 379 15.01 34.56 31.61
N LEU B 380 15.53 34.23 30.43
CA LEU B 380 15.74 35.25 29.41
C LEU B 380 14.41 35.79 28.91
N GLU B 381 13.43 34.91 28.70
CA GLU B 381 12.09 35.36 28.32
C GLU B 381 11.47 36.22 29.42
N ALA B 382 11.82 35.96 30.68
CA ALA B 382 11.30 36.78 31.77
C ALA B 382 11.82 38.21 31.70
N CYS B 383 12.99 38.43 31.11
CA CYS B 383 13.57 39.75 30.99
C CYS B 383 13.58 40.25 29.55
N SER B 384 12.61 39.79 28.74
CA SER B 384 12.45 40.26 27.35
C SER B 384 13.68 39.94 26.51
N ILE B 385 14.15 38.70 26.60
CA ILE B 385 15.26 38.21 25.80
C ILE B 385 14.82 36.91 25.14
N ALA B 386 15.00 36.80 23.83
CA ALA B 386 14.58 35.64 23.07
C ALA B 386 15.78 34.79 22.68
N CYS B 387 15.56 33.48 22.62
CA CYS B 387 16.59 32.52 22.23
C CYS B 387 15.89 31.21 21.86
N ASN B 388 16.68 30.18 21.59
CA ASN B 388 16.16 28.88 21.19
C ASN B 388 16.88 27.78 21.95
N LYS B 389 16.20 26.65 22.10
CA LYS B 389 16.76 25.48 22.77
C LYS B 389 16.66 24.27 21.85
N ASN B 390 17.73 23.48 21.82
CA ASN B 390 17.79 22.30 20.97
C ASN B 390 18.86 21.37 21.49
N THR B 391 18.75 20.09 21.12
CA THR B 391 19.72 19.11 21.55
C THR B 391 21.07 19.33 20.87
N CYS B 392 22.10 18.75 21.44
CA CYS B 392 23.46 18.84 20.94
C CYS B 392 23.82 17.59 20.14
N PRO B 393 24.81 17.67 19.26
CA PRO B 393 25.27 16.47 18.55
C PRO B 393 25.70 15.39 19.51
N GLY B 394 25.34 14.14 19.19
CA GLY B 394 25.57 13.04 20.11
C GLY B 394 24.64 13.12 21.31
N ASP B 395 23.35 12.91 21.07
CA ASP B 395 22.33 13.06 22.11
C ASP B 395 22.64 12.17 23.31
N ARG B 396 22.71 12.80 24.49
CA ARG B 396 22.96 12.08 25.73
C ARG B 396 21.79 12.11 26.70
N SER B 397 20.88 13.06 26.55
CA SER B 397 19.72 13.17 27.44
C SER B 397 18.68 14.05 26.77
N ALA B 398 17.45 13.55 26.67
CA ALA B 398 16.37 14.29 26.04
C ALA B 398 15.67 15.25 27.00
N LEU B 399 15.90 15.12 28.30
CA LEU B 399 15.25 15.98 29.29
C LEU B 399 16.01 17.26 29.56
N ARG B 400 17.34 17.26 29.35
CA ARG B 400 18.19 18.42 29.63
C ARG B 400 18.91 18.82 28.34
N PRO B 401 18.26 19.61 27.49
CA PRO B 401 18.93 20.12 26.28
C PRO B 401 19.75 21.37 26.61
N SER B 402 21.07 21.26 26.46
CA SER B 402 21.98 22.34 26.77
C SER B 402 22.50 23.05 25.52
N GLY B 403 21.98 22.71 24.35
CA GLY B 403 22.41 23.36 23.12
C GLY B 403 21.69 24.66 22.86
N LEU B 404 22.02 25.69 23.62
CA LEU B 404 21.36 26.99 23.48
C LEU B 404 21.78 27.63 22.16
N ARG B 405 20.82 27.92 21.31
CA ARG B 405 21.08 28.43 19.96
C ARG B 405 20.85 29.94 19.91
N LEU B 406 21.75 30.63 19.19
CA LEU B 406 21.66 32.07 19.02
C LEU B 406 21.76 32.43 17.55
N GLY B 407 21.10 33.52 17.18
CA GLY B 407 21.14 34.01 15.82
C GLY B 407 20.64 35.44 15.76
N THR B 408 21.19 36.22 14.84
CA THR B 408 20.84 37.62 14.68
C THR B 408 20.64 37.98 13.21
N PRO B 409 19.59 37.46 12.58
CA PRO B 409 19.26 37.91 11.23
C PRO B 409 18.38 39.16 11.23
N ALA B 410 17.65 39.37 12.33
CA ALA B 410 16.73 40.49 12.44
C ALA B 410 17.39 41.73 13.04
N LEU B 411 18.27 41.55 14.03
CA LEU B 411 18.96 42.70 14.62
C LEU B 411 19.85 43.39 13.61
N THR B 412 20.48 42.62 12.71
CA THR B 412 21.26 43.21 11.64
C THR B 412 20.39 44.01 10.69
N SER B 413 19.17 43.53 10.44
CA SER B 413 18.24 44.29 9.61
C SER B 413 17.77 45.56 10.30
N ARG B 414 17.66 45.54 11.63
CA ARG B 414 17.23 46.73 12.35
C ARG B 414 18.31 47.80 12.37
N GLY B 415 19.58 47.40 12.36
CA GLY B 415 20.67 48.36 12.34
C GLY B 415 21.68 48.16 13.46
N LEU B 416 21.71 46.97 14.04
CA LEU B 416 22.65 46.69 15.12
C LEU B 416 24.08 46.62 14.58
N LEU B 417 25.03 46.88 15.48
CA LEU B 417 26.45 46.88 15.12
C LEU B 417 27.22 46.06 16.15
N GLU B 418 28.48 45.77 15.81
CA GLU B 418 29.32 44.95 16.69
C GLU B 418 29.52 45.61 18.04
N LYS B 419 29.70 46.93 18.05
CA LYS B 419 29.83 47.64 19.33
C LYS B 419 28.55 47.54 20.15
N ASP B 420 27.40 47.41 19.47
CA ASP B 420 26.15 47.17 20.18
C ASP B 420 25.97 45.71 20.54
N PHE B 421 26.48 44.79 19.72
CA PHE B 421 26.45 43.38 20.09
C PHE B 421 27.35 43.08 21.28
N GLN B 422 28.35 43.92 21.55
CA GLN B 422 29.10 43.78 22.79
C GLN B 422 28.21 44.03 24.00
N LYS B 423 27.38 45.08 23.95
CA LYS B 423 26.43 45.32 25.02
C LYS B 423 25.36 44.24 25.08
N VAL B 424 24.99 43.68 23.92
CA VAL B 424 24.05 42.55 23.91
C VAL B 424 24.66 41.35 24.63
N ALA B 425 25.94 41.07 24.38
CA ALA B 425 26.61 39.98 25.08
C ALA B 425 26.75 40.28 26.56
N HIS B 426 26.95 41.55 26.93
CA HIS B 426 26.96 41.90 28.35
C HIS B 426 25.60 41.63 28.99
N PHE B 427 24.52 41.93 28.26
CA PHE B 427 23.17 41.62 28.76
C PHE B 427 22.98 40.12 28.90
N ILE B 428 23.51 39.33 27.95
CA ILE B 428 23.41 37.88 28.05
C ILE B 428 24.20 37.37 29.25
N HIS B 429 25.34 37.98 29.52
CA HIS B 429 26.13 37.62 30.69
C HIS B 429 25.38 37.94 31.99
N ARG B 430 24.74 39.10 32.05
CA ARG B 430 23.92 39.44 33.21
C ARG B 430 22.78 38.44 33.37
N GLY B 431 22.17 38.02 32.26
CA GLY B 431 21.11 37.03 32.34
C GLY B 431 21.60 35.70 32.85
N ILE B 432 22.78 35.27 32.39
CA ILE B 432 23.32 33.99 32.86
C ILE B 432 23.72 34.09 34.33
N GLU B 433 24.14 35.27 34.78
CA GLU B 433 24.41 35.47 36.21
C GLU B 433 23.12 35.40 37.02
N LEU B 434 22.03 35.96 36.49
CA LEU B 434 20.74 35.84 37.15
C LEU B 434 20.31 34.38 37.23
N THR B 435 20.51 33.62 36.15
CA THR B 435 20.16 32.20 36.18
C THR B 435 21.00 31.45 37.20
N LEU B 436 22.29 31.76 37.30
CA LEU B 436 23.14 31.13 38.31
C LEU B 436 22.66 31.46 39.72
N GLN B 437 22.28 32.72 39.95
CA GLN B 437 21.75 33.12 41.26
C GLN B 437 20.46 32.37 41.58
N ILE B 438 19.59 32.22 40.59
CA ILE B 438 18.32 31.51 40.81
C ILE B 438 18.60 30.05 41.13
N GLN B 439 19.51 29.42 40.39
CA GLN B 439 19.81 28.01 40.64
C GLN B 439 20.51 27.81 41.98
N SER B 440 21.29 28.79 42.43
CA SER B 440 21.91 28.68 43.76
C SER B 440 20.90 28.91 44.87
N ASP B 441 19.91 29.77 44.65
CA ASP B 441 18.90 30.02 45.67
C ASP B 441 17.93 28.84 45.78
N THR B 442 17.32 28.45 44.67
CA THR B 442 16.35 27.36 44.69
C THR B 442 16.99 25.99 44.82
N GLY B 443 18.27 25.86 44.45
CA GLY B 443 18.95 24.58 44.56
C GLY B 443 19.13 23.87 43.23
N VAL B 444 20.32 23.32 43.01
CA VAL B 444 20.60 22.60 41.77
C VAL B 444 19.88 21.27 41.73
N ARG B 445 19.47 20.73 42.89
CA ARG B 445 18.75 19.47 42.94
C ARG B 445 17.25 19.63 42.77
N ALA B 446 16.75 20.87 42.66
CA ALA B 446 15.33 21.10 42.50
C ALA B 446 14.86 20.67 41.11
N THR B 447 13.61 20.20 41.04
CA THR B 447 13.04 19.78 39.78
C THR B 447 12.65 21.01 38.95
N LEU B 448 12.07 20.75 37.77
CA LEU B 448 11.69 21.83 36.87
C LEU B 448 10.46 22.59 37.37
N LYS B 449 9.56 21.90 38.08
CA LYS B 449 8.31 22.54 38.50
C LYS B 449 8.56 23.65 39.51
N GLU B 450 9.29 23.34 40.58
CA GLU B 450 9.59 24.37 41.59
C GLU B 450 10.48 25.46 41.02
N PHE B 451 11.27 25.15 39.98
CA PHE B 451 12.02 26.19 39.30
C PHE B 451 11.10 27.13 38.54
N LYS B 452 10.11 26.57 37.84
CA LYS B 452 9.13 27.41 37.15
C LYS B 452 8.30 28.22 38.14
N GLU B 453 8.15 27.72 39.37
CA GLU B 453 7.44 28.47 40.39
C GLU B 453 8.21 29.73 40.79
N ARG B 454 9.54 29.67 40.76
CA ARG B 454 10.38 30.76 41.25
C ARG B 454 10.89 31.69 40.16
N LEU B 455 10.30 31.66 38.96
CA LEU B 455 10.68 32.62 37.93
C LEU B 455 10.20 34.02 38.28
N ALA B 456 8.93 34.15 38.67
CA ALA B 456 8.36 35.43 39.06
C ALA B 456 8.39 35.65 40.57
N GLY B 457 9.28 34.94 41.27
CA GLY B 457 9.39 35.13 42.71
C GLY B 457 9.94 36.51 43.05
N ASP B 458 9.43 37.08 44.14
CA ASP B 458 9.82 38.42 44.53
C ASP B 458 11.28 38.50 44.93
N LYS B 459 11.82 37.42 45.51
CA LYS B 459 13.16 37.36 46.10
C LYS B 459 14.20 38.12 45.30
N TYR B 460 14.18 37.98 43.97
CA TYR B 460 15.12 38.68 43.11
C TYR B 460 14.42 39.41 41.96
N GLN B 461 13.09 39.51 41.98
CA GLN B 461 12.36 40.03 40.83
C GLN B 461 12.81 41.45 40.49
N ALA B 462 13.06 42.27 41.50
CA ALA B 462 13.57 43.63 41.27
C ALA B 462 14.82 43.59 40.42
N ALA B 463 15.78 42.73 40.78
CA ALA B 463 16.96 42.54 39.94
C ALA B 463 16.57 42.17 38.52
N VAL B 464 15.67 41.18 38.38
CA VAL B 464 15.14 40.84 37.07
C VAL B 464 14.53 42.07 36.41
N GLN B 465 13.76 42.84 37.18
CA GLN B 465 13.18 44.08 36.66
C GLN B 465 14.27 45.00 36.12
N ALA B 466 15.38 45.13 36.85
CA ALA B 466 16.52 45.89 36.34
C ALA B 466 16.98 45.32 35.01
N LEU B 467 17.20 44.00 34.96
CA LEU B 467 17.61 43.35 33.72
C LEU B 467 16.62 43.63 32.59
N ARG B 468 15.39 44.01 32.92
CA ARG B 468 14.45 44.42 31.88
C ARG B 468 14.69 45.86 31.45
N GLU B 469 14.73 46.80 32.40
CA GLU B 469 14.62 48.21 32.06
C GLU B 469 15.75 48.66 31.12
N GLU B 470 17.00 48.39 31.51
CA GLU B 470 18.14 48.72 30.64
C GLU B 470 17.96 48.13 29.25
N VAL B 471 17.50 46.88 29.18
CA VAL B 471 17.25 46.25 27.88
C VAL B 471 16.28 47.09 27.06
N GLU B 472 15.20 47.56 27.69
CA GLU B 472 14.27 48.45 27.01
C GLU B 472 14.98 49.71 26.52
N SER B 473 15.85 50.29 27.37
CA SER B 473 16.60 51.47 26.96
C SER B 473 17.49 51.18 25.76
N PHE B 474 17.88 49.92 25.57
CA PHE B 474 18.66 49.53 24.41
C PHE B 474 17.79 49.23 23.21
N ALA B 475 16.51 48.91 23.42
CA ALA B 475 15.63 48.53 22.32
C ALA B 475 14.91 49.72 21.69
N SER B 476 14.56 50.73 22.49
CA SER B 476 13.84 51.89 21.97
C SER B 476 14.71 52.77 21.07
N LEU B 477 16.02 52.58 21.08
CA LEU B 477 16.89 53.42 20.26
C LEU B 477 16.78 53.05 18.78
N PHE B 478 16.78 51.76 18.48
CA PHE B 478 16.74 51.32 17.08
C PHE B 478 15.29 51.27 16.60
N PRO B 479 15.02 51.72 15.38
CA PRO B 479 13.66 51.70 14.84
C PRO B 479 13.25 50.29 14.42
N LEU B 480 11.94 50.14 14.18
CA LEU B 480 11.37 48.88 13.76
C LEU B 480 10.80 49.01 12.35
N PRO B 481 11.33 48.29 11.36
CA PRO B 481 10.77 48.39 10.01
C PRO B 481 9.37 47.81 9.94
N GLY B 482 8.56 48.40 9.06
CA GLY B 482 7.19 47.98 8.85
C GLY B 482 6.30 49.18 8.60
N LEU B 483 5.01 48.99 8.88
CA LEU B 483 4.05 50.06 8.69
C LEU B 483 4.05 50.99 9.90
N PRO B 484 3.90 52.31 9.69
CA PRO B 484 3.87 53.28 10.79
C PRO B 484 2.61 53.18 11.64
N SER C 19 23.96 -54.34 6.05
CA SER C 19 23.47 -54.25 7.43
C SER C 19 22.05 -53.71 7.46
N SER C 20 21.75 -52.88 8.46
CA SER C 20 20.41 -52.32 8.59
C SER C 20 20.13 -51.24 7.57
N HIS C 21 21.17 -50.67 6.94
CA HIS C 21 20.97 -49.63 5.94
C HIS C 21 20.33 -50.19 4.67
N ASP C 22 20.56 -51.47 4.38
CA ASP C 22 19.94 -52.08 3.22
C ASP C 22 18.45 -52.31 3.40
N LYS C 23 17.96 -52.31 4.64
CA LYS C 23 16.55 -52.54 4.92
C LYS C 23 15.79 -51.27 5.27
N MET C 24 16.46 -50.27 5.86
CA MET C 24 15.77 -49.04 6.25
C MET C 24 15.15 -48.34 5.05
N LEU C 25 15.79 -48.42 3.88
CA LEU C 25 15.27 -47.83 2.67
C LEU C 25 14.61 -48.84 1.74
N ALA C 26 14.37 -50.06 2.23
CA ALA C 26 13.75 -51.10 1.42
C ALA C 26 12.62 -51.85 2.13
N GLN C 27 12.45 -51.69 3.44
CA GLN C 27 11.38 -52.38 4.12
C GLN C 27 10.03 -51.79 3.73
N PRO C 28 9.01 -52.62 3.54
CA PRO C 28 7.68 -52.11 3.18
C PRO C 28 7.07 -51.31 4.32
N LEU C 29 5.94 -50.68 4.01
CA LEU C 29 5.24 -49.88 5.01
C LEU C 29 4.67 -50.74 6.13
N LYS C 30 4.31 -51.99 5.83
CA LYS C 30 3.75 -52.86 6.85
C LYS C 30 4.79 -53.19 7.92
N ASP C 31 6.05 -53.33 7.52
CA ASP C 31 7.11 -53.66 8.47
C ASP C 31 7.69 -52.42 9.15
N SER C 32 7.81 -51.32 8.42
CA SER C 32 8.38 -50.10 8.98
C SER C 32 7.52 -49.56 10.12
N ASP C 33 6.28 -49.18 9.81
CA ASP C 33 5.36 -48.62 10.80
C ASP C 33 4.03 -49.34 10.68
N VAL C 34 3.61 -49.99 11.77
CA VAL C 34 2.33 -50.70 11.79
C VAL C 34 1.16 -49.80 12.17
N GLU C 35 1.43 -48.62 12.73
CA GLU C 35 0.34 -47.71 13.11
C GLU C 35 -0.32 -47.09 11.89
N VAL C 36 0.47 -46.43 11.04
CA VAL C 36 -0.09 -45.81 9.83
C VAL C 36 -0.61 -46.88 8.89
N TYR C 37 -0.02 -48.07 8.89
CA TYR C 37 -0.52 -49.16 8.07
C TYR C 37 -1.93 -49.56 8.50
N ASN C 38 -2.14 -49.74 9.80
CA ASN C 38 -3.47 -50.05 10.29
C ASN C 38 -4.45 -48.90 10.06
N ILE C 39 -3.98 -47.65 10.16
CA ILE C 39 -4.85 -46.51 9.90
C ILE C 39 -5.32 -46.52 8.45
N ILE C 40 -4.40 -46.75 7.53
CA ILE C 40 -4.75 -46.80 6.11
C ILE C 40 -5.67 -47.98 5.83
N LYS C 41 -5.43 -49.12 6.48
CA LYS C 41 -6.31 -50.28 6.29
C LYS C 41 -7.72 -49.99 6.79
N LYS C 42 -7.84 -49.35 7.95
CA LYS C 42 -9.17 -49.00 8.47
C LYS C 42 -9.85 -47.98 7.58
N GLU C 43 -9.09 -47.02 7.04
CA GLU C 43 -9.67 -46.03 6.15
C GLU C 43 -10.19 -46.68 4.87
N SER C 44 -9.41 -47.60 4.29
CA SER C 44 -9.85 -48.31 3.10
C SER C 44 -11.07 -49.18 3.38
N ASN C 45 -11.10 -49.81 4.56
CA ASN C 45 -12.26 -50.62 4.94
C ASN C 45 -13.51 -49.76 5.08
N ARG C 46 -13.37 -48.59 5.69
CA ARG C 46 -14.51 -47.67 5.82
C ARG C 46 -14.97 -47.18 4.45
N GLN C 47 -14.03 -46.86 3.56
CA GLN C 47 -14.40 -46.39 2.23
C GLN C 47 -15.02 -47.51 1.39
N ARG C 48 -14.71 -48.77 1.70
CA ARG C 48 -15.26 -49.87 0.92
C ARG C 48 -16.76 -50.04 1.18
N VAL C 49 -17.14 -50.11 2.46
CA VAL C 49 -18.54 -50.26 2.84
C VAL C 49 -19.06 -48.88 3.25
N GLY C 50 -19.73 -48.21 2.33
CA GLY C 50 -20.26 -46.90 2.59
C GLY C 50 -20.79 -46.27 1.32
N LEU C 51 -21.55 -45.18 1.51
CA LEU C 51 -22.16 -44.44 0.42
C LEU C 51 -21.72 -42.98 0.54
N GLU C 52 -20.63 -42.64 -0.13
CA GLU C 52 -20.11 -41.26 -0.11
C GLU C 52 -20.97 -40.42 -1.03
N LEU C 53 -21.86 -39.61 -0.45
CA LEU C 53 -22.79 -38.78 -1.19
C LEU C 53 -22.34 -37.34 -1.32
N ILE C 54 -21.04 -37.09 -1.21
CA ILE C 54 -20.49 -35.74 -1.37
C ILE C 54 -20.16 -35.52 -2.84
N ALA C 55 -20.52 -34.35 -3.35
CA ALA C 55 -20.23 -34.03 -4.74
C ALA C 55 -18.73 -33.86 -5.00
N SER C 56 -17.98 -33.41 -4.00
CA SER C 56 -16.55 -33.17 -4.18
C SER C 56 -15.75 -34.46 -4.15
N GLU C 57 -16.16 -35.45 -3.38
CA GLU C 57 -15.40 -36.69 -3.28
C GLU C 57 -15.51 -37.49 -4.57
N ASN C 58 -14.46 -38.26 -4.85
CA ASN C 58 -14.40 -39.12 -6.02
C ASN C 58 -13.38 -40.21 -5.74
N PHE C 59 -13.07 -41.01 -6.76
CA PHE C 59 -12.12 -42.12 -6.65
C PHE C 59 -11.18 -42.09 -7.84
N ALA C 60 -9.90 -41.86 -7.57
CA ALA C 60 -8.91 -41.81 -8.63
C ALA C 60 -8.54 -43.21 -9.11
N SER C 61 -8.07 -43.28 -10.35
CA SER C 61 -7.71 -44.55 -10.94
C SER C 61 -6.40 -45.07 -10.34
N ARG C 62 -6.08 -46.33 -10.67
CA ARG C 62 -4.85 -46.93 -10.18
C ARG C 62 -3.62 -46.40 -10.91
N ALA C 63 -3.80 -45.92 -12.15
CA ALA C 63 -2.68 -45.41 -12.92
C ALA C 63 -2.06 -44.18 -12.27
N VAL C 64 -2.91 -43.24 -11.85
CA VAL C 64 -2.38 -42.05 -11.19
C VAL C 64 -1.81 -42.39 -9.82
N LEU C 65 -2.34 -43.42 -9.17
CA LEU C 65 -1.79 -43.84 -7.88
C LEU C 65 -0.39 -44.43 -8.04
N GLU C 66 -0.17 -45.20 -9.11
CA GLU C 66 1.18 -45.69 -9.38
C GLU C 66 2.08 -44.56 -9.87
N ALA C 67 1.53 -43.56 -10.55
CA ALA C 67 2.34 -42.43 -11.00
C ALA C 67 2.80 -41.56 -9.84
N LEU C 68 1.97 -41.43 -8.80
CA LEU C 68 2.37 -40.63 -7.64
C LEU C 68 3.51 -41.29 -6.88
N GLY C 69 3.53 -42.62 -6.84
CA GLY C 69 4.57 -43.35 -6.13
C GLY C 69 5.79 -43.63 -6.98
N SER C 70 5.97 -42.89 -8.07
CA SER C 70 7.10 -43.09 -8.96
C SER C 70 8.35 -42.43 -8.38
N CYS C 71 9.46 -42.56 -9.10
CA CYS C 71 10.73 -41.99 -8.67
C CYS C 71 10.86 -40.50 -9.00
N LEU C 72 9.80 -39.87 -9.51
CA LEU C 72 9.85 -38.44 -9.83
C LEU C 72 9.88 -37.56 -8.59
N ASN C 73 9.56 -38.10 -7.41
CA ASN C 73 9.58 -37.31 -6.20
C ASN C 73 10.98 -36.89 -5.80
N ASN C 74 12.01 -37.62 -6.24
CA ASN C 74 13.38 -37.30 -5.87
C ASN C 74 13.93 -36.13 -6.69
N LYS C 75 13.55 -36.05 -7.97
CA LYS C 75 14.06 -35.00 -8.85
C LYS C 75 13.56 -33.63 -8.39
N TYR C 76 14.48 -32.74 -8.08
CA TYR C 76 14.16 -31.37 -7.65
C TYR C 76 14.46 -30.44 -8.81
N SER C 77 13.46 -30.19 -9.64
CA SER C 77 13.58 -29.32 -10.80
C SER C 77 12.95 -27.96 -10.52
N GLU C 78 13.51 -26.93 -11.14
CA GLU C 78 13.02 -25.57 -10.99
C GLU C 78 13.04 -24.88 -12.34
N GLY C 79 12.09 -23.97 -12.54
CA GLY C 79 12.00 -23.23 -13.78
C GLY C 79 11.13 -23.91 -14.81
N TYR C 80 11.12 -23.32 -16.00
CA TYR C 80 10.35 -23.78 -17.14
C TYR C 80 11.26 -24.44 -18.15
N PRO C 81 10.71 -25.30 -19.02
CA PRO C 81 11.53 -25.91 -20.07
C PRO C 81 12.17 -24.86 -20.97
N GLY C 82 13.46 -25.03 -21.24
CA GLY C 82 14.23 -24.07 -21.99
C GLY C 82 14.81 -22.94 -21.15
N GLN C 83 14.36 -22.78 -19.91
CA GLN C 83 14.89 -21.76 -19.01
C GLN C 83 15.12 -22.35 -17.62
N ARG C 84 15.64 -23.57 -17.58
CA ARG C 84 15.86 -24.25 -16.32
C ARG C 84 17.10 -23.70 -15.61
N TYR C 85 17.24 -24.06 -14.33
CA TYR C 85 18.38 -23.67 -13.52
C TYR C 85 19.40 -24.79 -13.36
N TYR C 86 18.96 -26.01 -13.09
CA TYR C 86 19.85 -27.14 -12.94
C TYR C 86 20.01 -27.88 -14.27
N GLY C 87 20.96 -28.81 -14.29
CA GLY C 87 21.25 -29.59 -15.47
C GLY C 87 20.57 -30.95 -15.46
N GLY C 88 20.49 -31.55 -16.64
CA GLY C 88 19.87 -32.86 -16.79
C GLY C 88 18.39 -32.86 -16.49
N THR C 89 17.64 -31.99 -17.17
CA THR C 89 16.20 -31.88 -16.98
C THR C 89 15.45 -32.14 -18.30
N GLU C 90 16.05 -32.92 -19.19
CA GLU C 90 15.42 -33.19 -20.48
C GLU C 90 14.15 -34.03 -20.32
N PHE C 91 14.20 -35.04 -19.44
CA PHE C 91 13.03 -35.90 -19.25
C PHE C 91 11.89 -35.12 -18.59
N ILE C 92 12.21 -34.27 -17.60
CA ILE C 92 11.19 -33.46 -16.95
C ILE C 92 10.58 -32.47 -17.94
N ASP C 93 11.41 -31.88 -18.80
CA ASP C 93 10.90 -30.95 -19.80
C ASP C 93 9.98 -31.67 -20.79
N GLU C 94 10.37 -32.87 -21.24
CA GLU C 94 9.52 -33.62 -22.15
C GLU C 94 8.21 -34.02 -21.49
N LEU C 95 8.26 -34.40 -20.21
CA LEU C 95 7.04 -34.75 -19.50
C LEU C 95 6.12 -33.54 -19.35
N GLU C 96 6.68 -32.37 -19.03
CA GLU C 96 5.86 -31.17 -18.91
C GLU C 96 5.28 -30.75 -20.26
N THR C 97 6.06 -30.91 -21.33
CA THR C 97 5.54 -30.60 -22.66
C THR C 97 4.39 -31.53 -23.04
N LEU C 98 4.54 -32.83 -22.76
CA LEU C 98 3.46 -33.76 -23.03
C LEU C 98 2.23 -33.44 -22.19
N CYS C 99 2.44 -33.06 -20.93
CA CYS C 99 1.32 -32.72 -20.06
C CYS C 99 0.56 -31.49 -20.57
N GLN C 100 1.30 -30.45 -20.96
CA GLN C 100 0.64 -29.24 -21.44
C GLN C 100 -0.02 -29.48 -22.81
N LYS C 101 0.57 -30.33 -23.65
CA LYS C 101 -0.07 -30.66 -24.91
C LYS C 101 -1.38 -31.43 -24.69
N ARG C 102 -1.37 -32.38 -23.76
CA ARG C 102 -2.60 -33.12 -23.46
C ARG C 102 -3.64 -32.19 -22.83
N ALA C 103 -3.20 -31.23 -22.02
CA ALA C 103 -4.14 -30.28 -21.42
C ALA C 103 -4.76 -29.38 -22.49
N LEU C 104 -3.97 -28.94 -23.46
CA LEU C 104 -4.52 -28.12 -24.54
C LEU C 104 -5.44 -28.92 -25.44
N GLN C 105 -5.13 -30.19 -25.68
CA GLN C 105 -5.96 -31.02 -26.54
C GLN C 105 -7.21 -31.53 -25.84
N ALA C 106 -7.23 -31.55 -24.50
CA ALA C 106 -8.40 -32.06 -23.78
C ALA C 106 -9.59 -31.13 -23.92
N TYR C 107 -9.36 -29.83 -24.10
CA TYR C 107 -10.43 -28.86 -24.23
C TYR C 107 -10.57 -28.32 -25.65
N LYS C 108 -9.84 -28.88 -26.60
CA LYS C 108 -9.90 -28.47 -28.01
C LYS C 108 -9.59 -26.97 -28.15
N LEU C 109 -8.41 -26.60 -27.70
CA LEU C 109 -7.95 -25.21 -27.73
C LEU C 109 -6.78 -25.08 -28.70
N ASP C 110 -6.75 -23.95 -29.40
CA ASP C 110 -5.66 -23.68 -30.34
C ASP C 110 -4.39 -23.34 -29.57
N PRO C 111 -3.30 -24.09 -29.76
CA PRO C 111 -2.06 -23.77 -29.03
C PRO C 111 -1.52 -22.38 -29.33
N GLN C 112 -1.82 -21.83 -30.50
CA GLN C 112 -1.37 -20.49 -30.84
C GLN C 112 -2.15 -19.39 -30.13
N CYS C 113 -3.28 -19.73 -29.51
CA CYS C 113 -4.11 -18.74 -28.82
C CYS C 113 -4.34 -19.05 -27.36
N TRP C 114 -3.96 -20.23 -26.88
CA TRP C 114 -4.18 -20.63 -25.49
C TRP C 114 -2.93 -21.24 -24.91
N GLY C 115 -2.64 -20.89 -23.66
CA GLY C 115 -1.53 -21.49 -22.94
C GLY C 115 -1.98 -22.01 -21.59
N VAL C 116 -1.35 -23.09 -21.16
CA VAL C 116 -1.72 -23.78 -19.92
C VAL C 116 -0.48 -23.92 -19.05
N ASN C 117 -0.66 -23.79 -17.74
CA ASN C 117 0.40 -23.95 -16.76
C ASN C 117 -0.08 -24.90 -15.68
N VAL C 118 0.76 -25.88 -15.32
CA VAL C 118 0.42 -26.89 -14.34
C VAL C 118 1.33 -26.84 -13.11
N GLN C 119 2.12 -25.77 -12.97
CA GLN C 119 3.04 -25.62 -11.86
C GLN C 119 2.35 -25.28 -10.54
N PRO C 120 1.29 -24.49 -10.50
CA PRO C 120 0.58 -24.26 -9.23
C PRO C 120 0.19 -25.56 -8.55
N TYR C 121 0.24 -25.54 -7.21
CA TYR C 121 0.02 -26.75 -6.43
C TYR C 121 -1.45 -27.13 -6.33
N SER C 122 -2.35 -26.15 -6.24
CA SER C 122 -3.77 -26.41 -6.09
C SER C 122 -4.56 -25.24 -6.66
N GLY C 123 -5.85 -25.19 -6.34
CA GLY C 123 -6.70 -24.14 -6.89
C GLY C 123 -6.41 -22.78 -6.27
N SER C 124 -6.31 -22.73 -4.94
CA SER C 124 -6.05 -21.47 -4.24
C SER C 124 -4.65 -20.92 -4.54
N PRO C 125 -3.59 -21.75 -4.62
CA PRO C 125 -2.31 -21.20 -5.07
C PRO C 125 -2.37 -20.61 -6.47
N ALA C 126 -3.09 -21.27 -7.38
CA ALA C 126 -3.24 -20.74 -8.73
C ALA C 126 -4.00 -19.42 -8.72
N ASN C 127 -5.04 -19.32 -7.90
CA ASN C 127 -5.79 -18.08 -7.79
C ASN C 127 -4.90 -16.96 -7.24
N PHE C 128 -4.11 -17.26 -6.20
CA PHE C 128 -3.22 -16.24 -5.65
C PHE C 128 -2.17 -15.83 -6.66
N ALA C 129 -1.67 -16.78 -7.47
CA ALA C 129 -0.68 -16.46 -8.47
C ALA C 129 -1.26 -15.54 -9.55
N VAL C 130 -2.46 -15.88 -10.05
CA VAL C 130 -3.06 -15.03 -11.08
C VAL C 130 -3.47 -13.69 -10.48
N TYR C 131 -3.73 -13.63 -9.18
CA TYR C 131 -4.01 -12.36 -8.53
C TYR C 131 -2.77 -11.47 -8.49
N THR C 132 -1.66 -12.00 -7.98
CA THR C 132 -0.42 -11.25 -8.00
C THR C 132 0.04 -10.92 -9.43
N ALA C 133 -0.43 -11.67 -10.42
CA ALA C 133 -0.03 -11.41 -11.80
C ALA C 133 -0.86 -10.30 -12.44
N LEU C 134 -2.18 -10.31 -12.24
CA LEU C 134 -3.07 -9.43 -12.98
C LEU C 134 -3.77 -8.37 -12.16
N VAL C 135 -3.77 -8.48 -10.83
CA VAL C 135 -4.50 -7.51 -10.01
C VAL C 135 -3.64 -6.34 -9.55
N GLU C 136 -2.31 -6.49 -9.51
CA GLU C 136 -1.44 -5.45 -8.99
C GLU C 136 -1.86 -5.07 -7.58
N PRO C 137 -1.51 -5.90 -6.56
CA PRO C 137 -2.12 -5.80 -5.22
C PRO C 137 -2.30 -4.39 -4.67
N HIS C 138 -3.31 -4.24 -3.82
CA HIS C 138 -3.95 -2.97 -3.48
C HIS C 138 -4.76 -2.43 -4.65
N GLY C 139 -5.26 -3.33 -5.49
CA GLY C 139 -6.13 -3.00 -6.58
C GLY C 139 -7.60 -3.23 -6.23
N ARG C 140 -8.40 -3.41 -7.27
CA ARG C 140 -9.85 -3.58 -7.12
C ARG C 140 -10.31 -4.84 -7.84
N ILE C 141 -11.08 -5.67 -7.14
CA ILE C 141 -11.62 -6.92 -7.68
C ILE C 141 -13.12 -6.93 -7.44
N MET C 142 -13.85 -7.54 -8.38
CA MET C 142 -15.29 -7.72 -8.26
C MET C 142 -15.63 -9.18 -8.49
N GLY C 143 -16.20 -9.83 -7.48
CA GLY C 143 -16.54 -11.23 -7.57
C GLY C 143 -17.72 -11.57 -6.67
N LEU C 144 -18.24 -12.77 -6.87
CA LEU C 144 -19.38 -13.23 -6.07
C LEU C 144 -18.96 -13.49 -4.63
N ASP C 145 -19.91 -13.30 -3.72
CA ASP C 145 -19.67 -13.50 -2.30
C ASP C 145 -19.91 -14.96 -1.93
N LEU C 146 -19.72 -15.27 -0.65
CA LEU C 146 -19.83 -16.64 -0.14
C LEU C 146 -21.29 -17.08 0.04
N PRO C 147 -22.13 -16.34 0.77
CA PRO C 147 -23.48 -16.85 1.07
C PRO C 147 -24.40 -16.95 -0.15
N ASP C 148 -24.01 -16.42 -1.31
CA ASP C 148 -24.81 -16.52 -2.52
C ASP C 148 -24.26 -17.55 -3.50
N GLY C 149 -23.56 -18.56 -2.98
CA GLY C 149 -23.02 -19.61 -3.82
C GLY C 149 -21.62 -19.30 -4.33
N PHE C 156 -14.87 -12.44 0.03
CA PHE C 156 -15.56 -12.54 1.31
C PHE C 156 -14.83 -11.75 2.39
N MET C 157 -15.58 -10.88 3.07
CA MET C 157 -15.01 -10.06 4.14
C MET C 157 -16.10 -9.74 5.15
N THR C 158 -15.70 -9.62 6.41
CA THR C 158 -16.63 -9.30 7.48
C THR C 158 -16.60 -7.79 7.76
N ASP C 159 -17.53 -7.36 8.63
CA ASP C 159 -17.61 -5.94 8.98
C ASP C 159 -16.54 -5.51 9.98
N LYS C 160 -15.96 -6.45 10.72
CA LYS C 160 -14.96 -6.15 11.74
C LYS C 160 -13.55 -6.53 11.31
N LYS C 161 -13.35 -7.79 10.92
CA LYS C 161 -12.03 -8.30 10.55
C LYS C 161 -12.09 -8.91 9.15
N LYS C 162 -10.94 -9.37 8.68
CA LYS C 162 -10.81 -10.00 7.37
C LYS C 162 -10.36 -11.44 7.56
N ILE C 163 -10.98 -12.36 6.82
CA ILE C 163 -10.68 -13.78 6.91
C ILE C 163 -9.86 -14.26 5.71
N SER C 164 -10.37 -14.05 4.50
CA SER C 164 -9.68 -14.49 3.30
C SER C 164 -8.52 -13.56 2.97
N ALA C 165 -7.48 -14.14 2.36
CA ALA C 165 -6.31 -13.34 1.98
C ALA C 165 -6.61 -12.38 0.84
N THR C 166 -7.65 -12.66 0.05
CA THR C 166 -8.01 -11.75 -1.05
C THR C 166 -8.43 -10.38 -0.51
N SER C 167 -9.23 -10.36 0.55
CA SER C 167 -9.64 -9.10 1.15
C SER C 167 -8.50 -8.44 1.91
N ILE C 168 -7.53 -9.23 2.37
CA ILE C 168 -6.40 -8.68 3.12
C ILE C 168 -5.43 -7.97 2.19
N PHE C 169 -5.00 -8.66 1.13
CA PHE C 169 -4.02 -8.11 0.21
C PHE C 169 -4.62 -7.24 -0.89
N PHE C 170 -5.91 -7.40 -1.17
CA PHE C 170 -6.56 -6.65 -2.24
C PHE C 170 -7.86 -6.06 -1.73
N GLU C 171 -8.27 -4.95 -2.35
CA GLU C 171 -9.56 -4.34 -2.08
C GLU C 171 -10.60 -4.91 -3.04
N SER C 172 -11.77 -5.27 -2.51
CA SER C 172 -12.79 -5.90 -3.34
C SER C 172 -14.16 -5.65 -2.72
N MET C 173 -15.16 -5.47 -3.58
CA MET C 173 -16.55 -5.34 -3.17
C MET C 173 -17.38 -6.34 -3.97
N PRO C 174 -18.19 -7.17 -3.31
CA PRO C 174 -18.94 -8.19 -4.02
C PRO C 174 -20.29 -7.69 -4.53
N TYR C 175 -20.78 -8.38 -5.56
CA TYR C 175 -22.11 -8.14 -6.10
C TYR C 175 -23.01 -9.33 -5.77
N LYS C 176 -24.25 -9.04 -5.38
CA LYS C 176 -25.17 -10.05 -4.89
C LYS C 176 -26.34 -10.21 -5.86
N VAL C 177 -26.84 -11.44 -5.96
CA VAL C 177 -27.99 -11.70 -6.83
C VAL C 177 -29.26 -11.16 -6.18
N ASN C 178 -30.32 -11.07 -6.98
CA ASN C 178 -31.59 -10.57 -6.47
C ASN C 178 -32.23 -11.61 -5.55
N PRO C 179 -32.91 -11.17 -4.49
CA PRO C 179 -33.47 -12.15 -3.53
C PRO C 179 -34.71 -12.85 -4.03
N ASP C 180 -35.46 -12.24 -4.97
CA ASP C 180 -36.73 -12.83 -5.40
C ASP C 180 -36.49 -14.04 -6.28
N THR C 181 -35.81 -13.86 -7.41
CA THR C 181 -35.59 -14.97 -8.34
C THR C 181 -34.30 -15.72 -8.05
N GLY C 182 -33.22 -15.00 -7.74
CA GLY C 182 -31.94 -15.62 -7.44
C GLY C 182 -30.93 -15.58 -8.57
N TYR C 183 -31.20 -14.86 -9.65
CA TYR C 183 -30.27 -14.75 -10.76
C TYR C 183 -29.39 -13.52 -10.61
N ILE C 184 -28.26 -13.53 -11.32
CA ILE C 184 -27.31 -12.43 -11.25
C ILE C 184 -27.94 -11.16 -11.83
N ASN C 185 -27.85 -10.07 -11.09
CA ASN C 185 -28.38 -8.78 -11.53
C ASN C 185 -27.29 -8.08 -12.32
N TYR C 186 -27.31 -8.26 -13.64
CA TYR C 186 -26.23 -7.76 -14.48
C TYR C 186 -26.29 -6.24 -14.64
N ASP C 187 -27.49 -5.65 -14.60
CA ASP C 187 -27.58 -4.20 -14.74
C ASP C 187 -26.97 -3.49 -13.54
N GLN C 188 -27.27 -3.96 -12.34
CA GLN C 188 -26.64 -3.38 -11.15
C GLN C 188 -25.13 -3.63 -11.16
N LEU C 189 -24.70 -4.77 -11.68
CA LEU C 189 -23.28 -5.05 -11.82
C LEU C 189 -22.60 -4.04 -12.73
N GLU C 190 -23.24 -3.72 -13.87
CA GLU C 190 -22.70 -2.72 -14.78
C GLU C 190 -22.67 -1.35 -14.11
N GLU C 191 -23.74 -0.98 -13.41
CA GLU C 191 -23.79 0.33 -12.76
C GLU C 191 -22.71 0.46 -11.69
N ASN C 192 -22.42 -0.64 -10.98
CA ASN C 192 -21.39 -0.60 -9.95
C ASN C 192 -19.99 -0.60 -10.57
N ALA C 193 -19.79 -1.36 -11.65
CA ALA C 193 -18.46 -1.44 -12.25
C ALA C 193 -18.11 -0.19 -13.03
N ARG C 194 -19.12 0.56 -13.49
CA ARG C 194 -18.83 1.80 -14.22
C ARG C 194 -18.21 2.85 -13.31
N LEU C 195 -18.51 2.79 -12.01
CA LEU C 195 -17.95 3.74 -11.05
C LEU C 195 -16.81 3.15 -10.22
N PHE C 196 -16.78 1.84 -10.03
CA PHE C 196 -15.73 1.23 -9.22
C PHE C 196 -14.43 1.05 -9.99
N HIS C 197 -14.51 0.94 -11.32
CA HIS C 197 -13.35 0.76 -12.19
C HIS C 197 -12.56 -0.48 -11.78
N PRO C 198 -13.10 -1.68 -12.00
CA PRO C 198 -12.37 -2.89 -11.61
C PRO C 198 -11.27 -3.23 -12.59
N LYS C 199 -10.26 -3.93 -12.07
CA LYS C 199 -9.14 -4.37 -12.89
C LYS C 199 -9.30 -5.80 -13.39
N LEU C 200 -10.06 -6.63 -12.68
CA LEU C 200 -10.29 -8.01 -13.10
C LEU C 200 -11.57 -8.51 -12.46
N ILE C 201 -12.52 -8.95 -13.28
CA ILE C 201 -13.80 -9.46 -12.82
C ILE C 201 -13.79 -10.98 -12.98
N ILE C 202 -14.18 -11.68 -11.93
CA ILE C 202 -14.17 -13.14 -11.93
C ILE C 202 -15.58 -13.64 -12.17
N ALA C 203 -15.68 -14.91 -12.57
CA ALA C 203 -16.96 -15.58 -12.80
C ALA C 203 -16.82 -17.01 -12.30
N GLY C 204 -17.21 -17.23 -11.05
CA GLY C 204 -17.12 -18.55 -10.45
C GLY C 204 -18.32 -18.80 -9.55
N THR C 205 -18.52 -20.08 -9.24
CA THR C 205 -19.65 -20.49 -8.42
C THR C 205 -19.32 -21.82 -7.75
N SER C 206 -19.88 -22.00 -6.55
CA SER C 206 -19.76 -23.25 -5.82
C SER C 206 -21.11 -23.86 -5.45
N CYS C 207 -22.15 -23.05 -5.24
CA CYS C 207 -23.48 -23.55 -4.98
C CYS C 207 -24.54 -22.98 -5.92
N TYR C 208 -24.21 -21.97 -6.71
CA TYR C 208 -25.15 -21.41 -7.69
C TYR C 208 -24.99 -22.20 -8.98
N SER C 209 -25.84 -23.21 -9.15
CA SER C 209 -25.73 -24.18 -10.23
C SER C 209 -26.40 -23.73 -11.52
N ARG C 210 -26.65 -22.44 -11.67
CA ARG C 210 -27.24 -21.89 -12.89
C ARG C 210 -26.16 -21.33 -13.80
N ASN C 211 -26.38 -21.46 -15.10
CA ASN C 211 -25.40 -21.01 -16.08
C ASN C 211 -25.27 -19.49 -16.07
N LEU C 212 -24.06 -19.02 -16.37
CA LEU C 212 -23.76 -17.60 -16.40
C LEU C 212 -23.62 -17.13 -17.84
N GLU C 213 -24.11 -15.92 -18.12
CA GLU C 213 -24.01 -15.32 -19.44
C GLU C 213 -22.59 -14.75 -19.58
N TYR C 214 -21.70 -15.56 -20.17
CA TYR C 214 -20.32 -15.13 -20.31
C TYR C 214 -20.16 -14.02 -21.33
N ALA C 215 -21.07 -13.94 -22.31
CA ALA C 215 -20.97 -12.90 -23.32
C ALA C 215 -21.21 -11.52 -22.72
N ARG C 216 -22.18 -11.41 -21.81
CA ARG C 216 -22.45 -10.12 -21.18
C ARG C 216 -21.29 -9.71 -20.28
N LEU C 217 -20.71 -10.66 -19.54
CA LEU C 217 -19.55 -10.33 -18.72
C LEU C 217 -18.35 -9.93 -19.57
N ARG C 218 -18.18 -10.57 -20.73
CA ARG C 218 -17.10 -10.18 -21.64
C ARG C 218 -17.34 -8.77 -22.17
N LYS C 219 -18.58 -8.44 -22.52
CA LYS C 219 -18.88 -7.08 -22.97
C LYS C 219 -18.62 -6.06 -21.87
N ILE C 220 -18.96 -6.41 -20.63
CA ILE C 220 -18.69 -5.52 -19.50
C ILE C 220 -17.18 -5.30 -19.34
N ALA C 221 -16.41 -6.39 -19.42
CA ALA C 221 -14.96 -6.28 -19.27
C ALA C 221 -14.35 -5.45 -20.41
N ASP C 222 -14.87 -5.60 -21.62
CA ASP C 222 -14.38 -4.81 -22.74
C ASP C 222 -14.75 -3.34 -22.59
N GLU C 223 -15.93 -3.06 -22.04
CA GLU C 223 -16.34 -1.68 -21.80
C GLU C 223 -15.48 -1.03 -20.72
N ASN C 224 -15.14 -1.78 -19.68
CA ASN C 224 -14.32 -1.27 -18.59
C ASN C 224 -12.83 -1.52 -18.79
N GLY C 225 -12.45 -2.21 -19.86
CA GLY C 225 -11.04 -2.47 -20.12
C GLY C 225 -10.38 -3.40 -19.13
N ALA C 226 -11.14 -4.26 -18.47
CA ALA C 226 -10.61 -5.19 -17.50
C ALA C 226 -10.56 -6.60 -18.10
N TYR C 227 -10.10 -7.55 -17.29
CA TYR C 227 -10.01 -8.94 -17.69
C TYR C 227 -11.13 -9.76 -17.05
N LEU C 228 -11.38 -10.93 -17.63
CA LEU C 228 -12.43 -11.83 -17.18
C LEU C 228 -11.79 -13.12 -16.66
N MET C 229 -12.20 -13.53 -15.47
CA MET C 229 -11.68 -14.73 -14.82
C MET C 229 -12.80 -15.74 -14.65
N ALA C 230 -12.49 -17.01 -14.88
CA ALA C 230 -13.45 -18.09 -14.77
C ALA C 230 -12.93 -19.15 -13.81
N ASP C 231 -13.86 -19.76 -13.07
CA ASP C 231 -13.55 -20.81 -12.10
C ASP C 231 -14.43 -22.01 -12.42
N MET C 232 -13.92 -22.93 -13.23
CA MET C 232 -14.63 -24.13 -13.64
C MET C 232 -14.21 -25.36 -12.84
N ALA C 233 -13.90 -25.17 -11.55
CA ALA C 233 -13.43 -26.29 -10.74
C ALA C 233 -14.52 -27.35 -10.54
N HIS C 234 -15.77 -26.92 -10.43
CA HIS C 234 -16.86 -27.85 -10.16
C HIS C 234 -17.33 -28.58 -11.41
N ILE C 235 -17.16 -27.99 -12.58
CA ILE C 235 -17.66 -28.55 -13.83
C ILE C 235 -16.53 -28.85 -14.82
N SER C 236 -15.29 -28.94 -14.32
CA SER C 236 -14.12 -29.08 -15.18
C SER C 236 -14.27 -30.25 -16.15
N GLY C 237 -14.36 -31.47 -15.61
CA GLY C 237 -14.58 -32.62 -16.47
C GLY C 237 -15.87 -32.54 -17.25
N LEU C 238 -16.88 -31.85 -16.69
CA LEU C 238 -18.14 -31.68 -17.41
C LEU C 238 -17.95 -30.85 -18.67
N VAL C 239 -16.92 -30.01 -18.71
CA VAL C 239 -16.59 -29.31 -19.95
C VAL C 239 -15.87 -30.24 -20.92
N ALA C 240 -15.15 -31.23 -20.40
CA ALA C 240 -14.44 -32.17 -21.26
C ALA C 240 -15.41 -33.05 -22.06
N ALA C 241 -16.57 -33.36 -21.48
CA ALA C 241 -17.56 -34.17 -22.17
C ALA C 241 -18.54 -33.35 -23.01
N GLY C 242 -18.40 -32.03 -23.00
CA GLY C 242 -19.28 -31.18 -23.80
C GLY C 242 -20.70 -31.08 -23.29
N VAL C 243 -20.95 -31.44 -22.02
CA VAL C 243 -22.31 -31.34 -21.49
C VAL C 243 -22.62 -29.92 -21.05
N VAL C 244 -21.61 -29.16 -20.63
CA VAL C 244 -21.79 -27.78 -20.19
C VAL C 244 -21.10 -26.86 -21.19
N PRO C 245 -21.71 -25.74 -21.57
CA PRO C 245 -21.05 -24.81 -22.50
C PRO C 245 -19.70 -24.37 -21.96
N SER C 246 -18.68 -24.44 -22.83
CA SER C 246 -17.32 -24.11 -22.42
C SER C 246 -17.19 -22.61 -22.17
N PRO C 247 -16.63 -22.18 -21.04
CA PRO C 247 -16.45 -20.75 -20.80
C PRO C 247 -15.24 -20.15 -21.50
N PHE C 248 -14.47 -20.93 -22.24
CA PHE C 248 -13.30 -20.43 -22.95
C PHE C 248 -13.64 -19.55 -24.13
N GLU C 249 -14.93 -19.37 -24.46
CA GLU C 249 -15.31 -18.59 -25.62
C GLU C 249 -15.20 -17.09 -25.37
N HIS C 250 -15.32 -16.65 -24.12
CA HIS C 250 -15.31 -15.23 -23.81
C HIS C 250 -14.27 -14.88 -22.75
N CYS C 251 -14.06 -15.80 -21.80
CA CYS C 251 -13.15 -15.53 -20.69
C CYS C 251 -11.70 -15.46 -21.17
N HIS C 252 -10.92 -14.60 -20.51
CA HIS C 252 -9.51 -14.44 -20.83
C HIS C 252 -8.64 -15.46 -20.08
N VAL C 253 -8.70 -15.43 -18.76
CA VAL C 253 -7.94 -16.34 -17.90
C VAL C 253 -8.93 -17.28 -17.22
N VAL C 254 -8.72 -18.58 -17.37
CA VAL C 254 -9.61 -19.60 -16.82
C VAL C 254 -8.77 -20.53 -15.95
N THR C 255 -9.04 -20.53 -14.65
CA THR C 255 -8.39 -21.44 -13.73
C THR C 255 -9.31 -22.61 -13.41
N THR C 256 -8.71 -23.73 -13.04
CA THR C 256 -9.47 -24.94 -12.72
C THR C 256 -8.60 -25.88 -11.90
N THR C 257 -9.26 -26.80 -11.22
CA THR C 257 -8.58 -27.83 -10.45
C THR C 257 -8.44 -29.09 -11.30
N THR C 258 -8.01 -30.18 -10.67
CA THR C 258 -7.84 -31.45 -11.37
C THR C 258 -8.69 -32.57 -10.82
N HIS C 259 -9.14 -32.48 -9.56
CA HIS C 259 -9.95 -33.54 -8.98
C HIS C 259 -11.43 -33.18 -8.89
N LYS C 260 -12.21 -34.06 -8.26
CA LYS C 260 -13.64 -33.95 -8.00
C LYS C 260 -14.50 -34.15 -9.24
N THR C 261 -13.89 -34.08 -10.43
CA THR C 261 -14.63 -34.48 -11.63
C THR C 261 -13.80 -35.39 -12.52
N LEU C 262 -12.51 -35.10 -12.68
CA LEU C 262 -11.66 -35.83 -13.61
C LEU C 262 -10.95 -37.01 -12.97
N ARG C 263 -11.11 -37.20 -11.66
CA ARG C 263 -10.50 -38.32 -10.94
C ARG C 263 -8.98 -38.28 -11.04
N GLY C 264 -8.40 -37.13 -10.70
CA GLY C 264 -6.97 -36.94 -10.75
C GLY C 264 -6.38 -36.64 -9.39
N CYS C 265 -5.10 -36.25 -9.37
CA CYS C 265 -4.41 -35.93 -8.12
C CYS C 265 -4.57 -34.45 -7.78
N ARG C 266 -3.93 -34.04 -6.69
CA ARG C 266 -4.04 -32.67 -6.19
C ARG C 266 -3.14 -31.77 -7.04
N ALA C 267 -3.75 -30.97 -7.91
CA ALA C 267 -3.02 -30.03 -8.74
C ALA C 267 -4.00 -29.02 -9.32
N GLY C 268 -3.44 -27.99 -9.98
CA GLY C 268 -4.25 -26.97 -10.59
C GLY C 268 -3.68 -26.58 -11.95
N MET C 269 -4.56 -26.02 -12.78
CA MET C 269 -4.19 -25.60 -14.13
C MET C 269 -4.71 -24.18 -14.37
N ILE C 270 -3.94 -23.41 -15.13
CA ILE C 270 -4.28 -22.02 -15.46
C ILE C 270 -4.25 -21.87 -16.96
N PHE C 271 -5.38 -21.48 -17.55
CA PHE C 271 -5.49 -21.22 -18.98
C PHE C 271 -5.54 -19.72 -19.21
N TYR C 272 -4.74 -19.25 -20.16
CA TYR C 272 -4.66 -17.83 -20.48
C TYR C 272 -4.70 -17.62 -21.99
N ARG C 273 -5.22 -16.47 -22.40
CA ARG C 273 -5.33 -16.16 -23.81
C ARG C 273 -3.98 -15.77 -24.40
N LYS C 274 -3.80 -16.03 -25.69
CA LYS C 274 -2.60 -15.68 -26.41
C LYS C 274 -2.98 -15.11 -27.77
N GLY C 275 -2.11 -14.25 -28.31
CA GLY C 275 -2.33 -13.64 -29.61
C GLY C 275 -2.45 -12.13 -29.50
N VAL C 276 -3.29 -11.57 -30.37
CA VAL C 276 -3.49 -10.12 -30.46
C VAL C 276 -4.71 -9.76 -29.63
N LYS C 277 -4.54 -8.79 -28.73
CA LYS C 277 -5.67 -8.33 -27.91
C LYS C 277 -6.66 -7.53 -28.75
N SER C 278 -6.19 -6.45 -29.38
CA SER C 278 -7.05 -5.62 -30.20
C SER C 278 -6.18 -4.86 -31.19
N VAL C 279 -6.83 -4.29 -32.20
CA VAL C 279 -6.14 -3.51 -33.23
C VAL C 279 -6.10 -2.06 -32.82
N ASP C 280 -4.96 -1.41 -33.06
CA ASP C 280 -4.79 -0.01 -32.71
C ASP C 280 -5.24 0.87 -33.87
N PRO C 281 -6.34 1.62 -33.74
CA PRO C 281 -6.81 2.44 -34.87
C PRO C 281 -5.96 3.69 -35.10
N LYS C 282 -4.99 3.99 -34.24
CA LYS C 282 -4.20 5.20 -34.40
C LYS C 282 -3.28 5.09 -35.62
N THR C 283 -2.52 4.00 -35.71
CA THR C 283 -1.59 3.81 -36.81
C THR C 283 -1.70 2.43 -37.43
N GLY C 284 -2.83 1.74 -37.23
CA GLY C 284 -3.02 0.42 -37.80
C GLY C 284 -2.19 -0.66 -37.18
N LYS C 285 -1.68 -0.45 -35.97
CA LYS C 285 -0.86 -1.44 -35.29
C LYS C 285 -1.76 -2.41 -34.52
N GLU C 286 -1.12 -3.33 -33.79
CA GLU C 286 -1.84 -4.34 -33.02
C GLU C 286 -1.14 -4.54 -31.68
N ILE C 287 -1.94 -4.82 -30.66
CA ILE C 287 -1.43 -5.05 -29.30
C ILE C 287 -1.50 -6.55 -29.01
N LEU C 288 -0.38 -7.12 -28.62
CA LEU C 288 -0.28 -8.55 -28.33
C LEU C 288 -0.50 -8.80 -26.85
N TYR C 289 -0.99 -9.99 -26.53
CA TYR C 289 -1.23 -10.37 -25.14
C TYR C 289 0.10 -10.52 -24.41
N ASN C 290 0.11 -10.11 -23.14
CA ASN C 290 1.29 -10.25 -22.29
C ASN C 290 0.97 -10.99 -20.99
N LEU C 291 -0.15 -11.71 -20.96
CA LEU C 291 -0.53 -12.43 -19.75
C LEU C 291 0.36 -13.64 -19.50
N GLU C 292 0.94 -14.20 -20.56
CA GLU C 292 1.78 -15.40 -20.42
C GLU C 292 2.98 -15.12 -19.52
N SER C 293 3.75 -14.07 -19.84
CA SER C 293 4.95 -13.77 -19.07
C SER C 293 4.59 -13.37 -17.65
N LEU C 294 3.50 -12.62 -17.46
CA LEU C 294 3.10 -12.19 -16.13
C LEU C 294 2.73 -13.39 -15.27
N ILE C 295 1.92 -14.31 -15.82
CA ILE C 295 1.51 -15.50 -15.07
C ILE C 295 2.73 -16.38 -14.77
N ASN C 296 3.64 -16.50 -15.75
CA ASN C 296 4.83 -17.30 -15.53
C ASN C 296 5.69 -16.73 -14.41
N SER C 297 5.90 -15.41 -14.42
CA SER C 297 6.71 -14.79 -13.37
C SER C 297 6.02 -14.83 -12.01
N ALA C 298 4.69 -14.78 -11.99
CA ALA C 298 3.97 -14.86 -10.71
C ALA C 298 4.03 -16.27 -10.15
N VAL C 299 3.96 -17.28 -11.01
CA VAL C 299 4.02 -18.66 -10.53
C VAL C 299 5.43 -19.00 -10.06
N PHE C 300 6.44 -18.71 -10.89
CA PHE C 300 7.82 -18.99 -10.54
C PHE C 300 8.71 -17.90 -11.12
N PRO C 301 9.65 -17.36 -10.34
CA PRO C 301 9.86 -17.73 -8.94
C PRO C 301 9.10 -16.83 -7.96
N GLY C 302 7.87 -16.48 -8.31
CA GLY C 302 7.06 -15.60 -7.49
C GLY C 302 6.64 -16.20 -6.17
N LEU C 303 5.78 -17.23 -6.23
CA LEU C 303 5.23 -17.86 -5.03
C LEU C 303 5.84 -19.23 -4.74
N GLN C 304 5.79 -20.14 -5.72
CA GLN C 304 6.26 -21.51 -5.52
C GLN C 304 7.68 -21.68 -6.02
N GLY C 305 8.28 -22.82 -5.66
CA GLY C 305 9.63 -23.14 -6.08
C GLY C 305 9.67 -24.32 -7.04
N GLY C 306 10.04 -25.49 -6.52
CA GLY C 306 10.11 -26.69 -7.32
C GLY C 306 8.77 -27.39 -7.46
N PRO C 307 8.28 -27.51 -8.68
CA PRO C 307 6.99 -28.19 -8.90
C PRO C 307 7.08 -29.67 -8.58
N HIS C 308 5.91 -30.28 -8.44
CA HIS C 308 5.81 -31.71 -8.13
C HIS C 308 5.68 -32.47 -9.46
N ASN C 309 6.73 -33.20 -9.82
CA ASN C 309 6.72 -33.95 -11.08
C ASN C 309 5.71 -35.09 -11.04
N HIS C 310 5.56 -35.72 -9.87
CA HIS C 310 4.59 -36.81 -9.73
C HIS C 310 3.17 -36.30 -9.96
N ALA C 311 2.86 -35.11 -9.44
CA ALA C 311 1.54 -34.53 -9.68
C ALA C 311 1.33 -34.23 -11.15
N ILE C 312 2.37 -33.75 -11.83
CA ILE C 312 2.28 -33.47 -13.26
C ILE C 312 2.01 -34.76 -14.03
N ALA C 313 2.72 -35.84 -13.69
CA ALA C 313 2.49 -37.11 -14.36
C ALA C 313 1.09 -37.63 -14.09
N GLY C 314 0.60 -37.48 -12.85
CA GLY C 314 -0.74 -37.94 -12.53
C GLY C 314 -1.82 -37.18 -13.29
N VAL C 315 -1.69 -35.85 -13.36
CA VAL C 315 -2.69 -35.07 -14.09
C VAL C 315 -2.58 -35.33 -15.59
N ALA C 316 -1.37 -35.62 -16.08
CA ALA C 316 -1.23 -36.00 -17.49
C ALA C 316 -1.95 -37.31 -17.78
N VAL C 317 -1.80 -38.30 -16.90
CA VAL C 317 -2.49 -39.57 -17.07
C VAL C 317 -4.00 -39.36 -16.99
N ALA C 318 -4.46 -38.51 -16.06
CA ALA C 318 -5.88 -38.25 -15.93
C ALA C 318 -6.43 -37.57 -17.17
N LEU C 319 -5.67 -36.63 -17.75
CA LEU C 319 -6.12 -35.94 -18.96
C LEU C 319 -6.13 -36.87 -20.15
N LYS C 320 -5.16 -37.80 -20.23
CA LYS C 320 -5.18 -38.78 -21.30
C LYS C 320 -6.36 -39.73 -21.17
N GLN C 321 -6.70 -40.12 -19.94
CA GLN C 321 -7.85 -40.99 -19.73
C GLN C 321 -9.16 -40.26 -19.96
N ALA C 322 -9.18 -38.95 -19.76
CA ALA C 322 -10.41 -38.18 -19.93
C ALA C 322 -10.77 -37.95 -21.39
N MET C 323 -9.79 -38.02 -22.29
CA MET C 323 -10.03 -37.78 -23.72
C MET C 323 -10.62 -38.99 -24.43
N THR C 324 -11.06 -40.01 -23.70
CA THR C 324 -11.63 -41.22 -24.29
C THR C 324 -13.16 -41.14 -24.27
N LEU C 325 -13.77 -42.01 -25.07
CA LEU C 325 -15.23 -42.09 -25.09
C LEU C 325 -15.79 -42.63 -23.78
N GLU C 326 -15.00 -43.42 -23.06
CA GLU C 326 -15.44 -43.93 -21.78
C GLU C 326 -15.73 -42.81 -20.79
N PHE C 327 -14.99 -41.70 -20.87
CA PHE C 327 -15.26 -40.57 -19.99
C PHE C 327 -16.61 -39.94 -20.30
N LYS C 328 -16.94 -39.80 -21.59
CA LYS C 328 -18.25 -39.25 -21.95
C LYS C 328 -19.37 -40.20 -21.55
N VAL C 329 -19.15 -41.51 -21.69
CA VAL C 329 -20.15 -42.48 -21.26
C VAL C 329 -20.34 -42.39 -19.74
N TYR C 330 -19.25 -42.21 -19.00
CA TYR C 330 -19.34 -42.07 -17.55
C TYR C 330 -20.09 -40.81 -17.16
N GLN C 331 -19.86 -39.71 -17.88
CA GLN C 331 -20.59 -38.47 -17.58
C GLN C 331 -22.07 -38.61 -17.90
N HIS C 332 -22.40 -39.29 -18.99
CA HIS C 332 -23.80 -39.55 -19.31
C HIS C 332 -24.45 -40.41 -18.24
N GLN C 333 -23.74 -41.43 -17.77
CA GLN C 333 -24.27 -42.25 -16.68
C GLN C 333 -24.44 -41.44 -15.41
N VAL C 334 -23.51 -40.50 -15.15
CA VAL C 334 -23.61 -39.64 -13.97
C VAL C 334 -24.88 -38.79 -14.05
N VAL C 335 -25.12 -38.15 -15.19
CA VAL C 335 -26.29 -37.27 -15.29
C VAL C 335 -27.58 -38.11 -15.28
N ALA C 336 -27.56 -39.31 -15.86
CA ALA C 336 -28.74 -40.16 -15.82
C ALA C 336 -29.05 -40.61 -14.40
N ASN C 337 -28.02 -41.00 -13.65
CA ASN C 337 -28.24 -41.40 -12.26
C ASN C 337 -28.70 -40.22 -11.41
N CYS C 338 -28.18 -39.03 -11.69
CA CYS C 338 -28.65 -37.84 -10.97
C CYS C 338 -30.12 -37.57 -11.24
N ARG C 339 -30.53 -37.66 -12.51
CA ARG C 339 -31.94 -37.48 -12.84
C ARG C 339 -32.80 -38.54 -12.17
N ALA C 340 -32.34 -39.79 -12.18
CA ALA C 340 -33.11 -40.87 -11.56
C ALA C 340 -33.24 -40.67 -10.06
N LEU C 341 -32.17 -40.25 -9.40
CA LEU C 341 -32.23 -40.02 -7.95
C LEU C 341 -33.13 -38.83 -7.63
N SER C 342 -33.08 -37.77 -8.44
CA SER C 342 -33.97 -36.64 -8.21
C SER C 342 -35.43 -37.05 -8.37
N GLU C 343 -35.73 -37.85 -9.39
CA GLU C 343 -37.11 -38.32 -9.59
C GLU C 343 -37.55 -39.21 -8.45
N ALA C 344 -36.68 -40.12 -7.99
CA ALA C 344 -37.04 -41.02 -6.91
C ALA C 344 -37.24 -40.27 -5.59
N LEU C 345 -36.45 -39.20 -5.37
CA LEU C 345 -36.62 -38.41 -4.16
C LEU C 345 -37.86 -37.54 -4.22
N THR C 346 -38.21 -37.04 -5.42
CA THR C 346 -39.45 -36.28 -5.56
C THR C 346 -40.67 -37.18 -5.41
N GLU C 347 -40.57 -38.44 -5.84
CA GLU C 347 -41.69 -39.36 -5.69
C GLU C 347 -42.02 -39.64 -4.24
N LEU C 348 -41.00 -39.68 -3.37
CA LEU C 348 -41.19 -39.98 -1.96
C LEU C 348 -41.68 -38.80 -1.15
N GLY C 349 -42.13 -37.72 -1.80
CA GLY C 349 -42.68 -36.58 -1.10
C GLY C 349 -41.67 -35.56 -0.63
N TYR C 350 -40.41 -35.69 -1.02
CA TYR C 350 -39.38 -34.73 -0.63
C TYR C 350 -39.36 -33.57 -1.61
N LYS C 351 -39.50 -32.35 -1.09
CA LYS C 351 -39.56 -31.16 -1.93
C LYS C 351 -38.16 -30.80 -2.40
N ILE C 352 -37.90 -31.00 -3.68
CA ILE C 352 -36.62 -30.61 -4.28
C ILE C 352 -36.69 -29.14 -4.66
N VAL C 353 -35.66 -28.39 -4.26
CA VAL C 353 -35.65 -26.93 -4.44
C VAL C 353 -35.01 -26.61 -5.78
N THR C 354 -35.52 -25.56 -6.42
CA THR C 354 -35.05 -25.10 -7.74
C THR C 354 -35.13 -26.20 -8.79
N GLY C 355 -36.05 -27.14 -8.62
CA GLY C 355 -36.21 -28.23 -9.56
C GLY C 355 -34.96 -29.07 -9.73
N GLY C 356 -34.18 -29.23 -8.68
CA GLY C 356 -32.92 -29.97 -8.76
C GLY C 356 -31.76 -29.06 -9.16
N SER C 357 -31.15 -29.36 -10.29
CA SER C 357 -30.04 -28.58 -10.83
C SER C 357 -29.85 -28.98 -12.28
N ASP C 358 -28.75 -28.53 -12.89
CA ASP C 358 -28.49 -28.76 -14.30
C ASP C 358 -27.52 -29.90 -14.55
N ASN C 359 -26.34 -29.88 -13.94
CA ASN C 359 -25.29 -30.81 -14.35
C ASN C 359 -25.25 -32.09 -13.52
N HIS C 360 -24.96 -31.98 -12.21
CA HIS C 360 -24.73 -33.19 -11.43
C HIS C 360 -25.32 -33.19 -10.02
N LEU C 361 -25.73 -32.05 -9.47
CA LEU C 361 -26.05 -31.97 -8.05
C LEU C 361 -27.56 -31.95 -7.83
N ILE C 362 -27.98 -32.39 -6.63
CA ILE C 362 -29.35 -32.28 -6.17
C ILE C 362 -29.33 -31.68 -4.77
N LEU C 363 -30.46 -31.09 -4.39
CA LEU C 363 -30.58 -30.42 -3.09
C LEU C 363 -31.99 -30.69 -2.55
N VAL C 364 -32.09 -31.59 -1.59
CA VAL C 364 -33.37 -31.91 -0.95
C VAL C 364 -33.55 -30.98 0.25
N ASP C 365 -34.79 -30.58 0.48
CA ASP C 365 -35.14 -29.69 1.58
C ASP C 365 -35.99 -30.45 2.59
N LEU C 366 -35.78 -30.17 3.88
CA LEU C 366 -36.50 -30.83 4.95
C LEU C 366 -37.26 -29.86 5.84
N ARG C 367 -37.36 -28.59 5.44
CA ARG C 367 -38.10 -27.62 6.25
C ARG C 367 -39.59 -27.95 6.29
N SER C 368 -40.13 -28.54 5.23
CA SER C 368 -41.53 -28.93 5.22
C SER C 368 -41.81 -30.04 6.25
N LYS C 369 -40.84 -30.92 6.49
CA LYS C 369 -41.02 -31.98 7.47
C LYS C 369 -40.88 -31.46 8.91
N GLY C 370 -40.11 -30.40 9.11
CA GLY C 370 -39.94 -29.83 10.43
C GLY C 370 -38.51 -29.91 10.93
N THR C 371 -37.84 -31.03 10.65
CA THR C 371 -36.46 -31.21 11.09
C THR C 371 -35.51 -30.45 10.17
N ASP C 372 -34.41 -29.99 10.76
CA ASP C 372 -33.39 -29.28 10.00
C ASP C 372 -32.43 -30.27 9.35
N GLY C 373 -31.60 -29.75 8.44
CA GLY C 373 -30.65 -30.60 7.75
C GLY C 373 -29.52 -31.10 8.64
N GLY C 374 -29.21 -30.37 9.71
CA GLY C 374 -28.11 -30.77 10.57
C GLY C 374 -28.38 -32.07 11.29
N ARG C 375 -29.58 -32.20 11.86
CA ARG C 375 -29.93 -33.44 12.56
C ARG C 375 -29.96 -34.62 11.60
N ALA C 376 -30.55 -34.42 10.42
CA ALA C 376 -30.59 -35.49 9.42
C ALA C 376 -29.18 -35.91 9.03
N GLU C 377 -28.28 -34.95 8.77
CA GLU C 377 -26.95 -35.31 8.31
C GLU C 377 -26.13 -35.95 9.41
N LYS C 378 -26.34 -35.55 10.67
CA LYS C 378 -25.58 -36.20 11.75
C LYS C 378 -26.09 -37.62 12.01
N VAL C 379 -27.40 -37.84 11.90
CA VAL C 379 -27.90 -39.21 11.98
C VAL C 379 -27.36 -40.04 10.81
N LEU C 380 -27.24 -39.42 9.64
CA LEU C 380 -26.69 -40.13 8.48
C LEU C 380 -25.23 -40.53 8.71
N GLU C 381 -24.42 -39.60 9.22
CA GLU C 381 -23.05 -39.95 9.58
C GLU C 381 -23.02 -41.02 10.68
N ALA C 382 -24.04 -41.05 11.54
CA ALA C 382 -24.12 -42.09 12.54
C ALA C 382 -24.42 -43.45 11.94
N CYS C 383 -25.20 -43.49 10.86
CA CYS C 383 -25.50 -44.75 10.16
C CYS C 383 -24.64 -44.93 8.92
N SER C 384 -23.39 -44.44 8.95
CA SER C 384 -22.41 -44.62 7.88
C SER C 384 -22.92 -44.08 6.54
N ILE C 385 -23.49 -42.88 6.56
CA ILE C 385 -23.89 -42.17 5.35
C ILE C 385 -23.21 -40.81 5.36
N ALA C 386 -22.48 -40.51 4.28
CA ALA C 386 -21.67 -39.29 4.19
C ALA C 386 -22.46 -38.19 3.52
N CYS C 387 -22.77 -37.13 4.26
CA CYS C 387 -23.43 -35.94 3.73
C CYS C 387 -22.83 -34.72 4.40
N ASN C 388 -23.25 -33.54 3.95
CA ASN C 388 -22.69 -32.29 4.45
C ASN C 388 -23.69 -31.17 4.25
N LYS C 389 -23.62 -30.18 5.14
CA LYS C 389 -24.47 -29.00 5.04
C LYS C 389 -23.84 -27.96 4.11
N ASN C 390 -24.68 -27.07 3.60
CA ASN C 390 -24.24 -26.03 2.69
C ASN C 390 -25.11 -24.80 2.87
N THR C 391 -24.51 -23.63 2.64
CA THR C 391 -25.24 -22.36 2.71
C THR C 391 -25.83 -22.05 1.35
N CYS C 392 -27.14 -21.81 1.31
CA CYS C 392 -27.87 -21.54 0.10
C CYS C 392 -28.84 -20.39 0.33
N PRO C 393 -29.26 -19.69 -0.73
CA PRO C 393 -30.24 -18.61 -0.56
C PRO C 393 -31.56 -19.12 0.00
N GLY C 394 -31.90 -18.65 1.19
CA GLY C 394 -33.08 -19.13 1.89
C GLY C 394 -32.77 -19.63 3.28
N ASP C 395 -31.61 -20.28 3.44
CA ASP C 395 -31.14 -20.75 4.74
C ASP C 395 -30.30 -19.63 5.35
N ARG C 396 -30.95 -18.75 6.09
CA ARG C 396 -30.31 -17.59 6.68
C ARG C 396 -29.43 -17.92 7.88
N SER C 397 -29.28 -19.18 8.23
CA SER C 397 -28.50 -19.57 9.39
C SER C 397 -27.78 -20.89 9.11
N ALA C 398 -26.49 -20.95 9.45
CA ALA C 398 -25.71 -22.16 9.22
C ALA C 398 -25.82 -23.16 10.35
N LEU C 399 -26.11 -22.71 11.58
CA LEU C 399 -26.24 -23.64 12.69
C LEU C 399 -27.52 -24.46 12.60
N ARG C 400 -28.52 -23.97 11.88
CA ARG C 400 -29.77 -24.68 11.63
C ARG C 400 -29.99 -24.71 10.13
N PRO C 401 -29.29 -25.58 9.40
CA PRO C 401 -29.41 -25.59 7.94
C PRO C 401 -30.64 -26.34 7.48
N SER C 402 -31.15 -25.92 6.32
CA SER C 402 -32.31 -26.56 5.70
C SER C 402 -31.98 -27.20 4.35
N GLY C 403 -30.72 -27.14 3.92
CA GLY C 403 -30.34 -27.71 2.64
C GLY C 403 -29.41 -28.90 2.78
N LEU C 404 -29.79 -30.03 2.21
CA LEU C 404 -29.00 -31.27 2.26
C LEU C 404 -28.58 -31.61 0.84
N ARG C 405 -27.34 -31.29 0.49
CA ARG C 405 -26.81 -31.52 -0.85
C ARG C 405 -26.18 -32.90 -0.93
N LEU C 406 -26.34 -33.56 -2.08
CA LEU C 406 -25.81 -34.90 -2.31
C LEU C 406 -24.86 -34.86 -3.51
N GLY C 407 -24.23 -36.01 -3.77
CA GLY C 407 -23.28 -36.12 -4.86
C GLY C 407 -23.44 -37.39 -5.67
N THR C 408 -23.69 -37.23 -6.97
CA THR C 408 -23.93 -38.34 -7.89
C THR C 408 -22.66 -39.02 -8.39
N PRO C 409 -21.63 -38.30 -8.87
CA PRO C 409 -20.54 -38.97 -9.59
C PRO C 409 -19.77 -40.01 -8.78
N ALA C 410 -19.78 -39.91 -7.45
CA ALA C 410 -19.07 -40.90 -6.64
C ALA C 410 -19.70 -42.29 -6.79
N LEU C 411 -21.03 -42.37 -6.64
CA LEU C 411 -21.71 -43.65 -6.77
C LEU C 411 -21.58 -44.21 -8.18
N THR C 412 -21.61 -43.34 -9.19
CA THR C 412 -21.43 -43.80 -10.56
C THR C 412 -20.02 -44.34 -10.78
N SER C 413 -19.02 -43.67 -10.21
CA SER C 413 -17.65 -44.19 -10.28
C SER C 413 -17.53 -45.52 -9.54
N ARG C 414 -18.32 -45.73 -8.49
CA ARG C 414 -18.35 -47.01 -7.82
C ARG C 414 -19.19 -48.05 -8.55
N GLY C 415 -19.96 -47.65 -9.55
CA GLY C 415 -20.71 -48.58 -10.36
C GLY C 415 -22.16 -48.78 -9.99
N LEU C 416 -22.81 -47.77 -9.39
CA LEU C 416 -24.21 -47.90 -9.02
C LEU C 416 -25.11 -47.63 -10.21
N LEU C 417 -26.20 -48.37 -10.30
CA LEU C 417 -27.14 -48.30 -11.42
C LEU C 417 -28.43 -47.62 -10.97
N GLU C 418 -29.41 -47.59 -11.89
CA GLU C 418 -30.67 -46.90 -11.62
C GLU C 418 -31.41 -47.55 -10.46
N LYS C 419 -31.58 -48.88 -10.50
CA LYS C 419 -32.20 -49.58 -9.38
C LYS C 419 -31.39 -49.44 -8.11
N ASP C 420 -30.06 -49.39 -8.23
CA ASP C 420 -29.22 -49.14 -7.07
C ASP C 420 -29.47 -47.76 -6.49
N PHE C 421 -29.63 -46.75 -7.36
CA PHE C 421 -29.96 -45.41 -6.88
C PHE C 421 -31.34 -45.37 -6.25
N GLN C 422 -32.28 -46.18 -6.74
CA GLN C 422 -33.59 -46.26 -6.09
C GLN C 422 -33.48 -46.90 -4.72
N LYS C 423 -32.59 -47.90 -4.58
CA LYS C 423 -32.36 -48.49 -3.27
C LYS C 423 -31.74 -47.48 -2.31
N VAL C 424 -30.80 -46.67 -2.81
CA VAL C 424 -30.23 -45.60 -1.97
C VAL C 424 -31.31 -44.58 -1.62
N ALA C 425 -32.26 -44.33 -2.51
CA ALA C 425 -33.37 -43.45 -2.20
C ALA C 425 -34.24 -44.02 -1.08
N HIS C 426 -34.53 -45.31 -1.15
CA HIS C 426 -35.25 -45.96 -0.05
C HIS C 426 -34.47 -45.87 1.25
N PHE C 427 -33.14 -46.01 1.18
CA PHE C 427 -32.31 -45.94 2.38
C PHE C 427 -32.34 -44.53 2.98
N ILE C 428 -32.22 -43.50 2.16
CA ILE C 428 -32.25 -42.14 2.69
C ILE C 428 -33.65 -41.78 3.20
N HIS C 429 -34.70 -42.36 2.58
CA HIS C 429 -36.05 -42.16 3.11
C HIS C 429 -36.18 -42.79 4.49
N ARG C 430 -35.66 -44.01 4.67
CA ARG C 430 -35.67 -44.64 5.98
C ARG C 430 -34.87 -43.84 6.99
N GLY C 431 -33.74 -43.28 6.57
CA GLY C 431 -32.94 -42.46 7.46
C GLY C 431 -33.66 -41.19 7.89
N ILE C 432 -34.35 -40.54 6.95
CA ILE C 432 -35.12 -39.35 7.30
C ILE C 432 -36.28 -39.71 8.23
N GLU C 433 -36.90 -40.87 8.01
CA GLU C 433 -37.95 -41.32 8.92
C GLU C 433 -37.41 -41.55 10.32
N LEU C 434 -36.23 -42.18 10.43
CA LEU C 434 -35.62 -42.39 11.73
C LEU C 434 -35.27 -41.08 12.41
N THR C 435 -34.76 -40.11 11.64
CA THR C 435 -34.44 -38.80 12.21
C THR C 435 -35.70 -38.09 12.69
N LEU C 436 -36.79 -38.19 11.92
CA LEU C 436 -38.06 -37.59 12.36
C LEU C 436 -38.57 -38.25 13.62
N GLN C 437 -38.43 -39.58 13.72
CA GLN C 437 -38.85 -40.27 14.94
C GLN C 437 -38.02 -39.82 16.14
N ILE C 438 -36.71 -39.71 15.96
CA ILE C 438 -35.84 -39.26 17.05
C ILE C 438 -36.22 -37.85 17.48
N GLN C 439 -36.48 -36.96 16.51
CA GLN C 439 -36.85 -35.59 16.84
C GLN C 439 -38.19 -35.53 17.56
N SER C 440 -39.14 -36.37 17.15
CA SER C 440 -40.45 -36.36 17.80
C SER C 440 -40.37 -36.91 19.22
N ASP C 441 -39.53 -37.92 19.45
CA ASP C 441 -39.38 -38.45 20.80
C ASP C 441 -38.63 -37.49 21.70
N THR C 442 -37.56 -36.87 21.19
CA THR C 442 -36.78 -35.93 22.01
C THR C 442 -37.41 -34.54 22.08
N GLY C 443 -38.42 -34.26 21.26
CA GLY C 443 -39.07 -32.96 21.27
C GLY C 443 -38.51 -32.01 20.24
N VAL C 444 -39.36 -31.18 19.66
CA VAL C 444 -38.91 -30.22 18.64
C VAL C 444 -38.18 -29.04 19.26
N ARG C 445 -38.42 -28.74 20.54
CA ARG C 445 -37.76 -27.63 21.22
C ARG C 445 -36.46 -28.03 21.88
N ALA C 446 -36.02 -29.27 21.72
CA ALA C 446 -34.78 -29.72 22.35
C ALA C 446 -33.57 -29.09 21.68
N THR C 447 -32.45 -29.10 22.39
CA THR C 447 -31.20 -28.55 21.88
C THR C 447 -30.46 -29.59 21.03
N LEU C 448 -29.27 -29.23 20.57
CA LEU C 448 -28.50 -30.14 19.72
C LEU C 448 -27.87 -31.27 20.52
N LYS C 449 -27.36 -30.96 21.71
CA LYS C 449 -26.75 -32.00 22.54
C LYS C 449 -27.78 -33.01 23.02
N GLU C 450 -29.01 -32.55 23.27
CA GLU C 450 -30.09 -33.48 23.59
C GLU C 450 -30.33 -34.44 22.43
N PHE C 451 -30.25 -33.94 21.20
CA PHE C 451 -30.41 -34.81 20.03
C PHE C 451 -29.25 -35.80 19.93
N LYS C 452 -28.02 -35.33 20.19
CA LYS C 452 -26.87 -36.24 20.21
C LYS C 452 -27.06 -37.35 21.23
N GLU C 453 -27.56 -37.00 22.42
CA GLU C 453 -27.76 -38.01 23.45
C GLU C 453 -28.89 -38.97 23.10
N ARG C 454 -29.97 -38.45 22.50
CA ARG C 454 -31.07 -39.32 22.09
C ARG C 454 -30.65 -40.23 20.94
N LEU C 455 -29.66 -39.83 20.15
CA LEU C 455 -29.17 -40.69 19.07
C LEU C 455 -28.58 -41.98 19.61
N ALA C 456 -28.07 -41.96 20.84
CA ALA C 456 -27.49 -43.13 21.48
C ALA C 456 -28.50 -43.98 22.24
N GLY C 457 -29.79 -43.76 22.02
CA GLY C 457 -30.79 -44.55 22.70
C GLY C 457 -30.76 -46.01 22.28
N ASP C 458 -31.25 -46.87 23.16
CA ASP C 458 -31.16 -48.32 22.93
C ASP C 458 -31.84 -48.73 21.64
N LYS C 459 -33.15 -48.44 21.51
CA LYS C 459 -33.85 -48.79 20.29
C LYS C 459 -33.32 -48.02 19.10
N TYR C 460 -32.92 -46.76 19.31
CA TYR C 460 -32.34 -45.98 18.22
C TYR C 460 -30.99 -46.55 17.80
N GLN C 461 -30.18 -46.99 18.77
CA GLN C 461 -28.91 -47.64 18.42
C GLN C 461 -29.15 -48.93 17.65
N ALA C 462 -30.16 -49.72 18.06
CA ALA C 462 -30.47 -50.94 17.33
C ALA C 462 -30.92 -50.63 15.90
N ALA C 463 -31.75 -49.61 15.74
CA ALA C 463 -32.21 -49.23 14.40
C ALA C 463 -31.07 -48.76 13.52
N VAL C 464 -30.19 -47.91 14.05
CA VAL C 464 -29.09 -47.41 13.22
C VAL C 464 -28.08 -48.51 12.94
N GLN C 465 -27.94 -49.48 13.86
CA GLN C 465 -27.05 -50.61 13.59
C GLN C 465 -27.63 -51.50 12.49
N ALA C 466 -28.94 -51.73 12.51
CA ALA C 466 -29.58 -52.49 11.44
C ALA C 466 -29.42 -51.78 10.09
N LEU C 467 -29.63 -50.46 10.08
CA LEU C 467 -29.47 -49.70 8.84
C LEU C 467 -28.03 -49.74 8.35
N ARG C 468 -27.07 -49.66 9.28
CA ARG C 468 -25.66 -49.74 8.91
C ARG C 468 -25.31 -51.10 8.33
N GLU C 469 -25.81 -52.18 8.94
CA GLU C 469 -25.59 -53.51 8.40
C GLU C 469 -26.19 -53.64 7.00
N GLU C 470 -27.40 -53.09 6.81
CA GLU C 470 -28.04 -53.16 5.50
C GLU C 470 -27.23 -52.42 4.44
N VAL C 471 -26.81 -51.18 4.74
CA VAL C 471 -26.07 -50.41 3.74
C VAL C 471 -24.69 -51.01 3.50
N GLU C 472 -24.09 -51.63 4.52
CA GLU C 472 -22.79 -52.28 4.32
C GLU C 472 -22.93 -53.53 3.46
N SER C 473 -23.98 -54.32 3.68
CA SER C 473 -24.21 -55.47 2.82
C SER C 473 -24.54 -55.04 1.40
N PHE C 474 -25.20 -53.90 1.23
CA PHE C 474 -25.48 -53.39 -0.11
C PHE C 474 -24.22 -52.92 -0.81
N ALA C 475 -23.36 -52.19 -0.09
CA ALA C 475 -22.14 -51.65 -0.69
C ALA C 475 -21.05 -52.71 -0.87
N SER C 476 -21.11 -53.82 -0.13
CA SER C 476 -20.09 -54.84 -0.25
C SER C 476 -20.08 -55.52 -1.62
N LEU C 477 -21.21 -55.51 -2.32
CA LEU C 477 -21.27 -56.15 -3.63
C LEU C 477 -20.44 -55.40 -4.66
N PHE C 478 -20.46 -54.08 -4.61
CA PHE C 478 -19.75 -53.27 -5.60
C PHE C 478 -18.29 -53.09 -5.18
N PRO C 479 -17.36 -53.19 -6.13
CA PRO C 479 -15.93 -53.11 -5.79
C PRO C 479 -15.49 -51.68 -5.53
N LEU C 480 -14.23 -51.53 -5.14
CA LEU C 480 -13.63 -50.23 -4.85
C LEU C 480 -12.39 -50.04 -5.70
N PRO C 481 -12.36 -49.04 -6.58
CA PRO C 481 -11.18 -48.84 -7.43
C PRO C 481 -10.01 -48.28 -6.62
N GLY C 482 -8.82 -48.71 -6.99
CA GLY C 482 -7.61 -48.27 -6.33
C GLY C 482 -6.54 -49.36 -6.40
N LEU C 483 -5.67 -49.36 -5.39
CA LEU C 483 -4.61 -50.36 -5.33
C LEU C 483 -5.15 -51.66 -4.73
N PRO C 484 -4.70 -52.82 -5.23
CA PRO C 484 -5.13 -54.13 -4.73
C PRO C 484 -4.75 -54.34 -3.26
N SER D 19 -17.53 -54.12 -16.90
CA SER D 19 -17.35 -53.97 -18.33
C SER D 19 -16.20 -53.00 -18.64
N SER D 20 -16.56 -51.77 -19.00
CA SER D 20 -15.55 -50.76 -19.31
C SER D 20 -14.93 -50.15 -18.07
N HIS D 21 -15.71 -50.02 -16.99
CA HIS D 21 -15.17 -49.45 -15.76
C HIS D 21 -14.19 -50.39 -15.07
N ASP D 22 -14.41 -51.71 -15.20
CA ASP D 22 -13.49 -52.66 -14.61
C ASP D 22 -12.17 -52.71 -15.36
N LYS D 23 -12.17 -52.34 -16.65
CA LYS D 23 -10.95 -52.34 -17.45
C LYS D 23 -10.24 -51.00 -17.44
N MET D 24 -10.98 -49.90 -17.22
CA MET D 24 -10.36 -48.57 -17.25
C MET D 24 -9.76 -48.22 -15.89
N LEU D 25 -10.55 -48.31 -14.83
CA LEU D 25 -10.10 -47.92 -13.49
C LEU D 25 -9.17 -48.93 -12.83
N ALA D 26 -8.92 -50.08 -13.47
CA ALA D 26 -8.04 -51.08 -12.91
C ALA D 26 -6.86 -51.42 -13.81
N GLN D 27 -6.72 -50.74 -14.95
CA GLN D 27 -5.61 -51.02 -15.84
C GLN D 27 -4.31 -50.45 -15.29
N PRO D 28 -3.22 -51.21 -15.31
CA PRO D 28 -1.94 -50.70 -14.80
C PRO D 28 -1.43 -49.54 -15.64
N LEU D 29 -0.41 -48.86 -15.10
CA LEU D 29 0.16 -47.71 -15.79
C LEU D 29 0.90 -48.12 -17.05
N LYS D 30 1.52 -49.30 -17.05
CA LYS D 30 2.28 -49.74 -18.21
C LYS D 30 1.37 -49.99 -19.41
N ASP D 31 0.16 -50.50 -19.16
CA ASP D 31 -0.77 -50.80 -20.25
C ASP D 31 -1.59 -49.58 -20.65
N SER D 32 -1.93 -48.70 -19.71
CA SER D 32 -2.75 -47.54 -20.03
C SER D 32 -1.96 -46.50 -20.81
N ASP D 33 -0.85 -46.03 -20.25
CA ASP D 33 -0.04 -44.98 -20.85
C ASP D 33 1.41 -45.46 -20.92
N VAL D 34 1.89 -45.74 -22.13
CA VAL D 34 3.26 -46.19 -22.31
C VAL D 34 4.25 -45.03 -22.37
N GLU D 35 3.79 -43.83 -22.73
CA GLU D 35 4.70 -42.68 -22.85
C GLU D 35 5.24 -42.28 -21.49
N VAL D 36 4.35 -42.05 -20.51
CA VAL D 36 4.81 -41.69 -19.17
C VAL D 36 5.56 -42.85 -18.53
N TYR D 37 5.22 -44.09 -18.89
CA TYR D 37 5.96 -45.24 -18.38
C TYR D 37 7.40 -45.21 -18.86
N ASN D 38 7.60 -44.98 -20.17
CA ASN D 38 8.95 -44.89 -20.70
C ASN D 38 9.70 -43.69 -20.12
N ILE D 39 8.99 -42.58 -19.90
CA ILE D 39 9.63 -41.41 -19.31
C ILE D 39 10.12 -41.72 -17.90
N ILE D 40 9.28 -42.38 -17.11
CA ILE D 40 9.67 -42.74 -15.74
C ILE D 40 10.81 -43.74 -15.76
N LYS D 41 10.80 -44.68 -16.69
CA LYS D 41 11.89 -45.65 -16.79
C LYS D 41 13.20 -44.96 -17.15
N LYS D 42 13.17 -44.02 -18.09
CA LYS D 42 14.38 -43.29 -18.46
C LYS D 42 14.87 -42.44 -17.31
N GLU D 43 13.96 -41.82 -16.56
CA GLU D 43 14.37 -41.01 -15.41
C GLU D 43 15.00 -41.88 -14.34
N SER D 44 14.43 -43.07 -14.08
CA SER D 44 15.00 -43.97 -13.10
C SER D 44 16.37 -44.46 -13.54
N ASN D 45 16.53 -44.77 -14.83
CA ASN D 45 17.83 -45.18 -15.34
C ASN D 45 18.87 -44.07 -15.19
N ARG D 46 18.47 -42.82 -15.49
CA ARG D 46 19.39 -41.69 -15.34
C ARG D 46 19.77 -41.49 -13.89
N GLN D 47 18.80 -41.62 -12.97
CA GLN D 47 19.11 -41.43 -11.55
C GLN D 47 19.96 -42.55 -10.99
N ARG D 48 19.81 -43.77 -11.52
CA ARG D 48 20.61 -44.89 -11.03
C ARG D 48 22.04 -44.85 -11.60
N VAL D 49 22.18 -44.56 -12.90
CA VAL D 49 23.49 -44.57 -13.53
C VAL D 49 24.23 -43.26 -13.34
N GLY D 50 23.53 -42.16 -13.08
CA GLY D 50 24.15 -40.86 -12.92
C GLY D 50 24.59 -40.59 -11.50
N LEU D 51 25.49 -39.62 -11.35
CA LEU D 51 26.06 -39.25 -10.06
C LEU D 51 25.58 -37.86 -9.69
N GLU D 52 24.84 -37.76 -8.59
CA GLU D 52 24.25 -36.51 -8.12
C GLU D 52 25.06 -35.96 -6.96
N LEU D 53 25.42 -34.68 -7.03
CA LEU D 53 26.16 -34.01 -5.97
C LEU D 53 25.47 -32.74 -5.47
N ILE D 54 24.20 -32.54 -5.80
CA ILE D 54 23.47 -31.37 -5.33
C ILE D 54 23.10 -31.55 -3.87
N ALA D 55 23.18 -30.46 -3.10
CA ALA D 55 22.91 -30.53 -1.67
C ALA D 55 21.44 -30.83 -1.39
N SER D 56 20.54 -30.17 -2.11
CA SER D 56 19.10 -30.34 -1.89
C SER D 56 18.56 -31.50 -2.73
N GLU D 57 19.17 -32.67 -2.55
CA GLU D 57 18.76 -33.87 -3.26
C GLU D 57 18.88 -35.07 -2.31
N ASN D 58 17.87 -35.93 -2.33
CA ASN D 58 17.86 -37.12 -1.50
C ASN D 58 16.83 -38.09 -2.05
N PHE D 59 16.94 -39.34 -1.63
CA PHE D 59 16.04 -40.41 -2.05
C PHE D 59 15.19 -40.85 -0.87
N ALA D 60 13.87 -40.72 -1.01
CA ALA D 60 12.96 -41.14 0.05
C ALA D 60 12.88 -42.66 0.10
N SER D 61 12.44 -43.17 1.26
CA SER D 61 12.33 -44.60 1.46
C SER D 61 11.12 -45.15 0.72
N ARG D 62 11.05 -46.48 0.65
CA ARG D 62 9.92 -47.14 -0.02
C ARG D 62 8.65 -47.02 0.78
N ALA D 63 8.75 -46.94 2.12
CA ALA D 63 7.55 -46.81 2.95
C ALA D 63 6.83 -45.50 2.67
N VAL D 64 7.58 -44.40 2.50
CA VAL D 64 6.96 -43.13 2.19
C VAL D 64 6.29 -43.17 0.82
N LEU D 65 6.92 -43.84 -0.15
CA LEU D 65 6.33 -43.95 -1.48
C LEU D 65 5.06 -44.78 -1.44
N GLU D 66 5.02 -45.83 -0.61
CA GLU D 66 3.81 -46.64 -0.50
C GLU D 66 2.71 -45.88 0.24
N ALA D 67 3.07 -45.07 1.23
CA ALA D 67 2.08 -44.30 1.95
C ALA D 67 1.53 -43.15 1.10
N LEU D 68 2.33 -42.63 0.17
CA LEU D 68 1.87 -41.55 -0.69
C LEU D 68 0.79 -42.03 -1.65
N GLY D 69 0.90 -43.27 -2.13
CA GLY D 69 -0.05 -43.84 -3.06
C GLY D 69 -1.27 -44.47 -2.44
N SER D 70 -1.51 -44.26 -1.14
CA SER D 70 -2.66 -44.86 -0.47
C SER D 70 -3.95 -44.16 -0.90
N CYS D 71 -5.08 -44.65 -0.39
CA CYS D 71 -6.38 -44.08 -0.70
C CYS D 71 -6.64 -42.76 -0.01
N LEU D 72 -5.72 -42.29 0.84
CA LEU D 72 -5.92 -41.02 1.54
C LEU D 72 -6.05 -39.85 0.59
N ASN D 73 -5.64 -40.00 -0.67
CA ASN D 73 -5.82 -38.94 -1.65
C ASN D 73 -7.30 -38.68 -1.93
N ASN D 74 -8.14 -39.70 -1.74
CA ASN D 74 -9.56 -39.54 -2.04
C ASN D 74 -10.29 -38.78 -0.94
N LYS D 75 -9.95 -39.05 0.32
CA LYS D 75 -10.66 -38.41 1.43
C LYS D 75 -10.28 -36.94 1.54
N TYR D 76 -11.29 -36.10 1.75
CA TYR D 76 -11.10 -34.67 1.96
C TYR D 76 -11.09 -34.38 3.45
N SER D 77 -10.10 -33.61 3.90
CA SER D 77 -9.91 -33.31 5.31
C SER D 77 -9.83 -31.81 5.54
N GLU D 78 -10.77 -31.07 4.93
CA GLU D 78 -10.80 -29.62 5.10
C GLU D 78 -11.15 -29.26 6.54
N GLY D 79 -10.26 -28.51 7.18
CA GLY D 79 -10.46 -28.07 8.55
C GLY D 79 -9.34 -28.58 9.44
N TYR D 80 -9.56 -28.41 10.75
CA TYR D 80 -8.61 -28.81 11.78
C TYR D 80 -9.21 -29.92 12.65
N PRO D 81 -8.37 -30.74 13.27
CA PRO D 81 -8.89 -31.78 14.17
C PRO D 81 -9.68 -31.16 15.32
N GLY D 82 -10.83 -31.76 15.63
CA GLY D 82 -11.73 -31.24 16.63
C GLY D 82 -12.62 -30.11 16.16
N GLN D 83 -12.34 -29.51 15.01
CA GLN D 83 -13.14 -28.44 14.45
C GLN D 83 -13.37 -28.67 12.96
N ARG D 84 -13.62 -29.92 12.59
CA ARG D 84 -13.82 -30.27 11.19
C ARG D 84 -15.16 -29.77 10.69
N TYR D 85 -15.29 -29.72 9.35
CA TYR D 85 -16.53 -29.31 8.70
C TYR D 85 -17.35 -30.49 8.22
N TYR D 86 -16.73 -31.49 7.61
CA TYR D 86 -17.42 -32.67 7.13
C TYR D 86 -17.41 -33.74 8.23
N GLY D 87 -17.82 -34.96 7.88
CA GLY D 87 -17.88 -36.05 8.82
C GLY D 87 -17.01 -37.23 8.37
N GLY D 88 -16.91 -38.21 9.26
CA GLY D 88 -16.10 -39.39 8.98
C GLY D 88 -14.62 -39.11 8.88
N THR D 89 -14.08 -38.24 9.74
CA THR D 89 -12.67 -37.87 9.70
C THR D 89 -11.93 -38.31 10.97
N GLU D 90 -12.44 -39.33 11.65
CA GLU D 90 -11.78 -39.80 12.87
C GLU D 90 -10.41 -40.39 12.56
N PHE D 91 -10.31 -41.16 11.48
CA PHE D 91 -9.02 -41.74 11.11
C PHE D 91 -8.02 -40.66 10.70
N ILE D 92 -8.48 -39.66 9.95
CA ILE D 92 -7.60 -38.57 9.54
C ILE D 92 -7.18 -37.75 10.75
N ASP D 93 -8.09 -37.53 11.70
CA ASP D 93 -7.75 -36.80 12.91
C ASP D 93 -6.72 -37.56 13.74
N GLU D 94 -6.89 -38.88 13.87
CA GLU D 94 -5.92 -39.67 14.61
C GLU D 94 -4.56 -39.67 13.90
N LEU D 95 -4.56 -39.74 12.57
CA LEU D 95 -3.32 -39.70 11.82
C LEU D 95 -2.60 -38.37 12.02
N GLU D 96 -3.35 -37.25 11.96
CA GLU D 96 -2.73 -35.95 12.16
C GLU D 96 -2.23 -35.78 13.58
N THR D 97 -2.96 -36.32 14.56
CA THR D 97 -2.50 -36.26 15.95
C THR D 97 -1.22 -37.06 16.13
N LEU D 98 -1.15 -38.26 15.55
CA LEU D 98 0.08 -39.05 15.63
C LEU D 98 1.23 -38.33 14.94
N CYS D 99 0.96 -37.69 13.79
CA CYS D 99 2.01 -36.99 13.07
C CYS D 99 2.54 -35.81 13.88
N GLN D 100 1.65 -35.02 14.47
CA GLN D 100 2.10 -33.89 15.27
C GLN D 100 2.80 -34.33 16.55
N LYS D 101 2.38 -35.46 17.13
CA LYS D 101 3.07 -35.98 18.30
C LYS D 101 4.48 -36.44 17.94
N ARG D 102 4.63 -37.14 16.81
CA ARG D 102 5.95 -37.55 16.37
C ARG D 102 6.82 -36.35 16.02
N ALA D 103 6.22 -35.30 15.47
CA ALA D 103 6.98 -34.09 15.16
C ALA D 103 7.46 -33.41 16.45
N LEU D 104 6.61 -33.37 17.47
CA LEU D 104 7.02 -32.76 18.74
C LEU D 104 8.08 -33.61 19.45
N GLN D 105 7.98 -34.93 19.35
CA GLN D 105 8.93 -35.81 20.02
C GLN D 105 10.23 -35.98 19.26
N ALA D 106 10.25 -35.68 17.97
CA ALA D 106 11.48 -35.87 17.19
C ALA D 106 12.55 -34.86 17.58
N TYR D 107 12.16 -33.64 17.92
CA TYR D 107 13.10 -32.59 18.29
C TYR D 107 13.20 -32.41 19.80
N LYS D 108 12.56 -33.29 20.58
CA LYS D 108 12.59 -33.25 22.04
C LYS D 108 12.09 -31.90 22.55
N LEU D 109 10.86 -31.57 22.18
CA LEU D 109 10.21 -30.32 22.55
C LEU D 109 9.06 -30.58 23.51
N ASP D 110 8.88 -29.69 24.47
CA ASP D 110 7.78 -29.81 25.42
C ASP D 110 6.47 -29.48 24.74
N PRO D 111 5.50 -30.39 24.71
CA PRO D 111 4.21 -30.07 24.05
C PRO D 111 3.49 -28.89 24.66
N GLN D 112 3.70 -28.61 25.95
CA GLN D 112 3.04 -27.47 26.58
C GLN D 112 3.67 -26.14 26.22
N CYS D 113 4.87 -26.15 25.62
CA CYS D 113 5.55 -24.93 25.23
C CYS D 113 5.77 -24.80 23.73
N TRP D 114 5.51 -25.85 22.96
CA TRP D 114 5.72 -25.83 21.52
C TRP D 114 4.51 -26.42 20.81
N GLY D 115 4.19 -25.85 19.65
CA GLY D 115 3.15 -26.38 18.81
C GLY D 115 3.64 -26.52 17.38
N VAL D 116 3.13 -27.55 16.70
CA VAL D 116 3.58 -27.88 15.36
C VAL D 116 2.38 -27.91 14.42
N ASN D 117 2.60 -27.41 13.20
CA ASN D 117 1.59 -27.42 12.14
C ASN D 117 2.21 -27.99 10.88
N VAL D 118 1.53 -28.94 10.26
CA VAL D 118 2.02 -29.62 9.06
C VAL D 118 1.08 -29.42 7.87
N GLN D 119 0.12 -28.50 7.98
CA GLN D 119 -0.85 -28.24 6.92
C GLN D 119 -0.26 -27.52 5.71
N PRO D 120 0.69 -26.60 5.86
CA PRO D 120 1.30 -25.97 4.68
C PRO D 120 1.82 -27.00 3.69
N TYR D 121 1.71 -26.66 2.40
CA TYR D 121 2.05 -27.61 1.34
C TYR D 121 3.56 -27.76 1.17
N SER D 122 4.32 -26.69 1.35
CA SER D 122 5.76 -26.73 1.16
C SER D 122 6.40 -25.62 2.00
N GLY D 123 7.68 -25.36 1.75
CA GLY D 123 8.38 -24.35 2.53
C GLY D 123 7.94 -22.94 2.19
N SER D 124 7.76 -22.65 0.91
CA SER D 124 7.34 -21.32 0.47
C SER D 124 5.93 -20.98 0.94
N PRO D 125 4.94 -21.88 0.83
CA PRO D 125 3.63 -21.57 1.41
C PRO D 125 3.67 -21.35 2.91
N ALA D 126 4.46 -22.14 3.63
CA ALA D 126 4.58 -21.95 5.07
C ALA D 126 5.21 -20.60 5.40
N ASN D 127 6.25 -20.22 4.64
CA ASN D 127 6.88 -18.92 4.85
C ASN D 127 5.89 -17.79 4.57
N PHE D 128 5.11 -17.90 3.49
CA PHE D 128 4.14 -16.86 3.17
C PHE D 128 3.04 -16.79 4.23
N ALA D 129 2.65 -17.93 4.79
CA ALA D 129 1.65 -17.93 5.85
C ALA D 129 2.18 -17.25 7.11
N VAL D 130 3.42 -17.59 7.50
CA VAL D 130 4.04 -16.92 8.65
C VAL D 130 4.15 -15.42 8.39
N TYR D 131 4.47 -15.04 7.16
CA TYR D 131 4.58 -13.63 6.82
C TYR D 131 3.25 -12.90 6.98
N THR D 132 2.20 -13.44 6.34
CA THR D 132 0.89 -12.79 6.42
C THR D 132 0.29 -12.90 7.82
N ALA D 133 0.82 -13.77 8.67
CA ALA D 133 0.33 -13.87 10.05
C ALA D 133 1.03 -12.90 11.00
N LEU D 134 2.34 -12.73 10.87
CA LEU D 134 3.11 -11.97 11.86
C LEU D 134 3.63 -10.63 11.35
N VAL D 135 4.00 -10.53 10.07
CA VAL D 135 4.64 -9.32 9.59
C VAL D 135 3.67 -8.15 9.44
N GLU D 136 2.36 -8.40 9.42
CA GLU D 136 1.38 -7.35 9.17
C GLU D 136 1.71 -6.63 7.86
N PRO D 137 1.37 -7.25 6.71
CA PRO D 137 1.87 -6.80 5.39
C PRO D 137 1.96 -5.29 5.20
N HIS D 138 3.01 -4.88 4.47
CA HIS D 138 3.57 -3.53 4.37
C HIS D 138 4.47 -3.25 5.55
N GLY D 139 4.80 -4.26 6.35
CA GLY D 139 5.78 -4.14 7.40
C GLY D 139 7.20 -4.22 6.86
N ARG D 140 8.14 -4.40 7.77
CA ARG D 140 9.57 -4.44 7.45
C ARG D 140 10.16 -5.77 7.89
N ILE D 141 10.91 -6.41 6.99
CA ILE D 141 11.57 -7.67 7.25
C ILE D 141 13.04 -7.53 6.94
N MET D 142 13.87 -8.33 7.62
CA MET D 142 15.31 -8.38 7.38
C MET D 142 15.72 -9.85 7.28
N GLY D 143 16.14 -10.27 6.09
CA GLY D 143 16.61 -11.61 5.86
C GLY D 143 17.98 -11.62 5.21
N LEU D 144 18.46 -12.83 4.95
CA LEU D 144 19.76 -13.00 4.32
C LEU D 144 19.68 -12.73 2.82
N ASP D 145 20.72 -12.10 2.29
CA ASP D 145 20.74 -11.75 0.88
C ASP D 145 20.84 -13.00 0.01
N LEU D 146 20.25 -12.93 -1.19
CA LEU D 146 20.23 -14.09 -2.07
C LEU D 146 21.63 -14.46 -2.57
N PRO D 147 22.43 -13.54 -3.14
CA PRO D 147 23.78 -13.94 -3.58
C PRO D 147 24.76 -14.23 -2.45
N ASP D 148 24.35 -14.09 -1.20
CA ASP D 148 25.21 -14.35 -0.05
C ASP D 148 24.85 -15.62 0.70
N GLY D 149 24.19 -16.56 0.02
CA GLY D 149 23.81 -17.82 0.64
C GLY D 149 22.38 -17.90 1.12
N GLY D 150 21.61 -16.83 1.00
CA GLY D 150 20.23 -16.84 1.45
C GLY D 150 19.29 -17.48 0.45
N HIS D 151 18.02 -17.55 0.85
CA HIS D 151 16.97 -18.12 0.03
C HIS D 151 16.11 -17.01 -0.57
N LEU D 152 15.37 -17.37 -1.62
CA LEU D 152 14.58 -16.37 -2.34
C LEU D 152 13.39 -15.90 -1.51
N THR D 153 12.80 -16.78 -0.72
CA THR D 153 11.66 -16.40 0.12
C THR D 153 12.05 -15.48 1.26
N HIS D 154 13.35 -15.29 1.51
CA HIS D 154 13.82 -14.42 2.57
C HIS D 154 13.94 -12.96 2.14
N GLY D 155 13.34 -12.59 1.02
CA GLY D 155 13.40 -11.23 0.54
C GLY D 155 14.46 -11.00 -0.50
N PHE D 156 14.05 -10.51 -1.67
CA PHE D 156 14.99 -10.24 -2.77
C PHE D 156 14.35 -9.27 -3.73
N MET D 157 15.01 -8.13 -3.96
CA MET D 157 14.50 -7.12 -4.88
C MET D 157 15.66 -6.33 -5.45
N THR D 158 15.42 -5.72 -6.61
CA THR D 158 16.42 -4.94 -7.33
C THR D 158 15.93 -3.50 -7.50
N ASP D 159 16.72 -2.71 -8.21
CA ASP D 159 16.38 -1.30 -8.41
C ASP D 159 15.29 -1.09 -9.44
N LYS D 160 15.09 -2.03 -10.37
CA LYS D 160 14.11 -1.84 -11.43
C LYS D 160 12.72 -2.33 -11.04
N LYS D 161 12.62 -3.50 -10.43
CA LYS D 161 11.33 -4.03 -10.01
C LYS D 161 11.55 -5.08 -8.94
N LYS D 162 10.45 -5.51 -8.32
CA LYS D 162 10.45 -6.54 -7.29
C LYS D 162 10.12 -7.89 -7.92
N ILE D 163 10.90 -8.91 -7.57
CA ILE D 163 10.72 -10.23 -8.14
C ILE D 163 10.00 -11.13 -7.15
N SER D 164 10.57 -11.29 -5.95
CA SER D 164 9.98 -12.17 -4.96
C SER D 164 8.68 -11.57 -4.41
N ALA D 165 7.73 -12.45 -4.10
CA ALA D 165 6.45 -11.99 -3.54
C ALA D 165 6.64 -11.34 -2.18
N THR D 166 7.64 -11.77 -1.42
CA THR D 166 7.91 -11.14 -0.13
C THR D 166 8.33 -9.68 -0.31
N SER D 167 9.12 -9.39 -1.34
CA SER D 167 9.50 -8.01 -1.61
C SER D 167 8.32 -7.21 -2.18
N ILE D 168 7.37 -7.88 -2.82
CA ILE D 168 6.22 -7.17 -3.37
C ILE D 168 5.24 -6.79 -2.26
N PHE D 169 4.89 -7.75 -1.41
CA PHE D 169 3.90 -7.50 -0.37
C PHE D 169 4.49 -6.87 0.88
N PHE D 170 5.78 -7.03 1.12
CA PHE D 170 6.44 -6.50 2.31
C PHE D 170 7.66 -5.69 1.90
N GLU D 171 8.27 -5.04 2.89
CA GLU D 171 9.48 -4.24 2.69
C GLU D 171 10.65 -5.02 3.30
N SER D 172 11.55 -5.50 2.43
CA SER D 172 12.68 -6.31 2.86
C SER D 172 13.97 -5.59 2.53
N MET D 173 14.91 -5.60 3.48
CA MET D 173 16.25 -5.05 3.29
C MET D 173 17.26 -6.10 3.75
N PRO D 174 17.89 -6.81 2.83
CA PRO D 174 18.79 -7.90 3.23
C PRO D 174 20.15 -7.39 3.67
N TYR D 175 20.77 -8.19 4.54
CA TYR D 175 22.12 -7.93 5.02
C TYR D 175 23.11 -8.86 4.30
N LYS D 176 24.32 -8.34 4.10
CA LYS D 176 25.34 -9.06 3.34
C LYS D 176 26.28 -9.81 4.28
N VAL D 177 27.07 -10.70 3.70
CA VAL D 177 28.05 -11.48 4.42
C VAL D 177 29.42 -10.84 4.24
N ASN D 178 30.30 -11.09 5.19
CA ASN D 178 31.66 -10.54 5.12
C ASN D 178 32.40 -11.15 3.94
N PRO D 179 32.81 -10.35 2.95
CA PRO D 179 33.50 -10.93 1.79
C PRO D 179 34.92 -11.40 2.09
N ASP D 180 35.51 -10.96 3.20
CA ASP D 180 36.89 -11.34 3.51
C ASP D 180 36.96 -12.73 4.15
N THR D 181 36.30 -12.90 5.30
CA THR D 181 36.36 -14.17 6.02
C THR D 181 35.26 -15.14 5.57
N GLY D 182 34.09 -14.63 5.23
CA GLY D 182 32.97 -15.46 4.82
C GLY D 182 31.93 -15.71 5.89
N TYR D 183 32.10 -15.15 7.08
CA TYR D 183 31.13 -15.31 8.16
C TYR D 183 30.13 -14.17 8.15
N ILE D 184 28.94 -14.44 8.69
CA ILE D 184 27.89 -13.43 8.72
C ILE D 184 28.32 -12.27 9.61
N ASN D 185 28.25 -11.06 9.07
CA ASN D 185 28.63 -9.86 9.80
C ASN D 185 27.49 -9.48 10.74
N TYR D 186 27.57 -9.96 11.97
CA TYR D 186 26.53 -9.65 12.95
C TYR D 186 26.58 -8.20 13.39
N ASP D 187 27.76 -7.57 13.31
CA ASP D 187 27.89 -6.18 13.73
C ASP D 187 27.11 -5.26 12.80
N GLN D 188 27.27 -5.43 11.49
CA GLN D 188 26.54 -4.60 10.54
C GLN D 188 25.05 -4.83 10.64
N LEU D 189 24.64 -6.08 10.87
CA LEU D 189 23.22 -6.39 11.06
C LEU D 189 22.67 -5.69 12.30
N GLU D 190 23.44 -5.70 13.40
CA GLU D 190 22.99 -5.04 14.62
C GLU D 190 22.91 -3.53 14.43
N GLU D 191 23.85 -2.94 13.69
CA GLU D 191 23.81 -1.50 13.46
C GLU D 191 22.65 -1.12 12.53
N ASN D 192 22.33 -1.98 11.56
CA ASN D 192 21.25 -1.69 10.64
C ASN D 192 19.87 -1.99 11.22
N ALA D 193 19.79 -2.85 12.23
CA ALA D 193 18.50 -3.14 12.85
C ALA D 193 17.93 -1.92 13.55
N ARG D 194 18.80 -1.12 14.18
CA ARG D 194 18.32 0.08 14.87
C ARG D 194 17.83 1.15 13.89
N LEU D 195 18.39 1.16 12.68
CA LEU D 195 18.00 2.15 11.67
C LEU D 195 16.80 1.71 10.84
N PHE D 196 16.64 0.41 10.63
CA PHE D 196 15.55 -0.10 9.81
C PHE D 196 14.30 -0.41 10.62
N HIS D 197 14.46 -0.77 11.89
CA HIS D 197 13.37 -1.12 12.79
C HIS D 197 12.53 -2.25 12.22
N PRO D 198 13.08 -3.47 12.14
CA PRO D 198 12.32 -4.57 11.53
C PRO D 198 11.29 -5.16 12.49
N LYS D 199 10.31 -5.84 11.91
CA LYS D 199 9.30 -6.55 12.68
C LYS D 199 9.58 -8.04 12.79
N LEU D 200 10.44 -8.60 11.92
CA LEU D 200 10.77 -10.01 11.97
C LEU D 200 12.14 -10.20 11.32
N ILE D 201 13.03 -10.91 12.00
CA ILE D 201 14.38 -11.17 11.53
C ILE D 201 14.46 -12.62 11.07
N ILE D 202 14.88 -12.83 9.83
CA ILE D 202 14.94 -14.16 9.24
C ILE D 202 16.33 -14.74 9.46
N ALA D 203 16.38 -15.96 9.98
CA ALA D 203 17.63 -16.70 10.19
C ALA D 203 17.55 -17.95 9.33
N GLY D 204 18.06 -17.86 8.10
CA GLY D 204 18.03 -18.98 7.20
C GLY D 204 19.03 -18.80 6.08
N THR D 205 19.45 -19.92 5.51
CA THR D 205 20.44 -19.90 4.44
C THR D 205 20.34 -21.19 3.65
N SER D 206 21.01 -21.22 2.49
CA SER D 206 21.07 -22.40 1.64
C SER D 206 22.46 -22.75 1.15
N CYS D 207 23.41 -21.82 1.18
CA CYS D 207 24.78 -22.05 0.72
C CYS D 207 25.78 -21.53 1.73
N TYR D 208 25.55 -21.84 3.00
CA TYR D 208 26.43 -21.42 4.09
C TYR D 208 26.92 -22.67 4.82
N SER D 209 28.24 -22.81 4.91
CA SER D 209 28.86 -24.03 5.44
C SER D 209 29.19 -23.94 6.92
N ARG D 210 28.84 -22.85 7.60
CA ARG D 210 29.12 -22.67 9.01
C ARG D 210 27.81 -22.61 9.80
N ASN D 211 27.94 -22.67 11.12
CA ASN D 211 26.78 -22.61 12.00
C ASN D 211 26.38 -21.16 12.25
N LEU D 212 25.12 -20.98 12.62
CA LEU D 212 24.56 -19.66 12.88
C LEU D 212 24.57 -19.37 14.38
N GLU D 213 24.82 -18.11 14.72
CA GLU D 213 24.82 -17.66 16.12
C GLU D 213 23.41 -17.20 16.45
N TYR D 214 22.56 -18.14 16.88
CA TYR D 214 21.17 -17.81 17.17
C TYR D 214 21.03 -16.96 18.42
N ALA D 215 21.99 -17.04 19.34
CA ALA D 215 21.93 -16.23 20.56
C ALA D 215 22.09 -14.75 20.23
N ARG D 216 23.02 -14.41 19.34
CA ARG D 216 23.19 -13.02 18.94
C ARG D 216 21.96 -12.49 18.23
N LEU D 217 21.36 -13.30 17.36
CA LEU D 217 20.15 -12.88 16.65
C LEU D 217 18.99 -12.70 17.62
N ARG D 218 18.87 -13.59 18.62
CA ARG D 218 17.82 -13.44 19.61
C ARG D 218 18.02 -12.18 20.44
N LYS D 219 19.27 -11.88 20.80
CA LYS D 219 19.56 -10.65 21.54
C LYS D 219 19.21 -9.42 20.72
N ILE D 220 19.56 -9.43 19.43
CA ILE D 220 19.24 -8.30 18.56
C ILE D 220 17.73 -8.14 18.43
N ALA D 221 17.00 -9.25 18.29
CA ALA D 221 15.56 -9.18 18.17
C ALA D 221 14.91 -8.66 19.45
N ASP D 222 15.42 -9.09 20.61
CA ASP D 222 14.89 -8.59 21.88
C ASP D 222 15.20 -7.11 22.06
N GLU D 223 16.37 -6.67 21.59
CA GLU D 223 16.70 -5.24 21.66
C GLU D 223 15.80 -4.42 20.75
N ASN D 224 15.49 -4.94 19.56
CA ASN D 224 14.61 -4.27 18.62
C ASN D 224 13.14 -4.59 18.83
N GLY D 225 12.82 -5.53 19.72
CA GLY D 225 11.44 -5.90 19.97
C GLY D 225 10.75 -6.56 18.80
N ALA D 226 11.45 -7.41 18.06
CA ALA D 226 10.92 -8.10 16.90
C ALA D 226 11.02 -9.61 17.10
N TYR D 227 10.30 -10.34 16.25
CA TYR D 227 10.33 -11.80 16.29
C TYR D 227 11.52 -12.32 15.49
N LEU D 228 11.88 -13.58 15.75
CA LEU D 228 13.00 -14.24 15.08
C LEU D 228 12.46 -15.52 14.43
N MET D 229 12.43 -15.51 13.09
CA MET D 229 11.90 -16.63 12.31
C MET D 229 13.06 -17.42 11.74
N ALA D 230 13.21 -18.66 12.18
CA ALA D 230 14.29 -19.52 11.73
C ALA D 230 13.83 -20.42 10.59
N ASP D 231 14.79 -20.82 9.77
CA ASP D 231 14.52 -21.70 8.62
C ASP D 231 15.63 -22.76 8.59
N MET D 232 15.31 -23.96 9.10
CA MET D 232 16.27 -25.05 9.21
C MET D 232 16.09 -26.08 8.10
N ALA D 233 15.75 -25.63 6.89
CA ALA D 233 15.48 -26.56 5.79
C ALA D 233 16.70 -27.44 5.49
N HIS D 234 17.81 -26.80 5.09
CA HIS D 234 19.00 -27.56 4.69
C HIS D 234 19.58 -28.38 5.82
N ILE D 235 19.23 -28.09 7.06
CA ILE D 235 19.71 -28.83 8.22
C ILE D 235 18.57 -29.59 8.91
N SER D 236 17.45 -29.79 8.20
CA SER D 236 16.29 -30.45 8.80
C SER D 236 16.65 -31.81 9.39
N GLY D 237 17.54 -32.53 8.73
CA GLY D 237 18.02 -33.78 9.29
C GLY D 237 19.15 -33.62 10.29
N LEU D 238 20.00 -32.61 10.09
CA LEU D 238 21.15 -32.43 10.96
C LEU D 238 20.72 -32.13 12.39
N VAL D 239 19.66 -31.34 12.56
CA VAL D 239 19.14 -31.08 13.89
C VAL D 239 18.45 -32.32 14.47
N ALA D 240 18.00 -33.24 13.61
CA ALA D 240 17.32 -34.43 14.10
C ALA D 240 18.30 -35.36 14.83
N ALA D 241 19.51 -35.48 14.32
CA ALA D 241 20.52 -36.35 14.93
C ALA D 241 21.32 -35.67 16.02
N GLY D 242 21.06 -34.39 16.30
CA GLY D 242 21.77 -33.68 17.34
C GLY D 242 23.19 -33.31 17.01
N VAL D 243 23.62 -33.46 15.76
CA VAL D 243 24.98 -33.08 15.38
C VAL D 243 25.12 -31.57 15.23
N VAL D 244 24.02 -30.84 15.05
CA VAL D 244 24.04 -29.39 14.93
C VAL D 244 23.22 -28.80 16.07
N PRO D 245 23.70 -27.76 16.74
CA PRO D 245 22.92 -27.16 17.83
C PRO D 245 21.55 -26.69 17.34
N SER D 246 20.52 -27.05 18.10
CA SER D 246 19.15 -26.74 17.71
C SER D 246 18.85 -25.26 17.98
N PRO D 247 18.22 -24.57 17.03
CA PRO D 247 17.86 -23.16 17.23
C PRO D 247 16.59 -22.95 18.05
N PHE D 248 15.97 -24.02 18.55
CA PHE D 248 14.75 -23.88 19.33
C PHE D 248 14.99 -23.24 20.68
N GLU D 249 16.25 -23.13 21.12
CA GLU D 249 16.55 -22.54 22.42
C GLU D 249 16.40 -21.02 22.43
N HIS D 250 16.45 -20.37 21.27
CA HIS D 250 16.38 -18.92 21.20
C HIS D 250 15.27 -18.45 20.27
N CYS D 251 15.04 -19.19 19.19
CA CYS D 251 14.08 -18.78 18.18
C CYS D 251 12.65 -19.02 18.64
N HIS D 252 11.74 -18.19 18.15
CA HIS D 252 10.32 -18.31 18.49
C HIS D 252 9.59 -19.21 17.49
N VAL D 253 9.63 -18.85 16.21
CA VAL D 253 8.98 -19.61 15.15
C VAL D 253 10.06 -20.18 14.24
N VAL D 254 9.92 -21.46 13.90
CA VAL D 254 10.89 -22.17 13.06
C VAL D 254 10.12 -22.91 11.97
N THR D 255 10.39 -22.55 10.72
CA THR D 255 9.79 -23.23 9.58
C THR D 255 10.82 -24.13 8.91
N THR D 256 10.40 -25.34 8.55
CA THR D 256 11.31 -26.31 7.97
C THR D 256 10.58 -27.12 6.90
N THR D 257 11.35 -27.84 6.11
CA THR D 257 10.81 -28.72 5.08
C THR D 257 10.81 -30.16 5.59
N THR D 258 10.43 -31.08 4.70
CA THR D 258 10.36 -32.50 5.04
C THR D 258 11.24 -33.37 4.16
N HIS D 259 11.87 -32.81 3.13
CA HIS D 259 12.76 -33.58 2.27
C HIS D 259 14.19 -33.06 2.40
N1 LLP D 260 13.68 -22.82 2.35
C2 LLP D 260 15.01 -22.90 2.21
C2' LLP D 260 15.94 -22.09 3.17
C3 LLP D 260 15.58 -23.71 1.19
O3 LLP D 260 16.96 -23.78 1.05
C4 LLP D 260 14.76 -24.43 0.35
C4' LLP D 260 15.41 -25.35 -0.80
C5 LLP D 260 13.41 -24.35 0.48
C6 LLP D 260 12.84 -23.55 1.48
C5' LLP D 260 12.49 -25.16 -0.49
OP4 LLP D 260 11.16 -24.71 -0.38
P LLP D 260 10.18 -24.98 -1.54
OP1 LLP D 260 10.89 -24.70 -2.87
OP2 LLP D 260 9.01 -24.09 -1.41
OP3 LLP D 260 9.75 -26.40 -1.50
N LLP D 260 14.81 -32.75 1.26
CA LLP D 260 16.19 -32.23 1.21
CB LLP D 260 16.26 -30.86 1.84
CG LLP D 260 15.49 -29.85 0.98
CD LLP D 260 16.16 -28.47 1.09
CE LLP D 260 15.32 -27.43 0.30
NZ LLP D 260 16.21 -26.38 -0.20
C LLP D 260 17.15 -33.14 1.87
O LLP D 260 17.91 -33.83 1.20
N THR D 261 17.14 -33.16 3.20
CA THR D 261 18.04 -34.01 3.97
C THR D 261 17.29 -34.80 5.03
N LEU D 262 15.99 -34.97 4.84
CA LEU D 262 15.14 -35.69 5.77
C LEU D 262 14.53 -36.96 5.19
N ARG D 263 14.65 -37.18 3.88
CA ARG D 263 14.09 -38.36 3.21
C ARG D 263 12.58 -38.46 3.44
N GLY D 264 11.86 -37.44 2.95
CA GLY D 264 10.43 -37.39 3.06
C GLY D 264 9.80 -36.80 1.81
N CYS D 265 8.48 -36.71 1.83
CA CYS D 265 7.74 -36.17 0.70
C CYS D 265 7.73 -34.64 0.75
N ARG D 266 7.09 -34.02 -0.24
CA ARG D 266 7.03 -32.57 -0.35
C ARG D 266 6.04 -32.03 0.68
N ALA D 267 6.54 -31.42 1.75
CA ALA D 267 5.69 -30.85 2.78
C ALA D 267 6.51 -29.85 3.59
N GLY D 268 5.83 -29.14 4.47
CA GLY D 268 6.46 -28.17 5.33
C GLY D 268 5.88 -28.20 6.72
N MET D 269 6.73 -27.89 7.70
CA MET D 269 6.33 -27.89 9.10
C MET D 269 6.67 -26.55 9.74
N ILE D 270 5.83 -26.13 10.67
CA ILE D 270 5.99 -24.86 11.39
C ILE D 270 5.91 -25.14 12.88
N PHE D 271 6.96 -24.77 13.61
CA PHE D 271 6.99 -24.86 15.06
C PHE D 271 6.88 -23.46 15.64
N TYR D 272 6.00 -23.30 16.63
CA TYR D 272 5.76 -22.02 17.26
C TYR D 272 5.76 -22.18 18.77
N ARG D 273 6.08 -21.09 19.46
CA ARG D 273 6.18 -21.09 20.92
C ARG D 273 4.79 -21.04 21.54
N LYS D 274 4.68 -21.63 22.74
CA LYS D 274 3.45 -21.62 23.51
C LYS D 274 3.79 -21.33 24.97
N GLY D 275 2.76 -21.06 25.76
CA GLY D 275 2.93 -20.79 27.17
C GLY D 275 3.08 -19.32 27.50
N VAL D 276 3.78 -19.03 28.59
CA VAL D 276 3.95 -17.65 29.05
C VAL D 276 5.14 -17.03 28.34
N LYS D 277 4.93 -15.86 27.73
CA LYS D 277 6.02 -15.15 27.08
C LYS D 277 6.81 -14.31 28.08
N SER D 278 6.12 -13.47 28.84
CA SER D 278 6.76 -12.63 29.84
C SER D 278 5.73 -12.25 30.89
N VAL D 279 6.21 -11.68 31.99
CA VAL D 279 5.38 -11.27 33.10
C VAL D 279 5.54 -9.77 33.30
N ASP D 280 4.45 -9.11 33.68
CA ASP D 280 4.47 -7.67 33.92
C ASP D 280 5.10 -7.38 35.27
N PRO D 281 6.22 -6.66 35.33
CA PRO D 281 6.84 -6.37 36.63
C PRO D 281 6.01 -5.47 37.52
N LYS D 282 5.11 -4.67 36.96
CA LYS D 282 4.31 -3.74 37.74
C LYS D 282 3.05 -4.39 38.32
N THR D 283 2.23 -4.99 37.45
CA THR D 283 0.97 -5.59 37.89
C THR D 283 1.10 -7.05 38.29
N GLY D 284 2.12 -7.75 37.82
CA GLY D 284 2.29 -9.14 38.14
C GLY D 284 1.52 -10.10 37.28
N LYS D 285 0.85 -9.62 36.24
CA LYS D 285 0.07 -10.47 35.35
C LYS D 285 0.96 -11.02 34.24
N GLU D 286 0.80 -12.31 33.97
CA GLU D 286 1.60 -12.99 32.95
C GLU D 286 0.91 -12.89 31.59
N ILE D 287 1.71 -12.71 30.54
CA ILE D 287 1.22 -12.60 29.17
C ILE D 287 1.44 -13.93 28.47
N LEU D 288 0.42 -14.39 27.74
CA LEU D 288 0.49 -15.63 27.01
C LEU D 288 0.73 -15.38 25.53
N TYR D 289 1.34 -16.36 24.86
CA TYR D 289 1.60 -16.25 23.44
C TYR D 289 0.29 -16.27 22.64
N ASN D 290 0.32 -15.61 21.48
CA ASN D 290 -0.84 -15.55 20.59
C ASN D 290 -0.46 -15.93 19.16
N LEU D 291 0.68 -16.59 18.96
CA LEU D 291 1.12 -16.95 17.62
C LEU D 291 0.36 -18.16 17.08
N GLU D 292 -0.13 -19.04 17.96
CA GLU D 292 -0.80 -20.25 17.52
C GLU D 292 -2.05 -19.93 16.71
N SER D 293 -2.93 -19.10 17.26
CA SER D 293 -4.19 -18.77 16.58
C SER D 293 -3.91 -18.02 15.28
N LEU D 294 -2.95 -17.09 15.30
CA LEU D 294 -2.64 -16.33 14.09
C LEU D 294 -2.11 -17.25 12.98
N ILE D 295 -1.20 -18.16 13.33
CA ILE D 295 -0.67 -19.08 12.33
C ILE D 295 -1.76 -20.01 11.81
N ASN D 296 -2.63 -20.51 12.71
CA ASN D 296 -3.70 -21.39 12.28
C ASN D 296 -4.68 -20.68 11.35
N SER D 297 -4.97 -19.41 11.64
CA SER D 297 -5.87 -18.65 10.77
C SER D 297 -5.22 -18.31 9.44
N ALA D 298 -3.91 -18.04 9.44
CA ALA D 298 -3.22 -17.72 8.19
C ALA D 298 -3.09 -18.95 7.30
N VAL D 299 -2.91 -20.13 7.90
CA VAL D 299 -2.79 -21.35 7.10
C VAL D 299 -4.13 -21.72 6.50
N PHE D 300 -5.19 -21.75 7.32
CA PHE D 300 -6.52 -22.13 6.86
C PHE D 300 -7.56 -21.30 7.62
N PRO D 301 -8.53 -20.69 6.94
CA PRO D 301 -8.65 -20.71 5.47
C PRO D 301 -7.97 -19.50 4.82
N GLY D 302 -6.82 -19.10 5.36
CA GLY D 302 -6.11 -17.95 4.85
C GLY D 302 -5.60 -18.12 3.43
N LEU D 303 -4.70 -19.09 3.23
CA LEU D 303 -4.09 -19.32 1.93
C LEU D 303 -4.49 -20.66 1.31
N GLN D 304 -4.30 -21.75 2.04
CA GLN D 304 -4.57 -23.09 1.52
C GLN D 304 -5.97 -23.56 1.93
N GLY D 305 -6.41 -24.64 1.29
CA GLY D 305 -7.70 -25.22 1.58
C GLY D 305 -7.60 -26.59 2.21
N GLY D 306 -7.90 -27.63 1.43
CA GLY D 306 -7.84 -28.99 1.91
C GLY D 306 -6.42 -29.53 1.96
N PRO D 307 -5.99 -29.98 3.13
CA PRO D 307 -4.64 -30.54 3.26
C PRO D 307 -4.54 -31.89 2.55
N HIS D 308 -3.29 -32.36 2.42
CA HIS D 308 -2.99 -33.63 1.78
C HIS D 308 -2.73 -34.67 2.86
N ASN D 309 -3.66 -35.62 3.00
CA ASN D 309 -3.51 -36.66 4.02
C ASN D 309 -2.35 -37.59 3.70
N HIS D 310 -2.12 -37.87 2.42
CA HIS D 310 -1.01 -38.72 2.03
C HIS D 310 0.33 -38.07 2.40
N ALA D 311 0.43 -36.76 2.23
CA ALA D 311 1.66 -36.06 2.63
C ALA D 311 1.85 -36.13 4.14
N ILE D 312 0.77 -36.01 4.91
CA ILE D 312 0.86 -36.11 6.36
C ILE D 312 1.33 -37.49 6.77
N ALA D 313 0.78 -38.54 6.14
CA ALA D 313 1.22 -39.90 6.45
C ALA D 313 2.68 -40.10 6.09
N GLY D 314 3.10 -39.58 4.93
CA GLY D 314 4.49 -39.74 4.54
C GLY D 314 5.46 -39.04 5.47
N VAL D 315 5.13 -37.81 5.88
CA VAL D 315 6.01 -37.09 6.81
C VAL D 315 6.00 -37.74 8.18
N ALA D 316 4.85 -38.31 8.59
CA ALA D 316 4.82 -39.04 9.85
C ALA D 316 5.73 -40.26 9.80
N VAL D 317 5.69 -41.01 8.69
CA VAL D 317 6.58 -42.15 8.53
C VAL D 317 8.03 -41.72 8.54
N ALA D 318 8.34 -40.61 7.86
CA ALA D 318 9.71 -40.12 7.82
C ALA D 318 10.19 -39.69 9.20
N LEU D 319 9.31 -39.07 9.98
CA LEU D 319 9.67 -38.64 11.34
C LEU D 319 9.87 -39.83 12.26
N LYS D 320 9.04 -40.88 12.10
CA LYS D 320 9.25 -42.08 12.91
C LYS D 320 10.55 -42.77 12.53
N GLN D 321 10.89 -42.78 11.24
CA GLN D 321 12.14 -43.39 10.82
C GLN D 321 13.35 -42.57 11.26
N ALA D 322 13.20 -41.25 11.36
CA ALA D 322 14.31 -40.39 11.74
C ALA D 322 14.68 -40.52 13.22
N MET D 323 13.74 -40.97 14.05
CA MET D 323 13.98 -41.09 15.49
C MET D 323 14.76 -42.35 15.86
N THR D 324 15.28 -43.08 14.88
CA THR D 324 16.06 -44.29 15.15
C THR D 324 17.55 -43.96 15.19
N LEU D 325 18.34 -44.95 15.59
CA LEU D 325 19.78 -44.76 15.64
C LEU D 325 20.42 -44.85 14.25
N GLU D 326 19.78 -45.56 13.33
CA GLU D 326 20.30 -45.61 11.96
C GLU D 326 20.35 -44.23 11.33
N PHE D 327 19.38 -43.36 11.66
CA PHE D 327 19.39 -42.01 11.13
C PHE D 327 20.59 -41.22 11.65
N LYS D 328 20.90 -41.36 12.95
CA LYS D 328 22.05 -40.67 13.50
C LYS D 328 23.35 -41.21 12.92
N VAL D 329 23.43 -42.53 12.72
CA VAL D 329 24.62 -43.11 12.09
C VAL D 329 24.77 -42.60 10.67
N TYR D 330 23.65 -42.48 9.94
CA TYR D 330 23.70 -41.94 8.58
C TYR D 330 24.17 -40.50 8.58
N GLN D 331 23.68 -39.69 9.52
CA GLN D 331 24.11 -38.29 9.56
C GLN D 331 25.59 -38.17 9.92
N HIS D 332 26.07 -39.02 10.83
CA HIS D 332 27.50 -39.03 11.14
C HIS D 332 28.32 -39.44 9.92
N GLN D 333 27.84 -40.41 9.16
CA GLN D 333 28.54 -40.79 7.93
C GLN D 333 28.53 -39.66 6.92
N VAL D 334 27.43 -38.91 6.84
CA VAL D 334 27.35 -37.77 5.93
C VAL D 334 28.37 -36.71 6.30
N VAL D 335 28.44 -36.36 7.59
CA VAL D 335 29.38 -35.32 7.99
C VAL D 335 30.82 -35.80 7.86
N ALA D 336 31.07 -37.09 8.08
CA ALA D 336 32.42 -37.62 7.91
C ALA D 336 32.84 -37.58 6.45
N ASN D 337 31.95 -38.01 5.54
CA ASN D 337 32.26 -37.94 4.13
C ASN D 337 32.40 -36.50 3.65
N CYS D 338 31.64 -35.57 4.24
CA CYS D 338 31.79 -34.17 3.88
C CYS D 338 33.16 -33.63 4.29
N ARG D 339 33.59 -33.95 5.51
CA ARG D 339 34.93 -33.54 5.94
C ARG D 339 36.01 -34.18 5.08
N ALA D 340 35.81 -35.44 4.68
CA ALA D 340 36.78 -36.12 3.83
C ALA D 340 36.86 -35.46 2.45
N LEU D 341 35.70 -35.12 1.87
CA LEU D 341 35.71 -34.44 0.59
C LEU D 341 36.34 -33.06 0.68
N SER D 342 36.09 -32.36 1.80
CA SER D 342 36.70 -31.04 1.99
C SER D 342 38.21 -31.15 2.08
N GLU D 343 38.72 -32.12 2.86
CA GLU D 343 40.16 -32.27 2.98
C GLU D 343 40.78 -32.73 1.67
N ALA D 344 40.08 -33.55 0.89
CA ALA D 344 40.59 -33.96 -0.41
C ALA D 344 40.65 -32.77 -1.36
N LEU D 345 39.62 -31.92 -1.36
CA LEU D 345 39.62 -30.73 -2.22
C LEU D 345 40.70 -29.74 -1.81
N THR D 346 40.98 -29.62 -0.51
CA THR D 346 42.07 -28.76 -0.08
C THR D 346 43.43 -29.33 -0.48
N GLU D 347 43.56 -30.66 -0.41
CA GLU D 347 44.81 -31.30 -0.83
C GLU D 347 45.02 -31.17 -2.34
N LEU D 348 43.94 -31.14 -3.12
CA LEU D 348 44.02 -31.00 -4.57
C LEU D 348 44.31 -29.57 -5.01
N GLY D 349 44.57 -28.65 -4.08
CA GLY D 349 44.91 -27.29 -4.43
C GLY D 349 43.74 -26.39 -4.74
N TYR D 350 42.51 -26.82 -4.50
CA TYR D 350 41.33 -26.01 -4.75
C TYR D 350 41.00 -25.17 -3.52
N LYS D 351 40.65 -23.91 -3.76
CA LYS D 351 40.31 -23.00 -2.67
C LYS D 351 38.91 -23.28 -2.16
N ILE D 352 38.79 -23.49 -0.86
CA ILE D 352 37.51 -23.77 -0.21
C ILE D 352 37.04 -22.52 0.53
N VAL D 353 35.78 -22.16 0.33
CA VAL D 353 35.23 -20.97 1.00
C VAL D 353 35.21 -21.20 2.50
N THR D 354 35.51 -20.14 3.25
CA THR D 354 35.46 -20.04 4.72
C THR D 354 36.40 -21.03 5.40
N GLY D 355 37.14 -21.81 4.62
CA GLY D 355 38.14 -22.73 5.13
C GLY D 355 37.65 -24.16 5.28
N GLY D 356 36.40 -24.35 5.65
CA GLY D 356 35.87 -25.68 5.85
C GLY D 356 34.36 -25.71 5.72
N SER D 357 33.73 -26.63 6.45
CA SER D 357 32.29 -26.78 6.41
C SER D 357 31.82 -27.49 7.67
N ASP D 358 30.78 -26.95 8.30
CA ASP D 358 30.17 -27.55 9.48
C ASP D 358 28.81 -28.16 9.18
N ASN D 359 28.49 -28.40 7.91
CA ASN D 359 27.22 -28.98 7.51
C ASN D 359 27.48 -29.97 6.39
N HIS D 360 26.41 -30.37 5.70
CA HIS D 360 26.52 -31.40 4.67
C HIS D 360 27.06 -30.85 3.36
N LEU D 361 26.83 -29.57 3.06
CA LEU D 361 27.17 -28.99 1.79
C LEU D 361 28.51 -28.26 1.86
N ILE D 362 29.16 -28.14 0.69
CA ILE D 362 30.42 -27.42 0.58
C ILE D 362 30.36 -26.52 -0.65
N LEU D 363 31.20 -25.49 -0.64
CA LEU D 363 31.28 -24.53 -1.73
C LEU D 363 32.73 -24.41 -2.16
N VAL D 364 33.02 -24.82 -3.39
CA VAL D 364 34.38 -24.81 -3.93
C VAL D 364 34.52 -23.62 -4.87
N ASP D 365 35.54 -22.80 -4.64
CA ASP D 365 35.81 -21.64 -5.48
C ASP D 365 36.73 -22.04 -6.63
N LEU D 366 36.46 -21.47 -7.80
CA LEU D 366 37.23 -21.77 -9.00
C LEU D 366 38.09 -20.61 -9.47
N ARG D 367 38.06 -19.47 -8.78
CA ARG D 367 38.88 -18.34 -9.18
C ARG D 367 40.37 -18.59 -8.96
N SER D 368 40.73 -19.54 -8.08
CA SER D 368 42.13 -19.86 -7.87
C SER D 368 42.75 -20.56 -9.08
N LYS D 369 41.94 -21.23 -9.89
CA LYS D 369 42.41 -21.92 -11.09
C LYS D 369 42.23 -21.09 -12.35
N GLY D 370 41.62 -19.91 -12.25
CA GLY D 370 41.43 -19.06 -13.42
C GLY D 370 40.29 -19.50 -14.30
N THR D 371 39.11 -19.68 -13.73
CA THR D 371 37.92 -20.10 -14.47
C THR D 371 36.69 -19.68 -13.67
N ASP D 372 35.52 -20.12 -14.15
CA ASP D 372 34.25 -19.80 -13.50
C ASP D 372 33.43 -21.09 -13.37
N GLY D 373 32.38 -21.02 -12.55
CA GLY D 373 31.54 -22.17 -12.31
C GLY D 373 30.51 -22.45 -13.38
N GLY D 374 30.17 -21.44 -14.19
CA GLY D 374 29.13 -21.63 -15.21
C GLY D 374 29.51 -22.67 -16.24
N ARG D 375 30.71 -22.56 -16.79
CA ARG D 375 31.16 -23.54 -17.78
C ARG D 375 31.45 -24.89 -17.13
N ALA D 376 32.00 -24.86 -15.91
CA ALA D 376 32.36 -26.11 -15.23
C ALA D 376 31.12 -26.92 -14.90
N GLU D 377 30.02 -26.26 -14.55
CA GLU D 377 28.77 -26.97 -14.28
C GLU D 377 28.31 -27.77 -15.49
N LYS D 378 28.31 -27.14 -16.67
CA LYS D 378 27.86 -27.82 -17.87
C LYS D 378 28.86 -28.88 -18.33
N VAL D 379 30.16 -28.64 -18.12
CA VAL D 379 31.15 -29.66 -18.47
C VAL D 379 30.96 -30.90 -17.60
N LEU D 380 30.71 -30.69 -16.30
CA LEU D 380 30.44 -31.83 -15.41
C LEU D 380 29.14 -32.52 -15.78
N GLU D 381 28.12 -31.75 -16.16
CA GLU D 381 26.86 -32.35 -16.59
C GLU D 381 27.05 -33.17 -17.86
N ALA D 382 28.00 -32.78 -18.71
CA ALA D 382 28.28 -33.55 -19.92
C ALA D 382 28.84 -34.92 -19.60
N CYS D 383 29.54 -35.07 -18.47
CA CYS D 383 30.10 -36.34 -18.05
C CYS D 383 29.35 -36.93 -16.87
N SER D 384 28.04 -36.67 -16.79
CA SER D 384 27.15 -37.27 -15.79
C SER D 384 27.58 -36.91 -14.37
N ILE D 385 27.95 -35.65 -14.15
CA ILE D 385 28.28 -35.13 -12.83
C ILE D 385 27.35 -33.95 -12.57
N ALA D 386 26.42 -34.11 -11.64
CA ALA D 386 25.41 -33.10 -11.34
C ALA D 386 25.92 -32.19 -10.23
N CYS D 387 25.92 -30.89 -10.49
CA CYS D 387 26.31 -29.89 -9.50
C CYS D 387 25.50 -28.63 -9.76
N ASN D 388 25.83 -27.56 -9.04
CA ASN D 388 25.13 -26.29 -9.21
C ASN D 388 26.10 -25.13 -9.01
N LYS D 389 25.95 -24.10 -9.82
CA LYS D 389 26.77 -22.90 -9.72
C LYS D 389 26.19 -21.94 -8.68
N ASN D 390 27.06 -21.07 -8.16
CA ASN D 390 26.68 -20.10 -7.16
C ASN D 390 27.78 -19.05 -7.06
N THR D 391 27.38 -17.80 -6.83
CA THR D 391 28.33 -16.71 -6.72
C THR D 391 29.07 -16.76 -5.39
N CYS D 392 30.31 -16.30 -5.42
CA CYS D 392 31.22 -16.22 -4.28
C CYS D 392 31.19 -14.84 -3.65
N PRO D 393 31.27 -14.74 -2.32
CA PRO D 393 31.33 -13.42 -1.68
C PRO D 393 32.47 -12.57 -2.20
N GLY D 394 32.14 -11.47 -2.87
CA GLY D 394 33.12 -10.60 -3.49
C GLY D 394 32.99 -10.49 -5.00
N ASP D 395 32.10 -11.26 -5.63
CA ASP D 395 31.91 -11.19 -7.06
C ASP D 395 31.15 -9.93 -7.44
N ARG D 396 31.66 -9.19 -8.42
CA ARG D 396 31.05 -7.93 -8.83
C ARG D 396 29.88 -8.12 -9.79
N SER D 397 29.62 -9.36 -10.23
CA SER D 397 28.53 -9.61 -11.17
C SER D 397 27.93 -10.98 -10.88
N ALA D 398 26.60 -11.01 -10.71
CA ALA D 398 25.91 -12.26 -10.47
C ALA D 398 25.71 -13.11 -11.72
N LEU D 399 25.98 -12.55 -12.90
CA LEU D 399 25.82 -13.30 -14.14
C LEU D 399 26.98 -14.25 -14.41
N ARG D 400 28.12 -14.07 -13.73
CA ARG D 400 29.29 -14.91 -13.90
C ARG D 400 29.67 -15.49 -12.53
N PRO D 401 28.99 -16.54 -12.09
CA PRO D 401 29.34 -17.15 -10.81
C PRO D 401 30.63 -17.94 -10.90
N SER D 402 31.36 -17.98 -9.78
CA SER D 402 32.65 -18.65 -9.72
C SER D 402 32.66 -19.88 -8.84
N GLY D 403 31.71 -20.02 -7.91
CA GLY D 403 31.69 -21.13 -6.99
C GLY D 403 30.75 -22.24 -7.42
N LEU D 404 31.05 -23.45 -6.96
CA LEU D 404 30.23 -24.62 -7.19
C LEU D 404 29.84 -25.25 -5.87
N ARG D 405 28.57 -25.59 -5.72
CA ARG D 405 28.05 -26.18 -4.49
C ARG D 405 27.94 -27.69 -4.64
N LEU D 406 28.49 -28.42 -3.69
CA LEU D 406 28.49 -29.87 -3.70
C LEU D 406 27.78 -30.39 -2.45
N GLY D 407 26.98 -31.44 -2.63
CA GLY D 407 26.25 -32.03 -1.53
C GLY D 407 26.54 -33.51 -1.35
N THR D 408 27.01 -33.87 -0.15
CA THR D 408 27.39 -35.24 0.17
C THR D 408 26.22 -36.17 0.50
N PRO D 409 25.19 -35.74 1.25
CA PRO D 409 24.15 -36.71 1.64
C PRO D 409 23.38 -37.31 0.48
N ALA D 410 23.44 -36.72 -0.71
CA ALA D 410 22.78 -37.31 -1.86
C ALA D 410 23.42 -38.65 -2.23
N LEU D 411 24.75 -38.72 -2.15
CA LEU D 411 25.44 -39.97 -2.46
C LEU D 411 25.60 -40.86 -1.24
N THR D 412 25.64 -40.27 -0.04
CA THR D 412 25.80 -41.06 1.17
C THR D 412 24.60 -41.98 1.42
N SER D 413 23.43 -41.59 0.93
CA SER D 413 22.24 -42.43 1.08
C SER D 413 22.35 -43.74 0.31
N ARG D 414 23.30 -43.84 -0.62
CA ARG D 414 23.49 -45.07 -1.39
C ARG D 414 24.53 -46.00 -0.76
N GLY D 415 25.42 -45.48 0.08
CA GLY D 415 26.39 -46.32 0.75
C GLY D 415 27.83 -46.05 0.38
N LEU D 416 28.13 -44.80 0.04
CA LEU D 416 29.50 -44.45 -0.33
C LEU D 416 30.36 -44.26 0.92
N LEU D 417 31.68 -44.28 0.72
CA LEU D 417 32.63 -44.13 1.81
C LEU D 417 33.63 -43.01 1.51
N GLU D 418 34.67 -42.90 2.34
CA GLU D 418 35.65 -41.84 2.15
C GLU D 418 36.44 -42.04 0.87
N LYS D 419 36.84 -43.28 0.56
CA LYS D 419 37.57 -43.53 -0.67
C LYS D 419 36.70 -43.27 -1.89
N ASP D 420 35.40 -43.55 -1.81
CA ASP D 420 34.51 -43.23 -2.91
C ASP D 420 34.44 -41.73 -3.15
N PHE D 421 34.34 -40.94 -2.07
CA PHE D 421 34.33 -39.50 -2.23
C PHE D 421 35.67 -38.97 -2.74
N GLN D 422 36.78 -39.63 -2.39
CA GLN D 422 38.06 -39.25 -2.95
C GLN D 422 38.12 -39.53 -4.45
N LYS D 423 37.54 -40.65 -4.89
CA LYS D 423 37.47 -40.94 -6.32
C LYS D 423 36.59 -39.92 -7.04
N VAL D 424 35.48 -39.53 -6.42
CA VAL D 424 34.63 -38.49 -7.02
C VAL D 424 35.39 -37.16 -7.09
N ALA D 425 36.20 -36.88 -6.08
CA ALA D 425 37.00 -35.65 -6.11
C ALA D 425 38.04 -35.70 -7.22
N HIS D 426 38.66 -36.86 -7.44
CA HIS D 426 39.60 -37.01 -8.55
C HIS D 426 38.89 -36.83 -9.89
N PHE D 427 37.67 -37.37 -10.01
CA PHE D 427 36.90 -37.18 -11.23
C PHE D 427 36.56 -35.71 -11.45
N ILE D 428 36.20 -35.00 -10.37
CA ILE D 428 35.91 -33.58 -10.48
C ILE D 428 37.15 -32.80 -10.88
N HIS D 429 38.32 -33.20 -10.35
CA HIS D 429 39.56 -32.55 -10.74
C HIS D 429 39.87 -32.76 -12.22
N ARG D 430 39.66 -33.98 -12.72
CA ARG D 430 39.86 -34.24 -14.14
C ARG D 430 38.87 -33.44 -14.99
N GLY D 431 37.64 -33.32 -14.52
CA GLY D 431 36.66 -32.50 -15.23
C GLY D 431 37.04 -31.04 -15.26
N ILE D 432 37.59 -30.53 -14.15
CA ILE D 432 38.04 -29.14 -14.11
C ILE D 432 39.23 -28.94 -15.04
N GLU D 433 40.12 -29.93 -15.12
CA GLU D 433 41.23 -29.85 -16.06
C GLU D 433 40.72 -29.82 -17.50
N LEU D 434 39.74 -30.66 -17.82
CA LEU D 434 39.15 -30.64 -19.16
C LEU D 434 38.47 -29.29 -19.44
N THR D 435 37.80 -28.73 -18.44
CA THR D 435 37.17 -27.42 -18.61
C THR D 435 38.22 -26.35 -18.88
N LEU D 436 39.33 -26.38 -18.15
CA LEU D 436 40.40 -25.41 -18.40
C LEU D 436 40.99 -25.58 -19.79
N GLN D 437 41.15 -26.83 -20.24
CA GLN D 437 41.65 -27.07 -21.59
C GLN D 437 40.70 -26.52 -22.65
N ILE D 438 39.40 -26.76 -22.49
CA ILE D 438 38.42 -26.26 -23.44
C ILE D 438 38.38 -24.74 -23.44
N GLN D 439 38.50 -24.13 -22.26
CA GLN D 439 38.49 -22.67 -22.16
C GLN D 439 39.72 -22.07 -22.82
N SER D 440 40.89 -22.70 -22.63
CA SER D 440 42.10 -22.21 -23.28
C SER D 440 42.06 -22.44 -24.79
N ASP D 441 41.31 -23.45 -25.23
CA ASP D 441 41.19 -23.70 -26.66
C ASP D 441 40.37 -22.63 -27.36
N THR D 442 39.35 -22.09 -26.68
CA THR D 442 38.47 -21.08 -27.24
C THR D 442 38.80 -19.67 -26.77
N GLY D 443 39.78 -19.52 -25.89
CA GLY D 443 40.17 -18.22 -25.39
C GLY D 443 39.34 -17.76 -24.20
N VAL D 444 39.78 -16.67 -23.60
CA VAL D 444 39.10 -16.11 -22.43
C VAL D 444 37.97 -15.16 -22.83
N ARG D 445 38.18 -14.38 -23.89
CA ARG D 445 37.19 -13.41 -24.33
C ARG D 445 35.99 -14.04 -25.03
N ALA D 446 35.92 -15.37 -25.10
CA ALA D 446 34.79 -16.03 -25.73
C ALA D 446 33.57 -16.01 -24.82
N THR D 447 32.40 -16.14 -25.43
CA THR D 447 31.15 -16.14 -24.70
C THR D 447 30.75 -17.56 -24.32
N LEU D 448 29.68 -17.67 -23.52
CA LEU D 448 29.23 -18.98 -23.08
C LEU D 448 28.63 -19.78 -24.22
N LYS D 449 27.98 -19.10 -25.18
CA LYS D 449 27.44 -19.80 -26.34
C LYS D 449 28.55 -20.37 -27.21
N GLU D 450 29.64 -19.62 -27.38
CA GLU D 450 30.79 -20.15 -28.11
C GLU D 450 31.42 -21.31 -27.36
N PHE D 451 31.39 -21.28 -26.02
CA PHE D 451 31.87 -22.43 -25.25
C PHE D 451 31.01 -23.66 -25.48
N LYS D 452 29.68 -23.47 -25.52
CA LYS D 452 28.78 -24.59 -25.81
C LYS D 452 29.03 -25.14 -27.20
N GLU D 453 29.25 -24.25 -28.17
CA GLU D 453 29.50 -24.71 -29.54
C GLU D 453 30.83 -25.45 -29.66
N ARG D 454 31.85 -24.97 -28.95
CA ARG D 454 33.15 -25.65 -28.97
C ARG D 454 33.08 -26.99 -28.24
N LEU D 455 32.22 -27.11 -27.24
CA LEU D 455 32.07 -28.38 -26.53
C LEU D 455 31.54 -29.47 -27.43
N ALA D 456 30.77 -29.11 -28.46
CA ALA D 456 30.21 -30.09 -29.39
C ALA D 456 31.27 -30.73 -30.28
N GLY D 457 32.49 -30.18 -30.33
CA GLY D 457 33.52 -30.76 -31.15
C GLY D 457 33.97 -32.11 -30.63
N ASP D 458 34.25 -33.03 -31.55
CA ASP D 458 34.60 -34.39 -31.18
C ASP D 458 35.93 -34.47 -30.45
N LYS D 459 36.82 -33.50 -30.65
CA LYS D 459 38.14 -33.51 -30.02
C LYS D 459 38.03 -33.68 -28.50
N TYR D 460 37.20 -32.86 -27.86
CA TYR D 460 36.95 -33.01 -26.43
C TYR D 460 35.74 -33.88 -26.14
N GLN D 461 34.87 -34.10 -27.14
CA GLN D 461 33.72 -34.97 -26.94
C GLN D 461 34.15 -36.41 -26.64
N ALA D 462 35.21 -36.87 -27.31
CA ALA D 462 35.71 -38.22 -27.03
C ALA D 462 36.20 -38.34 -25.59
N ALA D 463 36.94 -37.34 -25.10
CA ALA D 463 37.44 -37.38 -23.74
C ALA D 463 36.31 -37.31 -22.73
N VAL D 464 35.34 -36.43 -22.94
CA VAL D 464 34.24 -36.32 -21.98
C VAL D 464 33.36 -37.57 -22.04
N GLN D 465 33.27 -38.22 -23.21
CA GLN D 465 32.52 -39.46 -23.29
C GLN D 465 33.22 -40.60 -22.55
N ALA D 466 34.56 -40.67 -22.68
CA ALA D 466 35.30 -41.65 -21.90
C ALA D 466 35.14 -41.42 -20.40
N LEU D 467 35.23 -40.15 -19.98
CA LEU D 467 35.03 -39.83 -18.57
C LEU D 467 33.63 -40.19 -18.10
N ARG D 468 32.62 -39.91 -18.93
CA ARG D 468 31.24 -40.26 -18.58
C ARG D 468 31.06 -41.76 -18.47
N GLU D 469 31.63 -42.52 -19.40
CA GLU D 469 31.55 -43.98 -19.32
C GLU D 469 32.22 -44.49 -18.04
N GLU D 470 33.38 -43.92 -17.69
CA GLU D 470 34.08 -44.36 -16.50
C GLU D 470 33.27 -44.07 -15.23
N VAL D 471 32.75 -42.85 -15.12
CA VAL D 471 32.00 -42.51 -13.91
C VAL D 471 30.69 -43.28 -13.85
N GLU D 472 30.08 -43.57 -15.01
CA GLU D 472 28.85 -44.36 -15.01
C GLU D 472 29.13 -45.80 -14.59
N SER D 473 30.22 -46.39 -15.07
CA SER D 473 30.60 -47.72 -14.62
C SER D 473 30.93 -47.75 -13.13
N PHE D 474 31.51 -46.66 -12.62
CA PHE D 474 31.79 -46.59 -11.19
C PHE D 474 30.51 -46.47 -10.37
N ALA D 475 29.54 -45.70 -10.86
CA ALA D 475 28.32 -45.45 -10.11
C ALA D 475 27.33 -46.61 -10.21
N SER D 476 27.39 -47.40 -11.28
CA SER D 476 26.46 -48.51 -11.45
C SER D 476 26.70 -49.64 -10.46
N LEU D 477 27.81 -49.61 -9.71
CA LEU D 477 28.11 -50.65 -8.74
C LEU D 477 27.34 -50.48 -7.43
N PHE D 478 26.47 -49.48 -7.33
CA PHE D 478 25.71 -49.24 -6.12
C PHE D 478 24.22 -49.24 -6.40
N PRO D 479 23.41 -49.78 -5.48
CA PRO D 479 21.95 -49.85 -5.73
C PRO D 479 21.27 -48.50 -5.62
N LEU D 480 19.97 -48.46 -5.91
CA LEU D 480 19.18 -47.24 -5.84
C LEU D 480 17.89 -47.52 -5.08
N PRO D 481 17.68 -46.92 -3.92
CA PRO D 481 16.43 -47.16 -3.18
C PRO D 481 15.22 -46.62 -3.93
N GLY D 482 14.07 -47.24 -3.68
CA GLY D 482 12.84 -46.84 -4.31
C GLY D 482 11.90 -47.99 -4.61
N LEU D 483 11.37 -48.03 -5.83
CA LEU D 483 10.45 -49.07 -6.28
C LEU D 483 9.21 -49.17 -5.38
#